data_7AGC
#
_entry.id   7AGC
#
_cell.length_a   87.253
_cell.length_b   87.359
_cell.length_c   157.683
_cell.angle_alpha   90.000
_cell.angle_beta   90.000
_cell.angle_gamma   90.000
#
_symmetry.space_group_name_H-M   'P 21 21 21'
#
loop_
_entity.id
_entity.type
_entity.pdbx_description
1 polymer Candidapepsin
2 polymer KB74
3 non-polymer '2-(N-MORPHOLINO)-ETHANESULFONIC ACID'
4 non-polymer DI(HYDROXYETHYL)ETHER
5 non-polymer 'FORMYL GROUP'
6 non-polymer 'TRIETHYLENE GLYCOL'
7 water water
#
loop_
_entity_poly.entity_id
_entity_poly.type
_entity_poly.pdbx_seq_one_letter_code
_entity_poly.pdbx_strand_id
1 'polypeptide(L)'
;DSISLSLINEGPSYASKVSVGSNKQQQTVIIDTGSSDFWVVDSNAQCGKGVDCKSSGTFTPSSSSSYKNLGAAFTIRYGD
GSTSQGTWGKDTVTINGVSITGQQIADVTQTSVDQGILGIGYTSNEAVYDTSGRQTTPNYDNVPVTLKKQGKIRTNAYSL
YLNSPSAETGTIIFGGVDNAKYSGKLVAEQVTSSQALTISLASVNLKGSSFSFGDGALLDSGTTLTYFPSDFAAQLADKA
GARLVQVARDQYLYFIDCNTDTSGTTVFNFGNGAKITVPNTEYVYQNGDGTCLWGIQPSDDTILGDNFLRHAYLLYNLDA
NTISIAQVKYTTDSSISAV
;
A,B,D,F
2 'polypeptide(L)' (ZQN)V(PSA)A(PSA)A E,I,C,G
#
# COMPACT_ATOMS: atom_id res chain seq x y z
N ASP A 1 20.99 -2.01 -24.85
CA ASP A 1 21.59 -2.21 -23.47
C ASP A 1 20.88 -3.34 -22.75
N SER A 2 21.45 -3.81 -21.64
CA SER A 2 20.79 -4.93 -20.90
C SER A 2 20.50 -4.67 -19.42
N ILE A 3 19.47 -5.34 -18.89
CA ILE A 3 19.10 -5.18 -17.49
C ILE A 3 19.02 -6.58 -16.88
N SER A 4 19.96 -6.90 -16.01
CA SER A 4 19.97 -8.18 -15.32
C SER A 4 19.13 -8.01 -14.04
N LEU A 5 18.25 -8.97 -13.79
CA LEU A 5 17.37 -8.94 -12.64
C LEU A 5 17.38 -10.31 -11.97
N SER A 6 17.67 -10.35 -10.67
CA SER A 6 17.72 -11.59 -9.93
C SER A 6 16.34 -12.21 -9.81
N LEU A 7 16.29 -13.52 -9.98
CA LEU A 7 15.09 -14.33 -9.74
C LEU A 7 15.26 -15.11 -8.46
N ILE A 8 14.34 -14.94 -7.53
CA ILE A 8 14.30 -15.68 -6.30
C ILE A 8 13.51 -16.95 -6.56
N ASN A 9 14.13 -18.09 -6.27
CA ASN A 9 13.45 -19.37 -6.32
C ASN A 9 12.60 -19.53 -5.07
N GLU A 10 11.28 -19.34 -5.23
CA GLU A 10 10.35 -19.37 -4.10
C GLU A 10 9.82 -20.75 -3.85
N GLY A 11 10.11 -21.68 -4.75
CA GLY A 11 9.57 -23.02 -4.72
C GLY A 11 8.63 -23.16 -5.92
N PRO A 12 7.34 -22.80 -5.79
CA PRO A 12 6.45 -22.98 -6.93
CA PRO A 12 6.47 -22.97 -6.95
C PRO A 12 6.67 -21.96 -8.04
N SER A 13 7.31 -20.84 -7.72
CA SER A 13 7.39 -19.67 -8.60
C SER A 13 8.75 -19.02 -8.44
N TYR A 14 9.09 -18.18 -9.42
CA TYR A 14 10.29 -17.35 -9.42
C TYR A 14 9.84 -15.90 -9.41
N ALA A 15 10.44 -15.08 -8.53
CA ALA A 15 10.00 -13.69 -8.32
C ALA A 15 11.16 -12.73 -8.33
N SER A 16 10.87 -11.46 -8.52
CA SER A 16 11.90 -10.45 -8.50
C SER A 16 11.39 -9.24 -7.77
N LYS A 17 12.33 -8.43 -7.31
CA LYS A 17 12.01 -7.13 -6.72
C LYS A 17 11.86 -6.07 -7.81
N VAL A 18 10.74 -5.35 -7.80
CA VAL A 18 10.40 -4.33 -8.78
C VAL A 18 9.75 -3.22 -8.00
N SER A 19 10.22 -1.98 -8.17
CA SER A 19 9.66 -0.85 -7.42
CA SER A 19 9.64 -0.86 -7.41
C SER A 19 8.67 -0.05 -8.26
N VAL A 20 7.67 0.52 -7.58
CA VAL A 20 6.60 1.25 -8.25
C VAL A 20 6.35 2.58 -7.55
N GLY A 21 6.11 3.61 -8.34
CA GLY A 21 5.68 4.91 -7.81
C GLY A 21 6.81 5.89 -7.68
N SER A 22 6.43 7.14 -7.38
CA SER A 22 7.43 8.20 -7.19
C SER A 22 8.36 7.89 -6.05
N ASN A 23 7.83 7.22 -5.06
CA ASN A 23 8.57 6.82 -3.89
C ASN A 23 9.10 5.38 -3.92
N LYS A 24 9.12 4.77 -5.10
CA LYS A 24 9.85 3.51 -5.35
C LYS A 24 9.53 2.43 -4.31
N GLN A 25 8.23 2.12 -4.23
CA GLN A 25 7.72 1.15 -3.30
C GLN A 25 8.07 -0.24 -3.82
N GLN A 26 8.89 -1.00 -3.09
CA GLN A 26 9.36 -2.32 -3.56
C GLN A 26 8.28 -3.39 -3.47
N GLN A 27 8.07 -4.09 -4.57
CA GLN A 27 7.16 -5.22 -4.65
C GLN A 27 8.00 -6.45 -5.00
N THR A 28 7.67 -7.59 -4.42
CA THR A 28 8.30 -8.85 -4.82
C THR A 28 7.23 -9.59 -5.62
N VAL A 29 7.49 -9.74 -6.93
CA VAL A 29 6.45 -10.18 -7.88
C VAL A 29 6.95 -11.32 -8.73
N ILE A 30 6.02 -12.19 -9.11
CA ILE A 30 6.34 -13.35 -9.94
C ILE A 30 6.66 -12.91 -11.37
N ILE A 31 7.77 -13.43 -11.90
CA ILE A 31 8.14 -13.20 -13.29
C ILE A 31 7.46 -14.24 -14.16
N ASP A 32 6.55 -13.76 -15.01
CA ASP A 32 5.58 -14.63 -15.69
C ASP A 32 5.59 -14.43 -17.20
N THR A 33 6.21 -15.35 -17.95
CA THR A 33 6.13 -15.31 -19.42
C THR A 33 4.77 -15.78 -19.94
N GLY A 34 3.93 -16.31 -19.05
CA GLY A 34 2.61 -16.82 -19.43
C GLY A 34 1.47 -15.84 -19.28
N SER A 35 1.75 -14.64 -18.79
CA SER A 35 0.77 -13.55 -18.81
C SER A 35 1.45 -12.26 -19.21
N SER A 36 0.67 -11.19 -19.38
CA SER A 36 1.21 -9.98 -20.01
C SER A 36 0.94 -8.72 -19.23
N ASP A 37 0.31 -8.82 -18.06
CA ASP A 37 -0.02 -7.65 -17.26
C ASP A 37 0.80 -7.64 -15.99
N PHE A 38 1.24 -6.45 -15.57
CA PHE A 38 1.90 -6.25 -14.30
C PHE A 38 0.88 -5.69 -13.31
N TRP A 39 0.60 -6.48 -12.27
CA TRP A 39 -0.30 -6.01 -11.19
C TRP A 39 0.38 -6.13 -9.87
N VAL A 40 -0.02 -5.24 -8.96
CA VAL A 40 0.53 -5.13 -7.63
C VAL A 40 -0.58 -5.23 -6.58
N VAL A 41 -0.22 -5.75 -5.43
CA VAL A 41 -1.13 -5.87 -4.31
C VAL A 41 -1.29 -4.50 -3.64
N ASP A 42 -2.46 -3.90 -3.73
CA ASP A 42 -2.74 -2.67 -3.00
C ASP A 42 -2.58 -2.90 -1.49
N SER A 43 -2.05 -1.91 -0.76
CA SER A 43 -1.89 -2.06 0.68
CA SER A 43 -1.91 -1.99 0.69
C SER A 43 -3.24 -2.22 1.40
N ASN A 44 -4.33 -1.79 0.77
CA ASN A 44 -5.70 -2.04 1.27
C ASN A 44 -6.40 -3.22 0.63
N ALA A 45 -5.67 -4.10 -0.02
CA ALA A 45 -6.32 -5.27 -0.65
C ALA A 45 -6.93 -6.23 0.40
N GLN A 46 -7.95 -6.96 -0.04
CA GLN A 46 -8.41 -8.12 0.72
C GLN A 46 -7.87 -9.39 0.07
N CYS A 47 -7.11 -10.16 0.82
CA CYS A 47 -6.66 -11.46 0.33
C CYS A 47 -7.77 -12.47 0.35
N GLY A 48 -7.75 -13.39 -0.59
CA GLY A 48 -8.67 -14.50 -0.55
C GLY A 48 -8.50 -15.33 0.71
N LYS A 49 -9.54 -16.11 1.00
CA LYS A 49 -9.56 -17.05 2.11
C LYS A 49 -8.30 -17.90 2.10
N GLY A 50 -7.61 -17.96 3.23
CA GLY A 50 -6.42 -18.78 3.37
C GLY A 50 -5.17 -18.27 2.69
N VAL A 51 -5.21 -17.06 2.13
CA VAL A 51 -4.09 -16.52 1.33
C VAL A 51 -3.39 -15.38 2.08
N ASP A 52 -2.06 -15.49 2.20
CA ASP A 52 -1.22 -14.47 2.80
C ASP A 52 -0.71 -13.65 1.62
N CYS A 53 -1.44 -12.61 1.22
CA CYS A 53 -1.11 -11.86 0.01
C CYS A 53 -0.41 -10.54 0.22
N LYS A 54 -0.21 -10.12 1.48
CA LYS A 54 0.41 -8.82 1.79
C LYS A 54 1.82 -8.94 2.38
N SER A 55 2.42 -10.11 2.26
CA SER A 55 3.76 -10.34 2.82
C SER A 55 4.89 -10.19 1.82
N SER A 56 4.58 -9.86 0.57
CA SER A 56 5.59 -9.75 -0.49
C SER A 56 5.64 -8.36 -1.06
N GLY A 57 5.32 -7.37 -0.23
CA GLY A 57 5.27 -5.98 -0.67
C GLY A 57 3.86 -5.59 -1.01
N THR A 58 3.51 -4.34 -0.77
CA THR A 58 2.25 -3.78 -1.25
C THR A 58 2.46 -2.39 -1.82
N PHE A 59 1.48 -1.91 -2.57
CA PHE A 59 1.55 -0.61 -3.21
C PHE A 59 0.44 0.30 -2.68
N THR A 60 0.81 1.51 -2.29
CA THR A 60 -0.12 2.53 -1.86
C THR A 60 -0.18 3.61 -2.90
N PRO A 61 -1.18 3.59 -3.78
CA PRO A 61 -1.19 4.58 -4.85
C PRO A 61 -1.20 6.01 -4.35
N SER A 62 -1.87 6.25 -3.24
CA SER A 62 -2.04 7.62 -2.72
C SER A 62 -0.74 8.25 -2.22
N SER A 63 0.30 7.46 -1.99
CA SER A 63 1.62 8.00 -1.61
C SER A 63 2.56 8.23 -2.80
N SER A 64 2.12 7.90 -4.02
CA SER A 64 2.90 8.15 -5.22
C SER A 64 2.34 9.36 -5.95
N SER A 65 3.18 10.38 -6.12
CA SER A 65 2.77 11.63 -6.80
C SER A 65 2.53 11.47 -8.28
N SER A 66 3.03 10.37 -8.86
CA SER A 66 2.99 10.14 -10.28
C SER A 66 1.89 9.15 -10.74
N TYR A 67 1.17 8.59 -9.79
CA TYR A 67 0.12 7.60 -10.09
C TYR A 67 -1.03 8.27 -10.84
N LYS A 68 -1.43 7.69 -11.97
CA LYS A 68 -2.57 8.16 -12.70
C LYS A 68 -3.58 7.03 -12.85
N ASN A 69 -4.82 7.34 -12.49
CA ASN A 69 -5.93 6.41 -12.64
C ASN A 69 -6.44 6.42 -14.09
N LEU A 70 -6.60 5.24 -14.71
CA LEU A 70 -7.07 5.17 -16.06
C LEU A 70 -8.59 5.07 -16.15
N GLY A 71 -9.24 4.80 -15.02
CA GLY A 71 -10.71 4.77 -14.97
C GLY A 71 -11.28 3.55 -15.67
N ALA A 72 -10.67 2.39 -15.41
CA ALA A 72 -11.05 1.13 -16.07
C ALA A 72 -10.83 -0.02 -15.10
N ALA A 73 -11.74 -0.98 -15.14
CA ALA A 73 -11.68 -2.17 -14.31
C ALA A 73 -10.67 -3.17 -14.82
N PHE A 74 -10.01 -3.82 -13.87
CA PHE A 74 -9.09 -4.94 -14.14
C PHE A 74 -9.62 -6.20 -13.53
N THR A 75 -9.62 -7.26 -14.33
CA THR A 75 -9.91 -8.60 -13.85
CA THR A 75 -9.90 -8.61 -13.84
C THR A 75 -9.03 -9.57 -14.63
N ILE A 76 -8.48 -10.57 -13.95
CA ILE A 76 -7.72 -11.63 -14.61
C ILE A 76 -8.02 -12.94 -13.90
N ARG A 77 -8.08 -14.02 -14.68
CA ARG A 77 -8.19 -15.35 -14.17
C ARG A 77 -7.09 -16.18 -14.80
N TYR A 78 -6.35 -16.85 -13.95
CA TYR A 78 -5.20 -17.65 -14.35
C TYR A 78 -5.63 -19.08 -14.56
N GLY A 79 -4.75 -19.85 -15.15
CA GLY A 79 -5.05 -21.23 -15.56
C GLY A 79 -5.44 -22.13 -14.42
N ASP A 80 -4.90 -21.89 -13.23
CA ASP A 80 -5.26 -22.68 -12.03
C ASP A 80 -6.51 -22.19 -11.30
N GLY A 81 -7.17 -21.19 -11.85
CA GLY A 81 -8.42 -20.69 -11.28
C GLY A 81 -8.22 -19.52 -10.34
N SER A 82 -6.98 -19.17 -9.99
CA SER A 82 -6.81 -17.98 -9.16
CA SER A 82 -6.68 -17.97 -9.21
C SER A 82 -7.12 -16.71 -9.95
N THR A 83 -7.47 -15.67 -9.21
CA THR A 83 -7.94 -14.42 -9.77
C THR A 83 -7.38 -13.23 -9.04
N SER A 84 -7.37 -12.12 -9.75
CA SER A 84 -7.10 -10.81 -9.16
C SER A 84 -8.04 -9.83 -9.80
N GLN A 85 -8.38 -8.79 -9.04
CA GLN A 85 -9.17 -7.71 -9.60
C GLN A 85 -8.83 -6.38 -8.95
N GLY A 86 -9.08 -5.34 -9.73
CA GLY A 86 -8.77 -3.97 -9.29
C GLY A 86 -9.08 -2.98 -10.36
N THR A 87 -8.21 -1.99 -10.52
CA THR A 87 -8.38 -0.99 -11.51
C THR A 87 -7.03 -0.73 -12.17
N TRP A 88 -7.10 -0.18 -13.36
CA TRP A 88 -5.94 0.17 -14.15
C TRP A 88 -5.40 1.56 -13.84
N GLY A 89 -4.08 1.66 -13.86
CA GLY A 89 -3.39 2.93 -13.63
C GLY A 89 -2.09 2.95 -14.36
N LYS A 90 -1.37 4.06 -14.23
CA LYS A 90 -0.01 4.20 -14.76
C LYS A 90 0.88 4.79 -13.70
N ASP A 91 2.12 4.30 -13.63
CA ASP A 91 3.11 4.90 -12.72
C ASP A 91 4.50 4.51 -13.17
N THR A 92 5.48 5.08 -12.48
CA THR A 92 6.87 4.77 -12.73
C THR A 92 7.19 3.38 -12.17
N VAL A 93 7.86 2.58 -13.00
CA VAL A 93 8.31 1.22 -12.63
C VAL A 93 9.82 1.18 -12.69
N THR A 94 10.45 0.64 -11.64
CA THR A 94 11.89 0.66 -11.55
C THR A 94 12.38 -0.78 -11.34
N ILE A 95 13.27 -1.20 -12.23
CA ILE A 95 13.82 -2.55 -12.29
C ILE A 95 15.34 -2.44 -12.17
N ASN A 96 15.91 -2.89 -11.05
CA ASN A 96 17.36 -2.86 -10.80
C ASN A 96 17.89 -1.50 -11.17
N GLY A 97 17.24 -0.46 -10.64
CA GLY A 97 17.69 0.91 -10.83
C GLY A 97 17.29 1.63 -12.11
N VAL A 98 16.70 0.92 -13.07
CA VAL A 98 16.33 1.49 -14.35
C VAL A 98 14.84 1.83 -14.29
N SER A 99 14.48 3.08 -14.51
CA SER A 99 13.07 3.53 -14.38
C SER A 99 12.41 3.80 -15.71
N ILE A 100 11.18 3.30 -15.88
CA ILE A 100 10.31 3.67 -16.97
C ILE A 100 9.10 4.43 -16.44
N THR A 101 8.75 5.50 -17.13
CA THR A 101 7.65 6.35 -16.72
C THR A 101 6.34 5.95 -17.40
N GLY A 102 5.22 6.24 -16.72
CA GLY A 102 3.90 6.07 -17.31
C GLY A 102 3.58 4.64 -17.74
N GLN A 103 4.08 3.69 -16.98
CA GLN A 103 3.85 2.28 -17.28
C GLN A 103 2.49 1.88 -16.76
N GLN A 104 1.67 1.35 -17.67
CA GLN A 104 0.34 0.86 -17.27
C GLN A 104 0.47 -0.43 -16.44
N ILE A 105 -0.21 -0.42 -15.29
CA ILE A 105 -0.22 -1.50 -14.32
C ILE A 105 -1.63 -1.61 -13.76
N ALA A 106 -1.90 -2.70 -13.04
CA ALA A 106 -3.17 -2.81 -12.29
C ALA A 106 -2.93 -2.78 -10.80
N ASP A 107 -3.73 -1.94 -10.14
CA ASP A 107 -3.77 -1.82 -8.72
C ASP A 107 -4.84 -2.77 -8.21
N VAL A 108 -4.41 -3.86 -7.63
CA VAL A 108 -5.33 -4.95 -7.26
C VAL A 108 -5.75 -4.86 -5.80
N THR A 109 -7.07 -4.89 -5.63
CA THR A 109 -7.65 -4.82 -4.29
C THR A 109 -8.29 -6.11 -3.81
N GLN A 110 -8.35 -7.13 -4.67
CA GLN A 110 -8.78 -8.45 -4.22
C GLN A 110 -7.99 -9.47 -5.01
N THR A 111 -7.40 -10.42 -4.32
CA THR A 111 -6.67 -11.50 -5.02
C THR A 111 -6.58 -12.78 -4.23
N SER A 112 -6.59 -13.89 -4.94
CA SER A 112 -6.24 -15.19 -4.36
C SER A 112 -4.82 -15.65 -4.65
N VAL A 113 -4.01 -14.78 -5.25
CA VAL A 113 -2.59 -15.05 -5.47
C VAL A 113 -1.82 -14.48 -4.28
N ASP A 114 -0.66 -15.08 -3.97
CA ASP A 114 0.14 -14.71 -2.79
C ASP A 114 0.89 -13.42 -2.93
N GLN A 115 1.06 -12.97 -4.17
CA GLN A 115 1.89 -11.83 -4.48
C GLN A 115 1.57 -11.28 -5.84
N GLY A 116 2.04 -10.09 -6.17
CA GLY A 116 1.81 -9.52 -7.50
C GLY A 116 2.53 -10.33 -8.59
N ILE A 117 2.17 -10.05 -9.82
CA ILE A 117 2.72 -10.78 -10.97
C ILE A 117 3.13 -9.74 -12.00
N LEU A 118 4.37 -9.90 -12.49
CA LEU A 118 4.90 -9.14 -13.61
C LEU A 118 4.83 -10.02 -14.87
N GLY A 119 3.73 -9.86 -15.58
CA GLY A 119 3.52 -10.53 -16.86
C GLY A 119 4.33 -9.86 -17.94
N ILE A 120 5.15 -10.63 -18.64
CA ILE A 120 6.08 -10.09 -19.66
C ILE A 120 5.89 -10.73 -21.06
N GLY A 121 4.73 -11.36 -21.28
CA GLY A 121 4.41 -11.93 -22.59
C GLY A 121 3.95 -10.88 -23.60
N TYR A 122 3.36 -11.35 -24.68
CA TYR A 122 2.92 -10.47 -25.76
C TYR A 122 1.81 -9.54 -25.32
N THR A 123 1.80 -8.34 -25.89
CA THR A 123 0.70 -7.44 -25.56
C THR A 123 -0.66 -7.98 -25.92
N SER A 124 -0.73 -8.86 -26.94
CA SER A 124 -2.00 -9.39 -27.36
C SER A 124 -2.63 -10.37 -26.34
N ASN A 125 -1.89 -10.80 -25.33
CA ASN A 125 -2.41 -11.65 -24.30
C ASN A 125 -2.77 -10.88 -23.01
N GLU A 126 -2.81 -9.54 -23.07
CA GLU A 126 -3.26 -8.76 -21.92
C GLU A 126 -4.71 -9.06 -21.54
N ALA A 127 -4.95 -9.08 -20.23
CA ALA A 127 -6.30 -9.34 -19.69
C ALA A 127 -7.10 -8.06 -19.64
N VAL A 128 -7.65 -7.70 -20.80
CA VAL A 128 -8.36 -6.44 -21.00
C VAL A 128 -9.82 -6.66 -21.43
N TYR A 129 -10.32 -7.87 -21.25
CA TYR A 129 -11.71 -8.25 -21.58
C TYR A 129 -12.49 -8.56 -20.34
N ASP A 130 -13.82 -8.52 -20.47
CA ASP A 130 -14.69 -8.97 -19.39
C ASP A 130 -15.37 -10.28 -19.77
N THR A 131 -16.20 -10.80 -18.88
CA THR A 131 -16.92 -12.04 -19.13
C THR A 131 -17.95 -11.98 -20.25
N SER A 132 -18.30 -10.80 -20.73
CA SER A 132 -19.17 -10.69 -21.92
C SER A 132 -18.43 -10.95 -23.22
N GLY A 133 -17.09 -10.93 -23.19
CA GLY A 133 -16.28 -11.09 -24.42
C GLY A 133 -15.92 -9.76 -25.06
N ARG A 134 -16.35 -8.67 -24.43
CA ARG A 134 -16.01 -7.32 -24.87
C ARG A 134 -14.72 -6.88 -24.22
N GLN A 135 -13.99 -6.07 -24.96
CA GLN A 135 -12.77 -5.47 -24.51
C GLN A 135 -13.20 -4.23 -23.76
N THR A 136 -12.79 -4.13 -22.53
CA THR A 136 -13.15 -3.00 -21.65
C THR A 136 -12.16 -1.86 -21.55
N THR A 137 -10.91 -2.12 -21.94
CA THR A 137 -9.88 -1.10 -22.06
C THR A 137 -8.92 -1.57 -23.18
N PRO A 138 -8.25 -0.67 -23.91
CA PRO A 138 -7.47 -1.20 -25.05
C PRO A 138 -6.21 -1.97 -24.63
N ASN A 139 -5.70 -2.75 -25.57
CA ASN A 139 -4.33 -3.26 -25.41
C ASN A 139 -3.37 -2.10 -25.30
N TYR A 140 -2.24 -2.34 -24.64
CA TYR A 140 -1.34 -1.27 -24.23
C TYR A 140 0.09 -1.77 -24.20
N ASP A 141 1.04 -0.86 -24.02
CA ASP A 141 2.45 -1.23 -23.93
C ASP A 141 2.75 -1.79 -22.56
N ASN A 142 3.02 -3.09 -22.50
CA ASN A 142 3.39 -3.69 -21.23
C ASN A 142 4.88 -3.48 -20.96
N VAL A 143 5.39 -4.01 -19.85
CA VAL A 143 6.73 -3.60 -19.42
C VAL A 143 7.82 -3.80 -20.48
N PRO A 144 7.91 -4.98 -21.12
CA PRO A 144 8.98 -5.13 -22.09
C PRO A 144 8.90 -4.16 -23.24
N VAL A 145 7.70 -3.84 -23.71
CA VAL A 145 7.55 -2.86 -24.79
C VAL A 145 8.04 -1.48 -24.32
N THR A 146 7.63 -1.07 -23.15
CA THR A 146 8.03 0.23 -22.61
C THR A 146 9.53 0.34 -22.37
N LEU A 147 10.17 -0.71 -21.89
CA LEU A 147 11.64 -0.73 -21.75
C LEU A 147 12.29 -0.43 -23.11
N LYS A 148 11.75 -0.98 -24.21
CA LYS A 148 12.30 -0.71 -25.53
C LYS A 148 12.02 0.70 -25.96
N LYS A 149 10.78 1.14 -25.81
CA LYS A 149 10.39 2.45 -26.33
CA LYS A 149 10.35 2.44 -26.32
C LYS A 149 11.08 3.59 -25.61
N GLN A 150 11.44 3.39 -24.35
CA GLN A 150 12.14 4.43 -23.57
C GLN A 150 13.65 4.29 -23.61
N GLY A 151 14.13 3.43 -24.48
CA GLY A 151 15.59 3.34 -24.75
C GLY A 151 16.41 2.53 -23.77
N LYS A 152 15.76 1.74 -22.92
CA LYS A 152 16.45 0.99 -21.89
C LYS A 152 17.01 -0.33 -22.42
N ILE A 153 16.34 -0.90 -23.41
CA ILE A 153 16.84 -2.07 -24.12
C ILE A 153 16.61 -1.83 -25.61
N ARG A 154 17.41 -2.49 -26.45
CA ARG A 154 17.35 -2.29 -27.90
C ARG A 154 16.17 -3.00 -28.55
N THR A 155 15.85 -4.19 -28.02
CA THR A 155 14.95 -5.15 -28.62
C THR A 155 14.04 -5.66 -27.49
N ASN A 156 12.77 -5.88 -27.80
CA ASN A 156 11.88 -6.55 -26.84
C ASN A 156 12.24 -8.03 -26.79
N ALA A 157 13.16 -8.35 -25.88
CA ALA A 157 13.73 -9.69 -25.76
C ALA A 157 14.26 -9.85 -24.34
N TYR A 158 14.26 -11.08 -23.83
CA TYR A 158 14.80 -11.36 -22.52
C TYR A 158 15.28 -12.79 -22.46
N SER A 159 16.36 -12.99 -21.69
CA SER A 159 16.92 -14.31 -21.46
C SER A 159 16.53 -14.81 -20.11
N LEU A 160 16.11 -16.08 -20.06
CA LEU A 160 15.68 -16.72 -18.85
C LEU A 160 16.61 -17.83 -18.39
N TYR A 161 17.14 -17.66 -17.19
CA TYR A 161 18.01 -18.63 -16.51
C TYR A 161 17.43 -18.88 -15.13
N LEU A 162 16.54 -19.87 -15.07
CA LEU A 162 15.98 -20.23 -13.76
C LEU A 162 17.01 -20.81 -12.81
N ASN A 163 18.05 -21.42 -13.37
CA ASN A 163 19.13 -22.09 -12.62
C ASN A 163 18.68 -23.47 -12.13
N SER A 164 19.52 -24.13 -11.37
CA SER A 164 19.28 -25.54 -11.04
C SER A 164 18.18 -25.73 -10.02
N PRO A 165 17.67 -26.95 -9.87
CA PRO A 165 16.60 -27.15 -8.90
C PRO A 165 16.94 -26.75 -7.48
N SER A 166 18.21 -26.87 -7.12
CA SER A 166 18.66 -26.53 -5.78
C SER A 166 19.06 -25.08 -5.61
N ALA A 167 19.11 -24.31 -6.69
CA ALA A 167 19.62 -22.95 -6.61
C ALA A 167 18.66 -22.02 -5.88
N GLU A 168 19.22 -21.06 -5.15
CA GLU A 168 18.40 -20.07 -4.47
C GLU A 168 17.92 -18.97 -5.41
N THR A 169 18.75 -18.66 -6.42
CA THR A 169 18.50 -17.57 -7.34
C THR A 169 18.86 -17.95 -8.75
N GLY A 170 18.19 -17.32 -9.69
CA GLY A 170 18.47 -17.33 -11.12
C GLY A 170 18.50 -15.89 -11.60
N THR A 171 18.40 -15.71 -12.90
CA THR A 171 18.55 -14.41 -13.52
C THR A 171 17.63 -14.32 -14.74
N ILE A 172 16.94 -13.19 -14.89
CA ILE A 172 16.37 -12.79 -16.15
C ILE A 172 17.12 -11.59 -16.69
N ILE A 173 17.49 -11.57 -17.98
CA ILE A 173 18.19 -10.39 -18.56
C ILE A 173 17.28 -9.80 -19.62
N PHE A 174 16.76 -8.60 -19.36
CA PHE A 174 16.04 -7.89 -20.39
C PHE A 174 17.05 -7.29 -21.35
N GLY A 175 16.86 -7.56 -22.63
CA GLY A 175 17.71 -6.98 -23.67
C GLY A 175 19.10 -7.53 -23.74
N GLY A 176 19.35 -8.72 -23.22
CA GLY A 176 20.66 -9.33 -23.22
C GLY A 176 20.62 -10.80 -23.04
N VAL A 177 21.80 -11.40 -23.11
CA VAL A 177 22.01 -12.83 -23.09
C VAL A 177 23.34 -13.14 -22.39
N ASP A 178 23.40 -14.24 -21.66
CA ASP A 178 24.62 -14.69 -21.00
C ASP A 178 25.06 -15.94 -21.72
N ASN A 179 26.08 -15.78 -22.58
CA ASN A 179 26.55 -16.85 -23.44
C ASN A 179 27.37 -17.91 -22.70
N ALA A 180 27.69 -17.68 -21.43
CA ALA A 180 28.37 -18.70 -20.62
C ALA A 180 27.46 -19.82 -20.11
N LYS A 181 26.15 -19.63 -20.15
CA LYS A 181 25.20 -20.46 -19.37
C LYS A 181 24.47 -21.45 -20.24
N TYR A 182 25.04 -21.86 -21.36
CA TYR A 182 24.48 -22.99 -22.14
C TYR A 182 25.60 -23.68 -22.89
N SER A 183 25.33 -24.91 -23.26
CA SER A 183 26.23 -25.67 -24.11
C SER A 183 25.60 -25.74 -25.50
N GLY A 184 26.43 -25.98 -26.53
CA GLY A 184 25.95 -25.94 -27.90
C GLY A 184 25.56 -24.54 -28.36
N LYS A 185 24.73 -24.44 -29.39
CA LYS A 185 24.31 -23.15 -29.93
C LYS A 185 22.85 -22.93 -29.57
N LEU A 186 22.52 -21.69 -29.29
CA LEU A 186 21.12 -21.29 -29.18
C LEU A 186 20.46 -21.48 -30.52
N VAL A 187 19.37 -22.24 -30.55
CA VAL A 187 18.65 -22.57 -31.75
C VAL A 187 17.36 -21.77 -31.73
N ALA A 188 17.18 -20.88 -32.69
CA ALA A 188 15.96 -20.06 -32.78
C ALA A 188 14.78 -20.87 -33.26
N GLU A 189 13.68 -20.85 -32.49
CA GLU A 189 12.47 -21.55 -32.86
C GLU A 189 11.38 -20.55 -33.09
N GLN A 190 10.55 -20.76 -34.11
CA GLN A 190 9.51 -19.79 -34.42
CA GLN A 190 9.47 -19.85 -34.45
C GLN A 190 8.40 -19.93 -33.38
N VAL A 191 7.91 -18.79 -32.90
CA VAL A 191 6.74 -18.78 -32.02
C VAL A 191 5.51 -19.10 -32.85
N THR A 192 4.67 -19.99 -32.34
CA THR A 192 3.59 -20.61 -33.15
C THR A 192 2.21 -20.00 -32.94
N SER A 193 2.14 -18.97 -32.10
CA SER A 193 0.92 -18.23 -31.77
C SER A 193 1.26 -16.74 -31.81
N SER A 194 0.32 -15.88 -32.23
CA SER A 194 0.57 -14.44 -32.07
C SER A 194 0.25 -13.94 -30.68
N GLN A 195 -0.36 -14.79 -29.84
CA GLN A 195 -0.74 -14.38 -28.48
C GLN A 195 0.06 -15.02 -27.34
N ALA A 196 0.50 -16.25 -27.54
CA ALA A 196 1.17 -17.06 -26.51
C ALA A 196 2.59 -17.40 -26.94
N LEU A 197 3.48 -17.51 -25.97
CA LEU A 197 4.89 -17.84 -26.21
C LEU A 197 5.07 -19.35 -26.33
N THR A 198 4.54 -19.88 -27.42
CA THR A 198 4.56 -21.32 -27.69
C THR A 198 5.53 -21.62 -28.84
N ILE A 199 6.22 -22.76 -28.72
CA ILE A 199 7.01 -23.28 -29.85
C ILE A 199 6.55 -24.71 -30.10
N SER A 200 6.88 -25.23 -31.28
CA SER A 200 6.43 -26.56 -31.64
CA SER A 200 6.44 -26.56 -31.66
C SER A 200 7.28 -27.64 -30.99
N LEU A 201 6.62 -28.54 -30.29
CA LEU A 201 7.28 -29.68 -29.61
C LEU A 201 6.96 -30.90 -30.45
N ALA A 202 7.99 -31.47 -31.07
CA ALA A 202 7.81 -32.60 -31.98
C ALA A 202 7.56 -33.91 -31.25
N SER A 203 8.29 -34.16 -30.15
CA SER A 203 8.20 -35.45 -29.50
C SER A 203 8.84 -35.38 -28.11
N VAL A 204 8.48 -36.39 -27.30
CA VAL A 204 9.02 -36.60 -25.95
C VAL A 204 9.55 -38.01 -25.89
N ASN A 205 10.81 -38.17 -25.47
CA ASN A 205 11.37 -39.49 -25.24
C ASN A 205 11.39 -39.70 -23.72
N LEU A 206 10.61 -40.68 -23.26
CA LEU A 206 10.42 -40.97 -21.86
C LEU A 206 10.72 -42.43 -21.64
N LYS A 207 11.59 -42.73 -20.68
CA LYS A 207 12.05 -44.12 -20.40
C LYS A 207 12.53 -44.80 -21.67
N GLY A 208 13.20 -44.03 -22.52
CA GLY A 208 13.79 -44.56 -23.77
C GLY A 208 12.87 -44.65 -24.97
N SER A 209 11.56 -44.41 -24.81
CA SER A 209 10.61 -44.55 -25.90
C SER A 209 10.13 -43.18 -26.36
N SER A 210 9.97 -43.03 -27.67
CA SER A 210 9.50 -41.81 -28.25
C SER A 210 7.99 -41.78 -28.30
N PHE A 211 7.45 -40.62 -27.95
CA PHE A 211 6.03 -40.31 -28.02
C PHE A 211 5.90 -39.06 -28.87
N SER A 212 5.30 -39.24 -30.04
CA SER A 212 5.06 -38.14 -30.97
C SER A 212 4.02 -37.14 -30.51
N PHE A 213 4.34 -35.85 -30.65
CA PHE A 213 3.44 -34.78 -30.19
C PHE A 213 3.09 -33.91 -31.40
N GLY A 214 3.88 -32.90 -31.75
CA GLY A 214 3.68 -32.11 -32.95
C GLY A 214 2.68 -30.99 -32.79
N ASP A 215 2.65 -30.37 -31.62
CA ASP A 215 1.79 -29.21 -31.33
C ASP A 215 2.58 -28.23 -30.46
N GLY A 216 2.06 -27.02 -30.34
CA GLY A 216 2.72 -25.99 -29.58
C GLY A 216 2.76 -26.27 -28.09
N ALA A 217 3.82 -25.77 -27.47
CA ALA A 217 4.03 -25.87 -26.03
C ALA A 217 4.39 -24.52 -25.50
N LEU A 218 3.66 -24.06 -24.50
CA LEU A 218 3.90 -22.76 -23.90
C LEU A 218 5.09 -22.81 -22.96
N LEU A 219 6.07 -21.92 -23.15
CA LEU A 219 7.27 -21.92 -22.35
C LEU A 219 7.05 -20.91 -21.22
N ASP A 220 6.41 -21.39 -20.14
CA ASP A 220 5.84 -20.53 -19.10
C ASP A 220 6.61 -20.53 -17.81
N SER A 221 7.36 -19.44 -17.55
CA SER A 221 8.05 -19.30 -16.28
C SER A 221 7.14 -19.32 -15.05
N GLY A 222 5.88 -18.92 -15.24
CA GLY A 222 4.87 -18.86 -14.17
C GLY A 222 4.04 -20.11 -13.97
N THR A 223 4.44 -21.23 -14.55
CA THR A 223 3.86 -22.54 -14.23
C THR A 223 4.89 -23.40 -13.55
N THR A 224 4.51 -24.09 -12.47
CA THR A 224 5.43 -24.95 -11.71
C THR A 224 5.83 -26.25 -12.43
N LEU A 225 4.84 -26.95 -12.94
CA LEU A 225 5.05 -28.27 -13.53
C LEU A 225 4.88 -28.25 -15.03
N THR A 226 4.66 -29.41 -15.64
CA THR A 226 4.48 -29.55 -17.07
C THR A 226 3.09 -30.12 -17.34
N TYR A 227 2.38 -29.58 -18.32
CA TYR A 227 0.99 -29.94 -18.61
C TYR A 227 0.91 -30.40 -20.05
N PHE A 228 0.23 -31.53 -20.28
CA PHE A 228 -0.09 -32.00 -21.60
C PHE A 228 -1.57 -32.32 -21.74
N PRO A 229 -2.08 -32.36 -23.00
CA PRO A 229 -3.44 -32.80 -23.25
C PRO A 229 -3.69 -34.15 -22.61
N SER A 230 -4.91 -34.38 -22.13
CA SER A 230 -5.19 -35.57 -21.35
C SER A 230 -4.78 -36.88 -21.99
N ASP A 231 -5.06 -37.06 -23.28
CA ASP A 231 -4.74 -38.33 -23.93
C ASP A 231 -3.22 -38.57 -23.96
N PHE A 232 -2.48 -37.55 -24.33
CA PHE A 232 -1.03 -37.67 -24.40
C PHE A 232 -0.42 -37.86 -23.01
N ALA A 233 -0.89 -37.09 -22.03
CA ALA A 233 -0.42 -37.27 -20.67
C ALA A 233 -0.66 -38.70 -20.17
N ALA A 234 -1.82 -39.29 -20.50
CA ALA A 234 -2.16 -40.67 -20.10
C ALA A 234 -1.20 -41.66 -20.75
N GLN A 235 -0.80 -41.46 -21.99
CA GLN A 235 0.18 -42.35 -22.61
C GLN A 235 1.53 -42.29 -21.88
N LEU A 236 1.98 -41.07 -21.58
CA LEU A 236 3.20 -40.90 -20.83
C LEU A 236 3.09 -41.49 -19.44
N ALA A 237 1.94 -41.31 -18.78
CA ALA A 237 1.75 -41.87 -17.45
C ALA A 237 1.79 -43.39 -17.43
N ASP A 238 1.28 -44.01 -18.50
CA ASP A 238 1.35 -45.51 -18.60
C ASP A 238 2.80 -45.97 -18.68
N LYS A 239 3.65 -45.20 -19.33
CA LYS A 239 5.08 -45.54 -19.42
C LYS A 239 5.81 -45.26 -18.11
N ALA A 240 5.45 -44.19 -17.41
CA ALA A 240 6.13 -43.72 -16.22
C ALA A 240 5.74 -44.40 -14.91
N GLY A 241 4.57 -45.02 -14.91
CA GLY A 241 3.98 -45.56 -13.68
C GLY A 241 3.28 -44.52 -12.80
N ALA A 242 2.81 -43.44 -13.42
CA ALA A 242 2.06 -42.41 -12.69
C ALA A 242 0.59 -42.83 -12.62
N ARG A 243 -0.11 -42.31 -11.61
CA ARG A 243 -1.49 -42.71 -11.31
C ARG A 243 -2.34 -41.48 -11.29
N LEU A 244 -3.42 -41.50 -12.06
CA LEU A 244 -4.32 -40.35 -12.09
C LEU A 244 -5.27 -40.38 -10.90
N VAL A 245 -5.27 -39.32 -10.09
CA VAL A 245 -6.06 -39.27 -8.86
C VAL A 245 -7.05 -38.12 -8.97
N GLN A 246 -8.33 -38.40 -8.71
CA GLN A 246 -9.32 -37.34 -8.55
C GLN A 246 -9.15 -36.73 -7.16
N VAL A 247 -8.64 -35.49 -7.14
CA VAL A 247 -8.33 -34.81 -5.89
C VAL A 247 -9.44 -33.86 -5.44
N ALA A 248 -10.30 -33.45 -6.38
CA ALA A 248 -11.49 -32.64 -6.10
C ALA A 248 -12.54 -33.00 -7.16
N ARG A 249 -13.75 -32.42 -7.04
CA ARG A 249 -14.84 -32.65 -8.00
C ARG A 249 -14.38 -32.69 -9.46
N ASP A 250 -13.82 -31.58 -9.96
CA ASP A 250 -13.34 -31.51 -11.36
C ASP A 250 -11.81 -31.27 -11.53
N GLN A 251 -11.01 -31.72 -10.57
CA GLN A 251 -9.54 -31.74 -10.73
C GLN A 251 -8.95 -33.13 -10.58
N TYR A 252 -8.08 -33.46 -11.52
CA TYR A 252 -7.36 -34.71 -11.53
C TYR A 252 -5.88 -34.38 -11.58
N LEU A 253 -5.09 -35.04 -10.72
CA LEU A 253 -3.63 -34.90 -10.73
C LEU A 253 -2.98 -36.26 -10.74
N TYR A 254 -1.88 -36.37 -11.48
CA TYR A 254 -1.03 -37.54 -11.42
C TYR A 254 -0.13 -37.54 -10.20
N PHE A 255 -0.16 -38.67 -9.48
CA PHE A 255 0.79 -38.97 -8.42
C PHE A 255 1.73 -40.05 -8.89
N ILE A 256 2.87 -40.16 -8.21
CA ILE A 256 3.86 -41.17 -8.53
C ILE A 256 4.51 -41.62 -7.20
N ASP A 257 4.99 -42.85 -7.15
CA ASP A 257 5.58 -43.30 -5.89
C ASP A 257 6.82 -42.44 -5.60
N CYS A 258 6.94 -41.99 -4.36
CA CYS A 258 8.08 -41.14 -4.00
C CYS A 258 9.41 -41.86 -4.18
N ASN A 259 9.43 -43.19 -4.14
CA ASN A 259 10.68 -43.94 -4.34
C ASN A 259 10.94 -44.37 -5.78
N THR A 260 10.20 -43.81 -6.75
CA THR A 260 10.39 -44.16 -8.13
CA THR A 260 10.43 -44.17 -8.14
C THR A 260 11.85 -43.92 -8.58
N ASP A 261 12.32 -44.73 -9.50
CA ASP A 261 13.65 -44.57 -10.09
C ASP A 261 13.65 -43.30 -10.94
N THR A 262 14.49 -42.33 -10.56
CA THR A 262 14.65 -41.06 -11.27
C THR A 262 16.03 -40.91 -11.91
N SER A 263 16.74 -42.03 -12.06
CA SER A 263 18.06 -42.03 -12.67
C SER A 263 18.07 -41.65 -14.15
N GLY A 264 16.93 -41.81 -14.81
CA GLY A 264 16.85 -41.53 -16.23
C GLY A 264 16.61 -40.08 -16.57
N THR A 265 16.39 -39.82 -17.87
CA THR A 265 16.15 -38.47 -18.35
C THR A 265 14.98 -38.48 -19.31
N THR A 266 14.31 -37.34 -19.39
CA THR A 266 13.21 -37.14 -20.33
C THR A 266 13.65 -36.10 -21.34
N VAL A 267 13.49 -36.41 -22.61
CA VAL A 267 14.04 -35.60 -23.71
C VAL A 267 12.91 -34.97 -24.49
N PHE A 268 13.05 -33.67 -24.77
CA PHE A 268 12.07 -32.88 -25.49
C PHE A 268 12.69 -32.44 -26.81
N ASN A 269 12.07 -32.82 -27.93
CA ASN A 269 12.60 -32.51 -29.26
C ASN A 269 11.79 -31.42 -29.93
N PHE A 270 12.48 -30.39 -30.38
CA PHE A 270 11.84 -29.19 -30.94
C PHE A 270 12.27 -29.06 -32.42
N GLY A 271 12.00 -27.90 -33.04
CA GLY A 271 12.36 -27.69 -34.45
C GLY A 271 13.86 -27.57 -34.66
N ASN A 272 14.28 -27.72 -35.91
CA ASN A 272 15.67 -27.38 -36.32
C ASN A 272 16.70 -28.18 -35.50
N GLY A 273 16.35 -29.42 -35.17
CA GLY A 273 17.23 -30.35 -34.41
C GLY A 273 17.43 -30.12 -32.92
N ALA A 274 16.73 -29.15 -32.35
CA ALA A 274 17.00 -28.75 -30.96
C ALA A 274 16.40 -29.74 -30.00
N LYS A 275 17.13 -29.97 -28.93
CA LYS A 275 16.78 -30.95 -27.92
C LYS A 275 17.07 -30.37 -26.55
N ILE A 276 16.16 -30.57 -25.60
CA ILE A 276 16.41 -30.23 -24.20
C ILE A 276 16.14 -31.51 -23.38
N THR A 277 17.12 -31.86 -22.54
N THR A 277 17.09 -31.84 -22.51
CA THR A 277 17.02 -33.03 -21.65
CA THR A 277 17.06 -33.02 -21.67
C THR A 277 16.80 -32.58 -20.22
C THR A 277 16.79 -32.57 -20.23
N VAL A 278 15.89 -33.28 -19.56
CA VAL A 278 15.49 -32.97 -18.18
C VAL A 278 15.76 -34.20 -17.30
N PRO A 279 16.48 -34.04 -16.20
CA PRO A 279 16.71 -35.18 -15.30
C PRO A 279 15.39 -35.62 -14.65
N ASN A 280 15.20 -36.91 -14.41
CA ASN A 280 13.89 -37.39 -13.99
C ASN A 280 13.51 -37.04 -12.56
N THR A 281 14.44 -36.52 -11.75
CA THR A 281 14.11 -35.92 -10.45
CA THR A 281 14.06 -36.01 -10.45
C THR A 281 13.06 -34.86 -10.56
N GLU A 282 13.05 -34.15 -11.70
CA GLU A 282 12.07 -33.10 -11.96
C GLU A 282 10.62 -33.57 -12.05
N TYR A 283 10.41 -34.89 -12.13
CA TYR A 283 9.08 -35.47 -12.25
C TYR A 283 8.60 -36.14 -10.98
N VAL A 284 9.31 -36.00 -9.88
CA VAL A 284 8.84 -36.49 -8.57
C VAL A 284 8.85 -35.28 -7.63
N TYR A 285 7.65 -34.74 -7.37
CA TYR A 285 7.43 -33.53 -6.60
C TYR A 285 6.96 -33.93 -5.20
N GLN A 286 7.81 -33.78 -4.20
CA GLN A 286 7.46 -34.12 -2.82
C GLN A 286 6.33 -33.24 -2.26
N ASN A 287 5.28 -33.88 -1.75
CA ASN A 287 4.19 -33.20 -1.04
C ASN A 287 4.48 -33.05 0.45
N GLY A 288 5.52 -33.74 0.95
CA GLY A 288 5.96 -33.61 2.36
C GLY A 288 5.28 -34.57 3.33
N ASP A 289 4.41 -35.44 2.82
CA ASP A 289 3.59 -36.36 3.61
C ASP A 289 3.74 -37.83 3.21
N GLY A 290 4.81 -38.17 2.50
CA GLY A 290 5.01 -39.51 1.96
C GLY A 290 4.35 -39.77 0.60
N THR A 291 3.65 -38.76 0.07
CA THR A 291 3.10 -38.80 -1.29
C THR A 291 3.84 -37.78 -2.14
N CYS A 292 3.80 -38.04 -3.44
CA CYS A 292 4.48 -37.22 -4.45
C CYS A 292 3.60 -37.02 -5.64
N LEU A 293 3.57 -35.79 -6.16
CA LEU A 293 2.99 -35.53 -7.46
C LEU A 293 3.96 -35.93 -8.53
N TRP A 294 3.44 -36.43 -9.64
CA TRP A 294 4.21 -36.51 -10.87
C TRP A 294 4.44 -35.10 -11.40
N GLY A 295 5.52 -34.91 -12.14
CA GLY A 295 5.83 -33.61 -12.70
C GLY A 295 5.16 -33.29 -14.01
N ILE A 296 4.36 -34.22 -14.54
CA ILE A 296 3.49 -34.04 -15.69
C ILE A 296 2.05 -34.18 -15.24
N GLN A 297 1.19 -33.32 -15.80
CA GLN A 297 -0.21 -33.20 -15.37
C GLN A 297 -1.11 -32.97 -16.56
N PRO A 298 -2.39 -33.36 -16.48
CA PRO A 298 -3.28 -33.17 -17.61
C PRO A 298 -3.89 -31.80 -17.69
N SER A 299 -4.08 -31.31 -18.91
CA SER A 299 -4.76 -30.04 -19.18
C SER A 299 -5.19 -30.00 -20.65
N ASP A 300 -6.14 -29.16 -21.04
CA ASP A 300 -6.34 -28.92 -22.47
C ASP A 300 -5.16 -28.18 -23.10
N ASP A 301 -4.41 -27.45 -22.27
CA ASP A 301 -3.29 -26.61 -22.68
C ASP A 301 -1.96 -27.28 -22.45
N THR A 302 -1.03 -27.14 -23.39
CA THR A 302 0.30 -27.69 -23.26
C THR A 302 1.25 -26.65 -22.70
N ILE A 303 1.86 -26.94 -21.57
CA ILE A 303 2.72 -25.97 -20.87
C ILE A 303 3.98 -26.64 -20.41
N LEU A 304 5.13 -26.13 -20.82
CA LEU A 304 6.37 -26.54 -20.25
C LEU A 304 6.75 -25.47 -19.21
N GLY A 305 6.56 -25.82 -17.94
CA GLY A 305 6.78 -24.91 -16.81
C GLY A 305 8.18 -25.06 -16.24
N ASP A 306 8.33 -24.67 -14.99
CA ASP A 306 9.66 -24.51 -14.43
C ASP A 306 10.45 -25.81 -14.35
N ASN A 307 9.78 -26.95 -14.17
CA ASN A 307 10.51 -28.20 -14.10
C ASN A 307 11.15 -28.61 -15.43
N PHE A 308 10.67 -28.04 -16.53
CA PHE A 308 11.35 -28.09 -17.82
C PHE A 308 12.36 -26.94 -17.95
N LEU A 309 11.88 -25.72 -17.73
CA LEU A 309 12.63 -24.51 -18.07
C LEU A 309 13.93 -24.39 -17.29
N ARG A 310 14.02 -24.97 -16.09
CA ARG A 310 15.30 -25.01 -15.38
C ARG A 310 16.42 -25.62 -16.21
N HIS A 311 16.09 -26.47 -17.17
CA HIS A 311 17.10 -27.20 -17.93
C HIS A 311 17.47 -26.63 -19.28
N ALA A 312 16.87 -25.48 -19.60
CA ALA A 312 17.17 -24.74 -20.82
C ALA A 312 17.63 -23.35 -20.48
N TYR A 313 18.50 -22.82 -21.33
CA TYR A 313 18.70 -21.38 -21.44
C TYR A 313 17.82 -20.91 -22.58
N LEU A 314 16.99 -19.86 -22.35
CA LEU A 314 16.04 -19.38 -23.33
C LEU A 314 16.24 -17.91 -23.60
N LEU A 315 16.28 -17.55 -24.89
CA LEU A 315 16.25 -16.15 -25.28
C LEU A 315 14.94 -15.93 -25.97
N TYR A 316 14.01 -15.31 -25.25
CA TYR A 316 12.72 -14.95 -25.83
C TYR A 316 12.87 -13.64 -26.60
N ASN A 317 12.43 -13.64 -27.85
CA ASN A 317 12.51 -12.42 -28.68
C ASN A 317 11.13 -12.13 -29.25
N LEU A 318 10.45 -11.20 -28.59
CA LEU A 318 9.07 -10.87 -28.91
C LEU A 318 8.98 -9.96 -30.13
N ASP A 319 10.06 -9.30 -30.50
CA ASP A 319 10.07 -8.51 -31.75
C ASP A 319 10.25 -9.44 -32.95
N ALA A 320 11.11 -10.44 -32.80
CA ALA A 320 11.41 -11.39 -33.91
C ALA A 320 10.43 -12.53 -33.96
N ASN A 321 9.68 -12.74 -32.89
CA ASN A 321 8.76 -13.88 -32.76
C ASN A 321 9.52 -15.21 -32.79
N THR A 322 10.61 -15.24 -32.06
CA THR A 322 11.38 -16.45 -31.89
C THR A 322 11.70 -16.65 -30.41
N ILE A 323 11.93 -17.90 -30.02
CA ILE A 323 12.51 -18.25 -28.73
C ILE A 323 13.67 -19.17 -29.04
N SER A 324 14.86 -18.77 -28.63
CA SER A 324 16.06 -19.51 -28.93
C SER A 324 16.38 -20.31 -27.70
N ILE A 325 16.71 -21.60 -27.89
CA ILE A 325 16.88 -22.53 -26.77
C ILE A 325 18.20 -23.29 -26.89
N ALA A 326 18.75 -23.66 -25.73
CA ALA A 326 19.96 -24.51 -25.66
C ALA A 326 19.94 -25.18 -24.32
N GLN A 327 20.62 -26.33 -24.24
CA GLN A 327 20.77 -27.06 -22.98
C GLN A 327 21.52 -26.20 -21.96
N VAL A 328 20.97 -26.00 -20.78
CA VAL A 328 21.57 -25.08 -19.84
C VAL A 328 22.93 -25.63 -19.38
N LYS A 329 23.81 -24.69 -19.01
CA LYS A 329 25.05 -24.98 -18.32
C LYS A 329 25.03 -24.18 -17.04
N TYR A 330 24.96 -24.86 -15.91
CA TYR A 330 24.92 -24.15 -14.63
C TYR A 330 26.31 -23.67 -14.24
N THR A 331 26.49 -22.35 -14.22
CA THR A 331 27.78 -21.75 -13.91
C THR A 331 27.61 -20.32 -13.44
N THR A 332 28.44 -19.89 -12.50
CA THR A 332 28.50 -18.49 -12.13
C THR A 332 29.34 -17.67 -13.11
N ASP A 333 30.10 -18.32 -13.98
CA ASP A 333 30.78 -17.63 -15.09
C ASP A 333 29.73 -16.87 -15.90
N SER A 334 30.11 -15.72 -16.41
CA SER A 334 29.19 -14.87 -17.11
C SER A 334 29.84 -14.16 -18.28
N SER A 335 29.18 -14.18 -19.42
CA SER A 335 29.62 -13.50 -20.61
C SER A 335 28.39 -12.85 -21.25
N ILE A 336 28.11 -11.62 -20.84
CA ILE A 336 26.85 -11.00 -21.17
C ILE A 336 27.02 -10.07 -22.38
N SER A 337 26.08 -10.18 -23.30
CA SER A 337 26.01 -9.29 -24.45
CA SER A 337 26.01 -9.31 -24.47
C SER A 337 24.61 -8.75 -24.59
N ALA A 338 24.48 -7.48 -24.98
CA ALA A 338 23.20 -6.94 -25.39
C ALA A 338 22.65 -7.61 -26.65
N VAL A 339 21.31 -7.68 -26.71
CA VAL A 339 20.59 -8.08 -27.90
C VAL A 339 19.51 -7.03 -28.17
N ASP B 1 -51.60 -15.10 0.62
CA ASP B 1 -50.53 -15.82 -0.16
C ASP B 1 -49.11 -15.54 0.36
N SER B 2 -48.61 -16.56 1.01
CA SER B 2 -47.24 -16.58 1.51
C SER B 2 -46.57 -17.83 0.97
N ILE B 3 -45.25 -17.80 0.97
CA ILE B 3 -44.43 -18.90 0.45
C ILE B 3 -43.42 -19.26 1.54
N SER B 4 -43.58 -20.41 2.18
CA SER B 4 -42.61 -20.91 3.14
C SER B 4 -41.50 -21.66 2.41
N LEU B 5 -40.24 -21.43 2.77
CA LEU B 5 -39.11 -22.04 2.15
C LEU B 5 -38.15 -22.51 3.24
N SER B 6 -37.78 -23.77 3.22
CA SER B 6 -36.92 -24.32 4.22
C SER B 6 -35.50 -23.74 4.12
N LEU B 7 -34.92 -23.41 5.27
CA LEU B 7 -33.53 -22.96 5.37
C LEU B 7 -32.67 -24.10 5.88
N ILE B 8 -31.65 -24.50 5.15
CA ILE B 8 -30.72 -25.52 5.58
C ILE B 8 -29.59 -24.84 6.36
N ASN B 9 -29.36 -25.28 7.61
CA ASN B 9 -28.27 -24.77 8.42
C ASN B 9 -27.00 -25.49 7.95
N GLU B 10 -26.19 -24.80 7.15
CA GLU B 10 -24.96 -25.42 6.61
C GLU B 10 -23.77 -25.25 7.53
N GLY B 11 -23.93 -24.47 8.60
CA GLY B 11 -22.83 -24.09 9.47
C GLY B 11 -22.63 -22.61 9.35
N PRO B 12 -21.78 -22.16 8.44
CA PRO B 12 -21.54 -20.73 8.30
C PRO B 12 -22.63 -19.94 7.62
N SER B 13 -23.53 -20.63 6.92
CA SER B 13 -24.55 -20.01 6.06
C SER B 13 -25.81 -20.84 6.12
N TYR B 14 -26.92 -20.20 5.71
CA TYR B 14 -28.19 -20.85 5.56
C TYR B 14 -28.59 -20.79 4.08
N ALA B 15 -28.99 -21.94 3.55
CA ALA B 15 -29.30 -22.08 2.15
C ALA B 15 -30.66 -22.69 1.89
N SER B 16 -31.15 -22.53 0.68
CA SER B 16 -32.43 -23.13 0.30
C SER B 16 -32.32 -23.74 -1.06
N LYS B 17 -33.20 -24.71 -1.32
CA LYS B 17 -33.34 -25.28 -2.66
C LYS B 17 -34.25 -24.41 -3.49
N VAL B 18 -33.74 -23.93 -4.62
CA VAL B 18 -34.49 -23.10 -5.54
CA VAL B 18 -34.41 -23.02 -5.55
C VAL B 18 -34.24 -23.63 -6.95
N SER B 19 -35.31 -23.81 -7.70
CA SER B 19 -35.17 -24.39 -9.05
C SER B 19 -35.12 -23.29 -10.09
N VAL B 20 -34.27 -23.47 -11.11
CA VAL B 20 -34.11 -22.48 -12.17
C VAL B 20 -34.27 -23.15 -13.52
N GLY B 21 -34.97 -22.49 -14.44
CA GLY B 21 -35.06 -22.94 -15.82
C GLY B 21 -36.31 -23.71 -16.10
N SER B 22 -36.53 -23.95 -17.38
CA SER B 22 -37.71 -24.70 -17.83
C SER B 22 -37.71 -26.13 -17.29
N ASN B 23 -36.52 -26.69 -17.09
CA ASN B 23 -36.31 -28.03 -16.56
C ASN B 23 -36.01 -28.06 -15.07
N LYS B 24 -36.27 -26.94 -14.37
CA LYS B 24 -36.32 -26.90 -12.88
C LYS B 24 -35.06 -27.53 -12.31
N GLN B 25 -33.94 -26.93 -12.69
CA GLN B 25 -32.63 -27.37 -12.22
C GLN B 25 -32.46 -26.88 -10.78
N GLN B 26 -32.30 -27.83 -9.84
CA GLN B 26 -32.24 -27.45 -8.43
C GLN B 26 -30.90 -26.88 -8.04
N GLN B 27 -30.92 -25.68 -7.48
CA GLN B 27 -29.73 -25.02 -6.96
C GLN B 27 -29.89 -24.92 -5.45
N THR B 28 -28.85 -25.22 -4.68
CA THR B 28 -28.88 -24.97 -3.25
C THR B 28 -28.05 -23.71 -3.01
N VAL B 29 -28.75 -22.66 -2.60
CA VAL B 29 -28.19 -21.31 -2.62
C VAL B 29 -28.40 -20.61 -1.30
N ILE B 30 -27.46 -19.75 -0.97
CA ILE B 30 -27.47 -19.02 0.29
C ILE B 30 -28.56 -17.96 0.27
N ILE B 31 -29.36 -17.90 1.33
CA ILE B 31 -30.40 -16.88 1.48
C ILE B 31 -29.73 -15.72 2.17
N ASP B 32 -29.66 -14.61 1.46
CA ASP B 32 -28.78 -13.47 1.85
C ASP B 32 -29.58 -12.18 1.88
N THR B 33 -29.93 -11.71 3.07
CA THR B 33 -30.60 -10.40 3.22
C THR B 33 -29.59 -9.27 3.06
N GLY B 34 -28.29 -9.59 3.00
CA GLY B 34 -27.23 -8.58 2.84
C GLY B 34 -26.80 -8.28 1.42
N SER B 35 -27.41 -8.96 0.44
CA SER B 35 -27.18 -8.61 -0.96
C SER B 35 -28.49 -8.72 -1.70
N SER B 36 -28.49 -8.34 -2.97
CA SER B 36 -29.75 -8.17 -3.73
C SER B 36 -29.85 -8.91 -5.05
N ASP B 37 -28.79 -9.64 -5.40
CA ASP B 37 -28.73 -10.31 -6.70
C ASP B 37 -28.78 -11.81 -6.48
N PHE B 38 -29.49 -12.51 -7.37
CA PHE B 38 -29.49 -13.99 -7.40
C PHE B 38 -28.57 -14.46 -8.49
N TRP B 39 -27.53 -15.19 -8.08
CA TRP B 39 -26.64 -15.81 -9.08
C TRP B 39 -26.51 -17.31 -8.78
N VAL B 40 -26.24 -18.03 -9.87
CA VAL B 40 -26.12 -19.49 -9.86
C VAL B 40 -24.78 -19.90 -10.43
N VAL B 41 -24.26 -21.03 -9.95
CA VAL B 41 -22.99 -21.56 -10.45
C VAL B 41 -23.21 -22.27 -11.77
N ASP B 42 -22.64 -21.74 -12.85
CA ASP B 42 -22.71 -22.42 -14.13
C ASP B 42 -22.06 -23.76 -14.06
N SER B 43 -22.63 -24.75 -14.75
CA SER B 43 -22.05 -26.10 -14.75
CA SER B 43 -22.06 -26.10 -14.78
C SER B 43 -20.64 -26.13 -15.31
N ASN B 44 -20.29 -25.17 -16.16
CA ASN B 44 -18.93 -25.02 -16.72
C ASN B 44 -18.12 -23.94 -16.05
N ALA B 45 -18.52 -23.53 -14.85
CA ALA B 45 -17.72 -22.52 -14.14
C ALA B 45 -16.31 -23.00 -13.82
N GLN B 46 -15.38 -22.05 -13.77
CA GLN B 46 -14.04 -22.31 -13.21
CA GLN B 46 -14.05 -22.31 -13.21
C GLN B 46 -14.09 -21.79 -11.78
N CYS B 47 -14.16 -22.69 -10.82
CA CYS B 47 -14.12 -22.29 -9.43
C CYS B 47 -12.75 -21.69 -9.11
N GLY B 48 -12.73 -20.83 -8.11
CA GLY B 48 -11.49 -20.36 -7.54
C GLY B 48 -10.60 -21.52 -7.13
N LYS B 49 -9.30 -21.26 -7.07
CA LYS B 49 -8.32 -22.26 -6.65
C LYS B 49 -8.68 -22.84 -5.28
N GLY B 50 -8.85 -24.15 -5.24
CA GLY B 50 -9.18 -24.85 -4.01
C GLY B 50 -10.62 -24.76 -3.57
N VAL B 51 -11.48 -24.18 -4.42
CA VAL B 51 -12.90 -23.97 -4.09
C VAL B 51 -13.72 -25.04 -4.80
N ASP B 52 -14.52 -25.75 -4.02
CA ASP B 52 -15.48 -26.73 -4.51
C ASP B 52 -16.80 -26.01 -4.75
N CYS B 53 -16.95 -25.34 -5.89
CA CYS B 53 -18.15 -24.52 -6.11
C CYS B 53 -19.29 -25.24 -6.81
N LYS B 54 -19.12 -26.53 -7.13
CA LYS B 54 -20.16 -27.25 -7.87
C LYS B 54 -20.82 -28.40 -7.12
N SER B 55 -20.66 -28.48 -5.80
CA SER B 55 -21.29 -29.57 -5.05
C SER B 55 -22.63 -29.20 -4.45
N SER B 56 -23.14 -28.01 -4.74
CA SER B 56 -24.44 -27.56 -4.21
C SER B 56 -25.40 -27.23 -5.33
N GLY B 57 -25.31 -27.96 -6.43
CA GLY B 57 -26.10 -27.70 -7.64
C GLY B 57 -25.37 -26.81 -8.60
N THR B 58 -25.64 -27.01 -9.87
CA THR B 58 -25.16 -26.13 -10.91
C THR B 58 -26.28 -25.92 -11.93
N PHE B 59 -26.11 -24.87 -12.72
CA PHE B 59 -27.09 -24.45 -13.72
C PHE B 59 -26.48 -24.53 -15.10
N THR B 60 -27.20 -25.20 -15.99
CA THR B 60 -26.81 -25.30 -17.37
C THR B 60 -27.82 -24.49 -18.19
N PRO B 61 -27.47 -23.26 -18.57
CA PRO B 61 -28.47 -22.45 -19.28
C PRO B 61 -29.01 -23.13 -20.54
N SER B 62 -28.13 -23.81 -21.25
CA SER B 62 -28.50 -24.43 -22.53
C SER B 62 -29.53 -25.54 -22.43
N SER B 63 -29.77 -26.13 -21.25
CA SER B 63 -30.83 -27.11 -21.18
C SER B 63 -32.16 -26.51 -20.71
N SER B 64 -32.20 -25.19 -20.48
CA SER B 64 -33.42 -24.48 -20.18
C SER B 64 -33.89 -23.73 -21.42
N SER B 65 -35.07 -24.11 -21.90
CA SER B 65 -35.61 -23.55 -23.13
C SER B 65 -35.98 -22.10 -22.98
N SER B 66 -36.15 -21.64 -21.74
CA SER B 66 -36.61 -20.30 -21.41
C SER B 66 -35.50 -19.31 -21.07
N TYR B 67 -34.25 -19.74 -21.02
CA TYR B 67 -33.15 -18.83 -20.68
C TYR B 67 -32.92 -17.79 -21.75
N LYS B 68 -32.79 -16.56 -21.33
CA LYS B 68 -32.45 -15.43 -22.22
C LYS B 68 -31.19 -14.74 -21.69
N ASN B 69 -30.23 -14.48 -22.57
CA ASN B 69 -29.08 -13.64 -22.22
C ASN B 69 -29.41 -12.18 -22.30
N LEU B 70 -28.94 -11.40 -21.34
CA LEU B 70 -29.05 -9.95 -21.41
C LEU B 70 -27.85 -9.27 -22.11
N GLY B 71 -26.74 -9.96 -22.22
CA GLY B 71 -25.55 -9.45 -22.91
C GLY B 71 -24.77 -8.45 -22.07
N ALA B 72 -24.91 -8.51 -20.76
CA ALA B 72 -24.16 -7.65 -19.87
C ALA B 72 -23.37 -8.49 -18.89
N ALA B 73 -22.17 -8.02 -18.55
CA ALA B 73 -21.33 -8.65 -17.57
C ALA B 73 -21.84 -8.38 -16.15
N PHE B 74 -21.65 -9.40 -15.30
CA PHE B 74 -21.96 -9.34 -13.86
C PHE B 74 -20.66 -9.54 -13.08
N THR B 75 -20.46 -8.66 -12.12
CA THR B 75 -19.38 -8.83 -11.16
CA THR B 75 -19.35 -8.78 -11.18
C THR B 75 -19.88 -8.37 -9.80
N ILE B 76 -19.57 -9.15 -8.77
CA ILE B 76 -19.92 -8.83 -7.40
C ILE B 76 -18.74 -9.14 -6.50
N ARG B 77 -18.55 -8.29 -5.51
CA ARG B 77 -17.59 -8.50 -4.47
C ARG B 77 -18.30 -8.30 -3.15
N TYR B 78 -18.15 -9.29 -2.30
CA TYR B 78 -18.83 -9.30 -1.00
C TYR B 78 -17.93 -8.66 0.05
N GLY B 79 -18.46 -8.47 1.25
CA GLY B 79 -17.76 -7.75 2.32
C GLY B 79 -16.47 -8.42 2.71
N ASP B 80 -16.42 -9.76 2.67
CA ASP B 80 -15.18 -10.49 2.98
C ASP B 80 -14.21 -10.66 1.81
N GLY B 81 -14.51 -10.02 0.68
CA GLY B 81 -13.69 -10.05 -0.51
C GLY B 81 -14.00 -11.21 -1.41
N SER B 82 -14.93 -12.08 -1.05
CA SER B 82 -15.39 -13.13 -1.96
C SER B 82 -15.93 -12.51 -3.24
N THR B 83 -15.75 -13.20 -4.37
CA THR B 83 -16.15 -12.63 -5.65
C THR B 83 -16.80 -13.65 -6.56
N SER B 84 -17.63 -13.13 -7.44
CA SER B 84 -18.24 -13.89 -8.52
C SER B 84 -18.31 -13.03 -9.76
N GLN B 85 -18.03 -13.65 -10.91
CA GLN B 85 -18.23 -12.99 -12.19
C GLN B 85 -18.94 -13.88 -13.17
N GLY B 86 -19.71 -13.23 -14.02
CA GLY B 86 -20.44 -13.95 -15.06
C GLY B 86 -21.20 -13.02 -15.93
N THR B 87 -22.38 -13.45 -16.39
CA THR B 87 -23.21 -12.58 -17.23
C THR B 87 -24.65 -12.63 -16.75
N TRP B 88 -25.39 -11.59 -17.10
CA TRP B 88 -26.79 -11.48 -16.74
C TRP B 88 -27.71 -12.20 -17.73
N GLY B 89 -28.75 -12.82 -17.19
CA GLY B 89 -29.75 -13.51 -17.95
C GLY B 89 -31.08 -13.43 -17.25
N LYS B 90 -32.08 -14.04 -17.86
CA LYS B 90 -33.42 -14.18 -17.29
C LYS B 90 -33.89 -15.59 -17.47
N ASP B 91 -34.58 -16.11 -16.45
CA ASP B 91 -35.19 -17.42 -16.55
C ASP B 91 -36.24 -17.56 -15.46
N THR B 92 -36.93 -18.70 -15.51
CA THR B 92 -37.95 -19.05 -14.54
C THR B 92 -37.30 -19.50 -13.25
N VAL B 93 -37.76 -18.97 -12.13
CA VAL B 93 -37.29 -19.33 -10.83
C VAL B 93 -38.47 -19.90 -10.04
N THR B 94 -38.26 -21.04 -9.42
CA THR B 94 -39.33 -21.75 -8.72
C THR B 94 -38.92 -22.01 -7.28
N ILE B 95 -39.74 -21.51 -6.37
CA ILE B 95 -39.53 -21.55 -4.93
C ILE B 95 -40.69 -22.31 -4.31
N ASN B 96 -40.38 -23.50 -3.76
CA ASN B 96 -41.40 -24.35 -3.14
C ASN B 96 -42.67 -24.40 -3.98
N GLY B 97 -42.49 -24.68 -5.28
CA GLY B 97 -43.58 -24.92 -6.22
C GLY B 97 -44.20 -23.68 -6.87
N VAL B 98 -43.78 -22.49 -6.46
CA VAL B 98 -44.29 -21.22 -7.02
C VAL B 98 -43.25 -20.68 -7.98
N SER B 99 -43.66 -20.52 -9.22
CA SER B 99 -42.77 -20.06 -10.30
C SER B 99 -43.02 -18.62 -10.65
N ILE B 100 -41.92 -17.90 -10.83
CA ILE B 100 -41.92 -16.56 -11.42
C ILE B 100 -41.14 -16.64 -12.72
N THR B 101 -41.67 -16.00 -13.75
CA THR B 101 -41.04 -16.04 -15.07
C THR B 101 -40.19 -14.80 -15.34
N GLY B 102 -39.21 -14.94 -16.23
CA GLY B 102 -38.45 -13.81 -16.68
C GLY B 102 -37.64 -13.14 -15.59
N GLN B 103 -37.23 -13.90 -14.58
CA GLN B 103 -36.51 -13.31 -13.45
C GLN B 103 -35.04 -13.13 -13.82
N GLN B 104 -34.55 -11.92 -13.65
CA GLN B 104 -33.15 -11.60 -13.93
C GLN B 104 -32.25 -12.21 -12.85
N ILE B 105 -31.25 -12.96 -13.31
CA ILE B 105 -30.27 -13.69 -12.50
C ILE B 105 -28.92 -13.59 -13.18
N ALA B 106 -27.85 -13.91 -12.47
CA ALA B 106 -26.53 -14.04 -13.12
C ALA B 106 -26.09 -15.47 -13.22
N ASP B 107 -25.60 -15.82 -14.42
CA ASP B 107 -24.95 -17.08 -14.71
C ASP B 107 -23.46 -16.89 -14.45
N VAL B 108 -22.98 -17.43 -13.34
CA VAL B 108 -21.62 -17.19 -12.89
C VAL B 108 -20.66 -18.27 -13.35
N THR B 109 -19.58 -17.83 -13.97
CA THR B 109 -18.60 -18.74 -14.58
C THR B 109 -17.25 -18.73 -13.84
N GLN B 110 -17.09 -17.86 -12.86
CA GLN B 110 -15.92 -17.88 -11.97
C GLN B 110 -16.35 -17.37 -10.61
N THR B 111 -15.97 -18.10 -9.57
CA THR B 111 -16.34 -17.69 -8.23
C THR B 111 -15.44 -18.29 -7.18
N SER B 112 -15.25 -17.50 -6.12
CA SER B 112 -14.57 -17.98 -4.92
C SER B 112 -15.52 -18.50 -3.86
N VAL B 113 -16.82 -18.42 -4.12
CA VAL B 113 -17.85 -18.90 -3.17
C VAL B 113 -18.22 -20.36 -3.51
N ASP B 114 -18.59 -21.13 -2.51
CA ASP B 114 -18.85 -22.57 -2.80
C ASP B 114 -20.22 -22.93 -3.26
N GLN B 115 -21.09 -21.96 -3.45
CA GLN B 115 -22.42 -22.18 -3.97
C GLN B 115 -23.01 -20.82 -4.35
N GLY B 116 -24.13 -20.86 -5.07
CA GLY B 116 -24.82 -19.65 -5.47
C GLY B 116 -25.43 -18.92 -4.30
N ILE B 117 -25.84 -17.70 -4.56
CA ILE B 117 -26.42 -16.83 -3.53
C ILE B 117 -27.70 -16.19 -4.06
N LEU B 118 -28.76 -16.30 -3.25
CA LEU B 118 -30.04 -15.62 -3.52
C LEU B 118 -30.11 -14.39 -2.62
N GLY B 119 -29.67 -13.27 -3.17
CA GLY B 119 -29.80 -11.99 -2.51
C GLY B 119 -31.20 -11.46 -2.62
N ILE B 120 -31.75 -11.09 -1.47
CA ILE B 120 -33.15 -10.69 -1.35
C ILE B 120 -33.34 -9.32 -0.72
N GLY B 121 -32.30 -8.50 -0.70
CA GLY B 121 -32.39 -7.15 -0.21
C GLY B 121 -32.99 -6.17 -1.19
N TYR B 122 -32.81 -4.89 -0.88
CA TYR B 122 -33.33 -3.80 -1.70
C TYR B 122 -32.77 -3.78 -3.11
N THR B 123 -33.61 -3.52 -4.11
CA THR B 123 -33.09 -3.41 -5.48
C THR B 123 -32.04 -2.31 -5.62
N SER B 124 -32.13 -1.26 -4.79
CA SER B 124 -31.18 -0.18 -4.84
C SER B 124 -29.76 -0.60 -4.51
N ASN B 125 -29.59 -1.76 -3.90
CA ASN B 125 -28.27 -2.28 -3.51
C ASN B 125 -27.70 -3.31 -4.48
N GLU B 126 -28.32 -3.50 -5.62
CA GLU B 126 -27.82 -4.48 -6.61
C GLU B 126 -26.42 -4.15 -7.08
N ALA B 127 -25.69 -5.19 -7.37
CA ALA B 127 -24.31 -5.12 -7.86
C ALA B 127 -24.30 -4.92 -9.36
N VAL B 128 -24.49 -3.68 -9.80
CA VAL B 128 -24.68 -3.32 -11.21
C VAL B 128 -23.47 -2.64 -11.83
N TYR B 129 -22.32 -2.77 -11.19
CA TYR B 129 -21.09 -2.07 -11.59
C TYR B 129 -20.00 -3.05 -11.90
N ASP B 130 -19.01 -2.61 -12.68
CA ASP B 130 -17.77 -3.35 -12.80
C ASP B 130 -16.88 -3.00 -11.62
N THR B 131 -15.69 -3.57 -11.60
CA THR B 131 -14.82 -3.35 -10.43
C THR B 131 -14.33 -1.92 -10.26
N SER B 132 -14.43 -1.09 -11.31
CA SER B 132 -14.05 0.34 -11.25
C SER B 132 -15.22 1.29 -10.87
N GLY B 133 -16.41 0.75 -10.67
CA GLY B 133 -17.63 1.56 -10.41
C GLY B 133 -18.37 2.02 -11.65
N ARG B 134 -17.99 1.54 -12.83
CA ARG B 134 -18.71 1.85 -14.06
CA ARG B 134 -18.72 1.84 -14.05
C ARG B 134 -19.92 0.93 -14.12
N GLN B 135 -21.08 1.50 -14.40
CA GLN B 135 -22.31 0.72 -14.46
C GLN B 135 -22.34 -0.16 -15.68
N THR B 136 -22.68 -1.44 -15.45
N THR B 136 -22.71 -1.41 -15.50
CA THR B 136 -22.81 -2.50 -16.48
CA THR B 136 -22.82 -2.34 -16.61
C THR B 136 -24.24 -2.80 -16.89
C THR B 136 -24.25 -2.81 -16.91
N THR B 137 -25.20 -2.54 -16.01
CA THR B 137 -26.61 -2.85 -16.29
C THR B 137 -27.50 -1.97 -15.39
N PRO B 138 -28.76 -1.73 -15.77
CA PRO B 138 -29.62 -0.93 -14.88
C PRO B 138 -30.07 -1.69 -13.64
N ASN B 139 -30.46 -0.94 -12.62
CA ASN B 139 -31.18 -1.60 -11.52
C ASN B 139 -32.44 -2.23 -12.07
N TYR B 140 -32.86 -3.31 -11.44
CA TYR B 140 -33.87 -4.20 -12.00
C TYR B 140 -34.67 -4.87 -10.88
N ASP B 141 -35.74 -5.55 -11.25
CA ASP B 141 -36.59 -6.24 -10.28
C ASP B 141 -35.92 -7.55 -9.81
N ASN B 142 -35.49 -7.60 -8.55
CA ASN B 142 -34.94 -8.81 -7.98
C ASN B 142 -36.05 -9.75 -7.48
N VAL B 143 -35.70 -10.88 -6.92
CA VAL B 143 -36.69 -11.92 -6.67
C VAL B 143 -37.90 -11.44 -5.85
N PRO B 144 -37.72 -10.74 -4.71
CA PRO B 144 -38.89 -10.34 -3.94
C PRO B 144 -39.82 -9.39 -4.67
N VAL B 145 -39.25 -8.47 -5.42
CA VAL B 145 -40.06 -7.57 -6.25
C VAL B 145 -40.86 -8.36 -7.27
N THR B 146 -40.25 -9.30 -7.96
CA THR B 146 -40.96 -10.09 -8.95
C THR B 146 -42.04 -10.96 -8.35
N LEU B 147 -41.79 -11.54 -7.18
CA LEU B 147 -42.85 -12.29 -6.47
C LEU B 147 -44.08 -11.41 -6.26
N LYS B 148 -43.89 -10.15 -5.85
CA LYS B 148 -45.03 -9.23 -5.69
C LYS B 148 -45.69 -8.88 -7.04
N LYS B 149 -44.90 -8.53 -8.03
CA LYS B 149 -45.44 -8.08 -9.32
C LYS B 149 -46.20 -9.16 -10.01
N GLN B 150 -45.82 -10.41 -9.84
CA GLN B 150 -46.49 -11.52 -10.48
C GLN B 150 -47.59 -12.11 -9.60
N GLY B 151 -47.94 -11.42 -8.51
CA GLY B 151 -49.10 -11.80 -7.71
C GLY B 151 -48.90 -12.96 -6.77
N LYS B 152 -47.64 -13.31 -6.46
CA LYS B 152 -47.36 -14.46 -5.59
C LYS B 152 -47.38 -14.08 -4.13
N ILE B 153 -47.05 -12.83 -3.82
CA ILE B 153 -47.15 -12.28 -2.46
C ILE B 153 -47.76 -10.89 -2.59
N ARG B 154 -48.38 -10.39 -1.54
CA ARG B 154 -49.05 -9.09 -1.56
C ARG B 154 -48.08 -7.94 -1.37
N THR B 155 -47.08 -8.15 -0.51
CA THR B 155 -46.16 -7.13 -0.04
C THR B 155 -44.75 -7.69 -0.22
N ASN B 156 -43.81 -6.83 -0.57
CA ASN B 156 -42.40 -7.19 -0.56
C ASN B 156 -41.92 -7.24 0.89
N ALA B 157 -42.06 -8.43 1.45
CA ALA B 157 -41.76 -8.67 2.87
C ALA B 157 -41.41 -10.13 3.05
N TYR B 158 -40.58 -10.42 4.05
CA TYR B 158 -40.29 -11.82 4.38
C TYR B 158 -39.92 -11.93 5.85
N SER B 159 -40.31 -13.05 6.44
CA SER B 159 -39.95 -13.39 7.81
C SER B 159 -38.83 -14.41 7.87
N LEU B 160 -37.85 -14.16 8.76
CA LEU B 160 -36.67 -14.97 8.91
C LEU B 160 -36.67 -15.69 10.25
N TYR B 161 -36.64 -17.02 10.18
CA TYR B 161 -36.54 -17.88 11.34
C TYR B 161 -35.34 -18.83 11.09
N LEU B 162 -34.15 -18.42 11.52
CA LEU B 162 -32.98 -19.29 11.37
C LEU B 162 -33.09 -20.52 12.27
N ASN B 163 -33.86 -20.40 13.37
CA ASN B 163 -34.02 -21.49 14.34
C ASN B 163 -32.77 -21.60 15.20
N SER B 164 -32.78 -22.59 16.10
CA SER B 164 -31.80 -22.63 17.16
C SER B 164 -30.41 -23.07 16.68
N PRO B 165 -29.37 -22.87 17.50
CA PRO B 165 -28.03 -23.24 17.05
C PRO B 165 -27.87 -24.72 16.71
N SER B 166 -28.63 -25.57 17.38
CA SER B 166 -28.59 -27.01 17.07
C SER B 166 -29.55 -27.48 15.98
N ALA B 167 -30.40 -26.59 15.47
CA ALA B 167 -31.39 -26.98 14.48
C ALA B 167 -30.73 -27.27 13.13
N GLU B 168 -31.22 -28.25 12.40
N GLU B 168 -31.29 -28.26 12.46
CA GLU B 168 -30.73 -28.50 11.04
CA GLU B 168 -30.96 -28.67 11.10
C GLU B 168 -31.47 -27.65 10.01
C GLU B 168 -31.47 -27.66 10.09
N THR B 169 -32.70 -27.21 10.32
CA THR B 169 -33.45 -26.39 9.39
C THR B 169 -34.23 -25.28 10.08
N GLY B 170 -34.37 -24.18 9.37
CA GLY B 170 -35.26 -23.11 9.72
C GLY B 170 -36.19 -22.78 8.56
N THR B 171 -36.77 -21.58 8.55
CA THR B 171 -37.77 -21.20 7.54
C THR B 171 -37.65 -19.73 7.23
N ILE B 172 -37.75 -19.38 5.94
CA ILE B 172 -38.00 -18.03 5.51
C ILE B 172 -39.39 -18.04 4.88
N ILE B 173 -40.21 -17.06 5.22
CA ILE B 173 -41.55 -16.97 4.62
C ILE B 173 -41.63 -15.68 3.81
N PHE B 174 -41.76 -15.84 2.49
CA PHE B 174 -42.02 -14.67 1.65
C PHE B 174 -43.48 -14.28 1.78
N GLY B 175 -43.77 -13.00 2.08
CA GLY B 175 -45.14 -12.52 2.14
C GLY B 175 -45.96 -12.99 3.29
N GLY B 176 -45.32 -13.41 4.37
CA GLY B 176 -46.05 -13.89 5.55
C GLY B 176 -45.21 -13.81 6.79
N VAL B 177 -45.84 -14.10 7.91
CA VAL B 177 -45.25 -14.03 9.23
C VAL B 177 -45.82 -15.16 10.09
N ASP B 178 -44.98 -15.86 10.82
CA ASP B 178 -45.43 -16.93 11.71
C ASP B 178 -45.52 -16.39 13.13
N ASN B 179 -46.73 -16.09 13.57
CA ASN B 179 -46.94 -15.51 14.88
C ASN B 179 -46.76 -16.49 16.07
N ALA B 180 -46.48 -17.76 15.79
CA ALA B 180 -46.21 -18.69 16.87
C ALA B 180 -44.77 -18.65 17.35
N LYS B 181 -43.86 -18.06 16.56
CA LYS B 181 -42.43 -18.24 16.76
C LYS B 181 -41.71 -17.08 17.43
N TYR B 182 -42.41 -16.35 18.27
CA TYR B 182 -41.76 -15.33 19.08
C TYR B 182 -42.53 -15.09 20.34
N SER B 183 -41.86 -14.56 21.36
CA SER B 183 -42.51 -14.11 22.56
CA SER B 183 -42.44 -14.09 22.60
C SER B 183 -42.66 -12.60 22.52
N GLY B 184 -43.59 -12.09 23.30
CA GLY B 184 -43.90 -10.68 23.28
C GLY B 184 -44.55 -10.26 21.97
N LYS B 185 -44.34 -9.00 21.63
CA LYS B 185 -44.87 -8.43 20.41
CA LYS B 185 -44.88 -8.40 20.42
C LYS B 185 -43.73 -8.14 19.46
N LEU B 186 -43.98 -8.32 18.17
CA LEU B 186 -43.05 -7.84 17.14
C LEU B 186 -43.05 -6.34 17.20
N VAL B 187 -41.89 -5.75 17.31
CA VAL B 187 -41.71 -4.31 17.38
C VAL B 187 -41.15 -3.85 16.04
N ALA B 188 -41.88 -2.97 15.38
CA ALA B 188 -41.50 -2.47 14.06
C ALA B 188 -40.44 -1.40 14.22
N GLU B 189 -39.29 -1.61 13.59
CA GLU B 189 -38.18 -0.69 13.62
C GLU B 189 -37.98 -0.09 12.24
N GLN B 190 -37.82 1.23 12.18
CA GLN B 190 -37.58 1.85 10.90
CA GLN B 190 -37.58 1.89 10.91
C GLN B 190 -36.23 1.45 10.35
N VAL B 191 -36.21 1.19 9.04
CA VAL B 191 -34.94 0.87 8.36
C VAL B 191 -34.20 2.21 8.14
N THR B 192 -32.92 2.26 8.46
CA THR B 192 -32.16 3.51 8.53
C THR B 192 -31.33 3.81 7.30
N SER B 193 -31.42 2.94 6.29
CA SER B 193 -30.76 3.13 5.00
C SER B 193 -31.78 2.81 3.91
N SER B 194 -31.67 3.41 2.73
CA SER B 194 -32.48 3.01 1.57
C SER B 194 -31.84 1.92 0.74
N GLN B 195 -30.63 1.51 1.08
CA GLN B 195 -29.95 0.43 0.35
C GLN B 195 -29.71 -0.82 1.18
N ALA B 196 -29.51 -0.67 2.48
CA ALA B 196 -29.13 -1.78 3.36
C ALA B 196 -30.21 -1.97 4.41
N LEU B 197 -30.47 -3.23 4.80
CA LEU B 197 -31.48 -3.56 5.81
C LEU B 197 -30.90 -3.41 7.24
N THR B 198 -30.76 -2.14 7.60
CA THR B 198 -30.18 -1.69 8.88
C THR B 198 -31.21 -1.07 9.79
N ILE B 199 -31.11 -1.34 11.08
CA ILE B 199 -31.95 -0.65 12.09
C ILE B 199 -31.02 -0.10 13.15
N SER B 200 -31.51 0.91 13.86
CA SER B 200 -30.69 1.59 14.85
CA SER B 200 -30.69 1.60 14.87
C SER B 200 -30.49 0.71 16.11
N LEU B 201 -29.23 0.47 16.46
CA LEU B 201 -28.85 -0.32 17.63
C LEU B 201 -28.41 0.68 18.68
N ALA B 202 -29.15 0.80 19.76
CA ALA B 202 -28.85 1.82 20.80
C ALA B 202 -27.66 1.46 21.68
N SER B 203 -27.57 0.19 22.06
CA SER B 203 -26.56 -0.26 23.03
CA SER B 203 -26.58 -0.25 23.04
C SER B 203 -26.43 -1.77 23.02
N VAL B 204 -25.30 -2.22 23.55
CA VAL B 204 -25.01 -3.63 23.78
C VAL B 204 -24.63 -3.77 25.24
N ASN B 205 -25.26 -4.71 25.93
CA ASN B 205 -24.87 -5.07 27.29
C ASN B 205 -24.09 -6.37 27.26
N LEU B 206 -22.82 -6.28 27.64
CA LEU B 206 -21.87 -7.41 27.60
C LEU B 206 -21.22 -7.52 28.98
N LYS B 207 -21.25 -8.73 29.51
CA LYS B 207 -20.73 -9.02 30.88
C LYS B 207 -21.35 -8.06 31.90
N GLY B 208 -22.63 -7.76 31.70
CA GLY B 208 -23.40 -6.95 32.61
C GLY B 208 -23.32 -5.45 32.45
N SER B 209 -22.39 -4.95 31.63
CA SER B 209 -22.20 -3.52 31.44
C SER B 209 -22.70 -3.07 30.07
N SER B 210 -23.37 -1.92 30.04
CA SER B 210 -23.82 -1.36 28.77
CA SER B 210 -23.82 -1.33 28.79
C SER B 210 -22.69 -0.59 28.07
N PHE B 211 -22.69 -0.71 26.75
CA PHE B 211 -21.80 0.01 25.85
C PHE B 211 -22.70 0.71 24.87
N SER B 212 -22.62 2.05 24.87
CA SER B 212 -23.49 2.86 24.05
CA SER B 212 -23.51 2.84 24.03
C SER B 212 -23.06 2.81 22.59
N PHE B 213 -24.03 2.64 21.68
CA PHE B 213 -23.74 2.52 20.25
C PHE B 213 -24.43 3.64 19.52
N GLY B 214 -25.67 3.46 19.08
CA GLY B 214 -26.49 4.53 18.48
C GLY B 214 -26.46 4.67 16.98
N ASP B 215 -25.96 3.67 16.27
CA ASP B 215 -25.85 3.74 14.80
CA ASP B 215 -25.80 3.72 14.82
C ASP B 215 -26.51 2.50 14.24
N GLY B 216 -26.59 2.45 12.92
CA GLY B 216 -27.26 1.37 12.25
C GLY B 216 -26.52 0.07 12.31
N ALA B 217 -27.26 -1.02 12.31
CA ALA B 217 -26.71 -2.37 12.27
C ALA B 217 -27.43 -3.16 11.20
N LEU B 218 -26.68 -3.80 10.32
CA LEU B 218 -27.23 -4.60 9.24
C LEU B 218 -27.66 -5.95 9.73
N LEU B 219 -28.89 -6.33 9.43
CA LEU B 219 -29.46 -7.57 9.91
C LEU B 219 -29.27 -8.58 8.77
N ASP B 220 -28.10 -9.20 8.74
CA ASP B 220 -27.63 -9.95 7.55
C ASP B 220 -27.65 -11.45 7.75
N SER B 221 -28.60 -12.13 7.13
CA SER B 221 -28.60 -13.60 7.17
C SER B 221 -27.37 -14.26 6.57
N GLY B 222 -26.74 -13.53 5.66
CA GLY B 222 -25.55 -14.00 4.95
C GLY B 222 -24.23 -13.72 5.59
N THR B 223 -24.21 -13.28 6.85
CA THR B 223 -22.96 -13.11 7.61
C THR B 223 -22.99 -14.12 8.76
N THR B 224 -21.86 -14.80 8.98
CA THR B 224 -21.81 -15.81 10.02
C THR B 224 -21.78 -15.23 11.43
N LEU B 225 -20.90 -14.26 11.65
CA LEU B 225 -20.64 -13.69 12.97
C LEU B 225 -21.18 -12.27 13.09
N THR B 226 -20.67 -11.48 14.02
CA THR B 226 -21.13 -10.11 14.27
C THR B 226 -19.92 -9.17 14.12
N TYR B 227 -20.14 -8.04 13.47
CA TYR B 227 -19.08 -7.11 13.12
C TYR B 227 -19.41 -5.74 13.68
N PHE B 228 -18.42 -5.10 14.32
CA PHE B 228 -18.58 -3.74 14.85
C PHE B 228 -17.38 -2.89 14.42
N PRO B 229 -17.57 -1.57 14.41
CA PRO B 229 -16.45 -0.64 14.19
C PRO B 229 -15.28 -0.93 15.11
N SER B 230 -14.05 -0.78 14.62
CA SER B 230 -12.89 -1.24 15.35
C SER B 230 -12.79 -0.77 16.80
N ASP B 231 -13.07 0.50 17.06
CA ASP B 231 -12.90 1.03 18.41
CA ASP B 231 -12.89 1.01 18.42
C ASP B 231 -13.93 0.42 19.35
N PHE B 232 -15.17 0.30 18.89
CA PHE B 232 -16.25 -0.30 19.69
C PHE B 232 -15.98 -1.81 19.92
N ALA B 233 -15.58 -2.51 18.86
CA ALA B 233 -15.18 -3.92 19.01
C ALA B 233 -14.06 -4.12 20.00
N ALA B 234 -13.09 -3.19 20.02
CA ALA B 234 -11.96 -3.27 20.96
C ALA B 234 -12.41 -3.09 22.41
N GLN B 235 -13.35 -2.17 22.64
CA GLN B 235 -13.89 -1.99 23.99
C GLN B 235 -14.62 -3.27 24.46
N LEU B 236 -15.43 -3.86 23.56
CA LEU B 236 -16.12 -5.11 23.88
C LEU B 236 -15.14 -6.26 24.08
N ALA B 237 -14.10 -6.29 23.27
CA ALA B 237 -13.07 -7.34 23.36
C ALA B 237 -12.36 -7.31 24.70
N ASP B 238 -12.05 -6.11 25.18
CA ASP B 238 -11.38 -5.98 26.46
C ASP B 238 -12.26 -6.52 27.56
N LYS B 239 -13.55 -6.21 27.51
CA LYS B 239 -14.48 -6.72 28.50
C LYS B 239 -14.65 -8.24 28.41
N ALA B 240 -14.70 -8.78 27.19
CA ALA B 240 -14.92 -10.21 26.95
C ALA B 240 -13.72 -11.11 27.21
N GLY B 241 -12.52 -10.53 27.15
CA GLY B 241 -11.28 -11.30 27.16
C GLY B 241 -10.81 -11.81 25.80
N ALA B 242 -11.26 -11.20 24.71
CA ALA B 242 -10.81 -11.57 23.38
C ALA B 242 -9.52 -10.84 23.07
N ARG B 243 -8.77 -11.39 22.11
CA ARG B 243 -7.43 -10.90 21.77
CA ARG B 243 -7.43 -10.90 21.76
C ARG B 243 -7.33 -10.77 20.27
N LEU B 244 -6.87 -9.61 19.79
CA LEU B 244 -6.66 -9.40 18.37
C LEU B 244 -5.34 -10.06 17.96
N VAL B 245 -5.43 -10.98 17.00
CA VAL B 245 -4.28 -11.71 16.51
C VAL B 245 -4.05 -11.36 15.04
N GLN B 246 -2.80 -11.02 14.73
CA GLN B 246 -2.40 -10.81 13.33
C GLN B 246 -2.07 -12.17 12.71
N VAL B 247 -3.04 -12.77 12.04
CA VAL B 247 -2.94 -14.16 11.58
C VAL B 247 -2.08 -14.34 10.32
N ALA B 248 -1.97 -13.26 9.57
CA ALA B 248 -1.04 -13.13 8.44
C ALA B 248 -0.79 -11.62 8.33
N ARG B 249 0.21 -11.21 7.54
CA ARG B 249 0.54 -9.80 7.47
C ARG B 249 -0.69 -8.97 7.06
N ASP B 250 -0.96 -7.95 7.88
CA ASP B 250 -2.11 -7.07 7.80
C ASP B 250 -3.47 -7.77 7.76
N GLN B 251 -3.57 -8.94 8.39
CA GLN B 251 -4.84 -9.66 8.54
C GLN B 251 -5.06 -9.99 10.00
N TYR B 252 -6.15 -9.47 10.57
CA TYR B 252 -6.39 -9.58 12.01
C TYR B 252 -7.72 -10.23 12.28
N LEU B 253 -7.74 -11.05 13.34
CA LEU B 253 -8.99 -11.68 13.85
C LEU B 253 -8.93 -11.68 15.35
N TYR B 254 -10.08 -11.46 15.97
CA TYR B 254 -10.24 -11.72 17.40
C TYR B 254 -10.37 -13.20 17.67
N PHE B 255 -9.50 -13.69 18.56
CA PHE B 255 -9.60 -15.02 19.14
C PHE B 255 -10.04 -14.90 20.60
N ILE B 256 -10.59 -15.98 21.13
CA ILE B 256 -10.94 -16.04 22.54
C ILE B 256 -10.61 -17.44 23.04
N ASP B 257 -10.26 -17.56 24.31
CA ASP B 257 -9.97 -18.86 24.85
CA ASP B 257 -9.98 -18.88 24.86
C ASP B 257 -11.20 -19.77 24.68
N CYS B 258 -11.01 -20.97 24.16
CA CYS B 258 -12.16 -21.88 23.96
C CYS B 258 -12.83 -22.26 25.27
N ASN B 259 -12.08 -22.19 26.36
CA ASN B 259 -12.58 -22.43 27.72
CA ASN B 259 -12.61 -22.44 27.71
C ASN B 259 -13.20 -21.23 28.43
N THR B 260 -13.38 -20.12 27.72
CA THR B 260 -13.96 -18.92 28.33
CA THR B 260 -13.95 -18.93 28.32
C THR B 260 -15.35 -19.21 28.90
N ASP B 261 -15.69 -18.48 29.94
CA ASP B 261 -17.01 -18.54 30.55
C ASP B 261 -18.05 -17.98 29.58
N THR B 262 -18.98 -18.81 29.15
CA THR B 262 -20.08 -18.44 28.27
C THR B 262 -21.45 -18.54 28.94
N SER B 263 -21.47 -18.56 30.28
CA SER B 263 -22.73 -18.66 30.99
C SER B 263 -23.66 -17.49 30.88
N GLY B 264 -23.10 -16.32 30.59
CA GLY B 264 -23.87 -15.09 30.50
C GLY B 264 -24.55 -14.92 29.16
N THR B 265 -25.07 -13.71 28.96
CA THR B 265 -25.72 -13.37 27.71
C THR B 265 -25.28 -11.99 27.26
N THR B 266 -25.47 -11.73 25.97
CA THR B 266 -25.18 -10.45 25.38
C THR B 266 -26.46 -9.88 24.87
N VAL B 267 -26.76 -8.65 25.28
CA VAL B 267 -28.08 -8.05 25.10
C VAL B 267 -28.00 -6.88 24.13
N PHE B 268 -28.91 -6.84 23.16
CA PHE B 268 -28.95 -5.84 22.11
C PHE B 268 -30.21 -5.05 22.24
N ASN B 269 -30.06 -3.71 22.39
CA ASN B 269 -31.20 -2.83 22.64
C ASN B 269 -31.43 -1.94 21.42
N PHE B 270 -32.67 -1.99 20.94
CA PHE B 270 -33.11 -1.35 19.69
C PHE B 270 -34.19 -0.34 20.00
N GLY B 271 -34.81 0.25 18.98
CA GLY B 271 -35.81 1.28 19.27
C GLY B 271 -37.09 0.73 19.86
N ASN B 272 -37.93 1.64 20.40
CA ASN B 272 -39.33 1.28 20.75
C ASN B 272 -39.47 0.10 21.75
N GLY B 273 -38.52 0.06 22.66
CA GLY B 273 -38.47 -0.97 23.73
C GLY B 273 -37.87 -2.32 23.40
N ALA B 274 -37.44 -2.53 22.17
CA ALA B 274 -37.10 -3.86 21.74
C ALA B 274 -35.73 -4.26 22.23
N LYS B 275 -35.63 -5.54 22.57
CA LYS B 275 -34.42 -6.13 23.14
C LYS B 275 -34.30 -7.55 22.58
N ILE B 276 -33.09 -7.93 22.18
CA ILE B 276 -32.80 -9.32 21.80
C ILE B 276 -31.61 -9.78 22.63
N THR B 277 -31.79 -10.93 23.28
CA THR B 277 -30.78 -11.57 24.17
C THR B 277 -30.18 -12.76 23.47
N VAL B 278 -28.85 -12.80 23.45
CA VAL B 278 -28.08 -13.86 22.79
C VAL B 278 -27.25 -14.63 23.81
N PRO B 279 -27.35 -15.96 23.83
CA PRO B 279 -26.52 -16.75 24.76
C PRO B 279 -25.05 -16.60 24.41
N ASN B 280 -24.18 -16.55 25.41
CA ASN B 280 -22.78 -16.23 25.13
C ASN B 280 -21.99 -17.32 24.40
N THR B 281 -22.50 -18.55 24.35
CA THR B 281 -21.89 -19.57 23.50
C THR B 281 -21.83 -19.16 22.03
N GLU B 282 -22.72 -18.27 21.59
CA GLU B 282 -22.70 -17.75 20.23
C GLU B 282 -21.46 -16.93 19.92
N TYR B 283 -20.66 -16.58 20.94
CA TYR B 283 -19.44 -15.78 20.73
C TYR B 283 -18.17 -16.57 20.88
N VAL B 284 -18.28 -17.89 20.99
CA VAL B 284 -17.07 -18.74 20.98
C VAL B 284 -17.23 -19.69 19.81
N TYR B 285 -16.50 -19.43 18.74
CA TYR B 285 -16.62 -20.16 17.51
C TYR B 285 -15.47 -21.13 17.39
N GLN B 286 -15.77 -22.42 17.46
CA GLN B 286 -14.72 -23.45 17.34
C GLN B 286 -14.15 -23.50 15.93
N ASN B 287 -12.83 -23.35 15.83
CA ASN B 287 -12.18 -23.54 14.52
C ASN B 287 -11.89 -25.00 14.20
N GLY B 288 -12.00 -25.88 15.19
CA GLY B 288 -11.77 -27.32 14.96
C GLY B 288 -10.37 -27.83 15.21
N ASP B 289 -9.49 -26.93 15.62
CA ASP B 289 -8.09 -27.23 15.88
C ASP B 289 -7.68 -26.87 17.29
N GLY B 290 -8.64 -26.70 18.18
CA GLY B 290 -8.34 -26.29 19.53
C GLY B 290 -8.25 -24.80 19.79
N THR B 291 -8.47 -23.98 18.74
CA THR B 291 -8.58 -22.53 18.86
C THR B 291 -9.99 -22.08 18.54
N CYS B 292 -10.34 -20.89 18.99
CA CYS B 292 -11.68 -20.35 18.82
C CYS B 292 -11.61 -18.91 18.40
N LEU B 293 -12.39 -18.55 17.39
CA LEU B 293 -12.64 -17.13 17.13
C LEU B 293 -13.61 -16.58 18.12
N TRP B 294 -13.44 -15.31 18.45
CA TRP B 294 -14.54 -14.58 19.06
C TRP B 294 -15.66 -14.37 18.05
N GLY B 295 -16.90 -14.34 18.55
CA GLY B 295 -18.03 -14.12 17.67
C GLY B 295 -18.30 -12.70 17.27
N ILE B 296 -17.48 -11.77 17.75
CA ILE B 296 -17.45 -10.39 17.28
C ILE B 296 -16.10 -10.13 16.62
N GLN B 297 -16.14 -9.37 15.53
CA GLN B 297 -14.93 -9.05 14.72
C GLN B 297 -14.99 -7.60 14.32
N PRO B 298 -13.83 -7.00 14.01
CA PRO B 298 -13.84 -5.60 13.65
C PRO B 298 -14.17 -5.39 12.19
N SER B 299 -14.80 -4.25 11.88
CA SER B 299 -15.11 -3.88 10.47
C SER B 299 -15.36 -2.40 10.38
N ASP B 300 -15.32 -1.86 9.17
CA ASP B 300 -15.86 -0.51 8.95
C ASP B 300 -17.38 -0.51 9.03
N ASP B 301 -17.98 -1.69 8.76
CA ASP B 301 -19.44 -1.95 8.65
C ASP B 301 -19.97 -2.71 9.87
N THR B 302 -21.11 -2.28 10.43
CA THR B 302 -21.77 -2.93 11.56
C THR B 302 -22.76 -3.96 11.06
N ILE B 303 -22.58 -5.21 11.47
CA ILE B 303 -23.39 -6.32 10.94
C ILE B 303 -23.75 -7.25 12.08
N LEU B 304 -25.04 -7.50 12.26
CA LEU B 304 -25.52 -8.54 13.13
C LEU B 304 -25.84 -9.75 12.27
N GLY B 305 -24.96 -10.74 12.30
CA GLY B 305 -25.12 -11.92 11.46
C GLY B 305 -25.82 -13.06 12.17
N ASP B 306 -25.57 -14.29 11.72
CA ASP B 306 -26.35 -15.45 12.15
C ASP B 306 -26.26 -15.73 13.65
N ASN B 307 -25.11 -15.43 14.25
CA ASN B 307 -24.99 -15.67 15.69
C ASN B 307 -25.90 -14.79 16.53
N PHE B 308 -26.29 -13.64 15.99
CA PHE B 308 -27.36 -12.84 16.54
C PHE B 308 -28.75 -13.30 16.07
N LEU B 309 -28.93 -13.45 14.77
CA LEU B 309 -30.24 -13.61 14.16
C LEU B 309 -30.94 -14.90 14.54
N ARG B 310 -30.18 -15.94 14.91
CA ARG B 310 -30.78 -17.16 15.44
C ARG B 310 -31.68 -16.89 16.64
N HIS B 311 -31.46 -15.79 17.35
CA HIS B 311 -32.19 -15.51 18.59
C HIS B 311 -33.30 -14.50 18.44
N ALA B 312 -33.59 -14.10 17.21
CA ALA B 312 -34.68 -13.18 16.90
C ALA B 312 -35.62 -13.81 15.88
N TYR B 313 -36.88 -13.40 15.96
CA TYR B 313 -37.82 -13.57 14.84
C TYR B 313 -37.89 -12.21 14.15
N LEU B 314 -37.74 -12.18 12.82
CA LEU B 314 -37.69 -10.90 12.09
C LEU B 314 -38.66 -10.92 10.94
N LEU B 315 -39.44 -9.84 10.81
CA LEU B 315 -40.27 -9.60 9.63
C LEU B 315 -39.70 -8.37 8.92
N TYR B 316 -39.05 -8.62 7.77
CA TYR B 316 -38.47 -7.56 6.93
C TYR B 316 -39.57 -7.12 5.98
N ASN B 317 -39.82 -5.81 5.96
CA ASN B 317 -40.83 -5.23 5.08
C ASN B 317 -40.20 -4.14 4.26
N LEU B 318 -39.84 -4.54 3.04
CA LEU B 318 -39.12 -3.65 2.11
C LEU B 318 -40.03 -2.62 1.48
N ASP B 319 -41.34 -2.79 1.55
CA ASP B 319 -42.28 -1.76 1.06
C ASP B 319 -42.51 -0.70 2.12
N ALA B 320 -42.64 -1.14 3.38
CA ALA B 320 -42.85 -0.20 4.50
C ALA B 320 -41.54 0.34 5.01
N ASN B 321 -40.40 -0.27 4.63
CA ASN B 321 -39.09 0.11 5.16
C ASN B 321 -39.05 -0.03 6.67
N THR B 322 -39.51 -1.19 7.11
CA THR B 322 -39.44 -1.55 8.53
C THR B 322 -38.92 -2.95 8.68
N ILE B 323 -38.28 -3.24 9.80
CA ILE B 323 -37.99 -4.63 10.19
C ILE B 323 -38.53 -4.77 11.60
N SER B 324 -39.44 -5.74 11.75
CA SER B 324 -40.09 -5.97 13.04
C SER B 324 -39.40 -7.13 13.71
N ILE B 325 -39.08 -6.97 14.99
CA ILE B 325 -38.26 -7.95 15.69
C ILE B 325 -38.88 -8.34 17.03
N ALA B 326 -38.60 -9.56 17.43
CA ALA B 326 -39.02 -10.07 18.74
C ALA B 326 -38.07 -11.17 19.13
N GLN B 327 -37.97 -11.46 20.43
CA GLN B 327 -37.18 -12.59 20.93
C GLN B 327 -37.75 -13.88 20.38
N VAL B 328 -36.95 -14.72 19.76
CA VAL B 328 -37.49 -15.94 19.13
C VAL B 328 -38.03 -16.91 20.16
N LYS B 329 -39.05 -17.66 19.73
CA LYS B 329 -39.56 -18.84 20.44
C LYS B 329 -39.40 -20.02 19.50
N TYR B 330 -38.57 -20.99 19.90
CA TYR B 330 -38.34 -22.18 19.05
C TYR B 330 -39.50 -23.16 19.19
N THR B 331 -40.27 -23.32 18.12
CA THR B 331 -41.43 -24.19 18.14
C THR B 331 -41.75 -24.64 16.71
N THR B 332 -42.19 -25.89 16.57
CA THR B 332 -42.76 -26.35 15.31
C THR B 332 -44.19 -25.92 15.09
N ASP B 333 -44.85 -25.37 16.12
CA ASP B 333 -46.20 -24.84 15.91
C ASP B 333 -46.10 -23.66 14.95
N SER B 334 -47.13 -23.43 14.16
CA SER B 334 -47.15 -22.34 13.22
C SER B 334 -48.52 -21.65 13.22
N SER B 335 -48.49 -20.34 13.09
CA SER B 335 -49.68 -19.57 12.84
C SER B 335 -49.32 -18.51 11.81
N ILE B 336 -49.28 -18.93 10.56
CA ILE B 336 -48.80 -18.08 9.46
C ILE B 336 -49.93 -17.24 8.92
N SER B 337 -49.76 -15.93 8.92
CA SER B 337 -50.58 -15.24 8.11
CA SER B 337 -50.66 -14.99 8.25
C SER B 337 -49.91 -14.29 7.12
N ALA B 338 -50.63 -13.95 6.06
CA ALA B 338 -50.08 -13.16 4.97
C ALA B 338 -49.78 -11.74 5.42
N VAL B 339 -48.75 -11.18 4.79
CA VAL B 339 -48.50 -9.76 4.93
CA VAL B 339 -48.29 -9.80 4.92
C VAL B 339 -48.37 -9.21 3.52
N ASP C 1 0.16 21.20 14.66
CA ASP C 1 -0.75 22.32 15.09
C ASP C 1 -1.95 22.43 14.14
N SER C 2 -3.12 22.57 14.75
CA SER C 2 -4.35 22.81 13.99
C SER C 2 -5.07 24.03 14.48
N ILE C 3 -5.92 24.58 13.62
CA ILE C 3 -6.70 25.75 13.92
C ILE C 3 -8.17 25.45 13.60
N SER C 4 -8.99 25.40 14.64
CA SER C 4 -10.43 25.22 14.50
C SER C 4 -11.12 26.57 14.38
N LEU C 5 -12.07 26.68 13.46
CA LEU C 5 -12.80 27.87 13.20
C LEU C 5 -14.29 27.52 13.04
N SER C 6 -15.14 28.21 13.78
CA SER C 6 -16.55 27.96 13.71
CA SER C 6 -16.58 27.95 13.70
C SER C 6 -17.14 28.42 12.35
N LEU C 7 -18.08 27.66 11.82
CA LEU C 7 -18.80 27.96 10.60
C LEU C 7 -20.21 28.27 10.98
N ILE C 8 -20.62 29.53 10.81
CA ILE C 8 -21.94 29.95 11.18
C ILE C 8 -22.84 29.61 10.02
N ASN C 9 -23.87 28.79 10.28
CA ASN C 9 -24.85 28.45 9.22
C ASN C 9 -25.73 29.67 8.98
N GLU C 10 -25.50 30.35 7.85
CA GLU C 10 -26.25 31.57 7.47
C GLU C 10 -27.50 31.23 6.64
N GLY C 11 -27.65 29.95 6.27
CA GLY C 11 -28.76 29.48 5.43
C GLY C 11 -28.16 29.09 4.09
N PRO C 12 -28.04 30.02 3.15
CA PRO C 12 -27.41 29.67 1.89
C PRO C 12 -25.89 29.46 1.93
N SER C 13 -25.19 29.92 2.99
CA SER C 13 -23.73 29.96 3.05
C SER C 13 -23.28 29.74 4.49
N TYR C 14 -22.02 29.37 4.63
CA TYR C 14 -21.34 29.25 5.91
C TYR C 14 -20.17 30.23 5.95
N ALA C 15 -20.06 30.89 7.09
CA ALA C 15 -19.12 31.98 7.22
C ALA C 15 -18.44 31.90 8.57
N SER C 16 -17.32 32.58 8.62
CA SER C 16 -16.48 32.57 9.78
C SER C 16 -16.04 33.99 10.06
N LYS C 17 -15.64 34.21 11.29
CA LYS C 17 -15.05 35.46 11.69
C LYS C 17 -13.56 35.38 11.49
N VAL C 18 -13.02 36.35 10.74
CA VAL C 18 -11.60 36.45 10.41
C VAL C 18 -11.20 37.91 10.56
N SER C 19 -10.13 38.19 11.27
CA SER C 19 -9.73 39.61 11.45
C SER C 19 -8.59 39.99 10.52
N VAL C 20 -8.57 41.26 10.14
CA VAL C 20 -7.59 41.77 9.18
C VAL C 20 -7.02 43.07 9.74
N GLY C 21 -5.71 43.26 9.57
CA GLY C 21 -5.07 44.52 9.93
C GLY C 21 -4.38 44.50 11.27
N SER C 22 -3.57 45.51 11.48
CA SER C 22 -2.89 45.69 12.75
C SER C 22 -3.88 45.79 13.89
N ASN C 23 -5.02 46.39 13.63
CA ASN C 23 -6.10 46.62 14.60
C ASN C 23 -7.18 45.56 14.53
N LYS C 24 -6.91 44.44 13.87
CA LYS C 24 -7.75 43.21 13.98
C LYS C 24 -9.20 43.52 13.73
N GLN C 25 -9.48 44.06 12.55
CA GLN C 25 -10.83 44.43 12.21
C GLN C 25 -11.58 43.17 11.80
N GLN C 26 -12.65 42.84 12.50
CA GLN C 26 -13.32 41.56 12.29
C GLN C 26 -14.23 41.59 11.08
N GLN C 27 -13.98 40.64 10.19
CA GLN C 27 -14.82 40.41 9.02
C GLN C 27 -15.59 39.11 9.18
N THR C 28 -16.84 39.08 8.78
CA THR C 28 -17.61 37.84 8.71
C THR C 28 -17.69 37.46 7.23
N VAL C 29 -17.03 36.36 6.91
CA VAL C 29 -16.74 36.03 5.50
C VAL C 29 -17.07 34.59 5.20
N ILE C 30 -17.47 34.31 3.98
CA ILE C 30 -17.83 32.95 3.56
C ILE C 30 -16.57 32.10 3.34
N ILE C 31 -16.52 30.92 3.95
CA ILE C 31 -15.44 29.98 3.76
C ILE C 31 -15.73 29.20 2.49
N ASP C 32 -14.87 29.37 1.49
CA ASP C 32 -15.18 28.92 0.12
C ASP C 32 -14.09 28.03 -0.44
N THR C 33 -14.35 26.72 -0.51
CA THR C 33 -13.43 25.81 -1.19
C THR C 33 -13.54 25.93 -2.69
N GLY C 34 -14.53 26.69 -3.18
CA GLY C 34 -14.70 26.89 -4.63
C GLY C 34 -14.03 28.12 -5.21
N SER C 35 -13.26 28.85 -4.40
CA SER C 35 -12.46 29.95 -4.94
C SER C 35 -11.20 30.05 -4.10
N SER C 36 -10.28 30.92 -4.51
CA SER C 36 -8.92 30.89 -3.95
C SER C 36 -8.40 32.22 -3.43
N ASP C 37 -9.21 33.26 -3.50
CA ASP C 37 -8.80 34.59 -3.05
C ASP C 37 -9.63 35.02 -1.86
N PHE C 38 -8.97 35.71 -0.92
CA PHE C 38 -9.63 36.31 0.21
C PHE C 38 -9.84 37.79 -0.08
N TRP C 39 -11.08 38.23 -0.11
CA TRP C 39 -11.38 39.64 -0.24
C TRP C 39 -12.31 40.09 0.86
N VAL C 40 -12.21 41.38 1.19
CA VAL C 40 -12.95 42.00 2.26
C VAL C 40 -13.71 43.21 1.72
N VAL C 41 -14.83 43.53 2.35
CA VAL C 41 -15.63 44.70 1.95
C VAL C 41 -15.00 45.96 2.54
N ASP C 42 -14.53 46.86 1.68
CA ASP C 42 -13.94 48.11 2.19
C ASP C 42 -15.06 48.91 2.89
N SER C 43 -14.72 49.62 3.95
CA SER C 43 -15.72 50.43 4.68
CA SER C 43 -15.69 50.45 4.68
C SER C 43 -16.33 51.51 3.80
N ASN C 44 -15.61 51.95 2.77
CA ASN C 44 -16.10 52.94 1.82
C ASN C 44 -16.52 52.31 0.49
N ALA C 45 -16.80 51.00 0.48
CA ALA C 45 -17.26 50.36 -0.72
C ALA C 45 -18.62 50.91 -1.12
N GLN C 46 -18.90 50.83 -2.44
CA GLN C 46 -20.27 51.04 -2.89
C GLN C 46 -20.85 49.67 -3.24
N CYS C 47 -21.92 49.31 -2.53
CA CYS C 47 -22.60 48.06 -2.80
C CYS C 47 -23.33 48.14 -4.10
N GLY C 48 -23.50 47.00 -4.75
CA GLY C 48 -24.39 46.92 -5.86
C GLY C 48 -25.78 47.40 -5.50
N LYS C 49 -26.52 47.82 -6.52
CA LYS C 49 -27.85 48.34 -6.30
C LYS C 49 -28.69 47.27 -5.60
N GLY C 50 -29.29 47.66 -4.48
CA GLY C 50 -30.12 46.76 -3.71
C GLY C 50 -29.41 45.71 -2.88
N VAL C 51 -28.08 45.81 -2.77
CA VAL C 51 -27.31 44.81 -2.03
C VAL C 51 -26.87 45.41 -0.68
N ASP C 52 -27.11 44.67 0.40
CA ASP C 52 -26.70 45.10 1.76
C ASP C 52 -25.34 44.47 2.03
N CYS C 53 -24.27 45.08 1.52
CA CYS C 53 -22.93 44.50 1.60
C CYS C 53 -22.09 44.94 2.79
N LYS C 54 -22.58 45.86 3.63
CA LYS C 54 -21.77 46.37 4.76
C LYS C 54 -22.24 45.90 6.14
N SER C 55 -23.12 44.91 6.17
CA SER C 55 -23.69 44.44 7.44
CA SER C 55 -23.72 44.42 7.41
C SER C 55 -22.98 43.24 8.03
N SER C 56 -21.92 42.75 7.38
CA SER C 56 -21.15 41.60 7.86
C SER C 56 -19.67 41.92 8.16
N GLY C 57 -19.41 43.13 8.61
CA GLY C 57 -18.04 43.58 8.84
C GLY C 57 -17.51 44.30 7.62
N THR C 58 -16.67 45.29 7.87
CA THR C 58 -15.95 46.01 6.82
C THR C 58 -14.52 46.27 7.24
N PHE C 59 -13.70 46.55 6.24
CA PHE C 59 -12.28 46.78 6.45
C PHE C 59 -11.90 48.19 6.02
N THR C 60 -11.18 48.88 6.90
CA THR C 60 -10.67 50.24 6.63
C THR C 60 -9.15 50.14 6.53
N PRO C 61 -8.61 50.08 5.30
CA PRO C 61 -7.15 49.92 5.19
C PRO C 61 -6.35 51.00 5.92
N SER C 62 -6.85 52.23 5.88
CA SER C 62 -6.14 53.36 6.47
C SER C 62 -6.00 53.33 8.00
N SER C 63 -6.76 52.52 8.71
CA SER C 63 -6.55 52.38 10.14
C SER C 63 -5.66 51.17 10.51
N SER C 64 -5.21 50.40 9.52
CA SER C 64 -4.24 49.32 9.74
C SER C 64 -2.84 49.85 9.42
N SER C 65 -1.98 49.89 10.42
CA SER C 65 -0.62 50.37 10.22
C SER C 65 0.20 49.47 9.28
N SER C 66 -0.25 48.23 9.10
CA SER C 66 0.50 47.19 8.36
C SER C 66 0.01 46.98 6.93
N TYR C 67 -1.06 47.65 6.51
CA TYR C 67 -1.61 47.43 5.19
C TYR C 67 -0.63 47.91 4.11
N LYS C 68 -0.38 47.08 3.11
CA LYS C 68 0.46 47.45 1.99
C LYS C 68 -0.30 47.30 0.70
N ASN C 69 -0.34 48.37 -0.09
CA ASN C 69 -0.96 48.40 -1.43
CA ASN C 69 -0.92 48.34 -1.41
C ASN C 69 -0.02 47.68 -2.43
N LEU C 70 -0.56 46.78 -3.24
CA LEU C 70 0.23 46.15 -4.29
C LEU C 70 0.10 46.90 -5.63
N GLY C 71 -0.89 47.78 -5.78
CA GLY C 71 -0.99 48.64 -6.99
C GLY C 71 -1.60 47.91 -8.18
N ALA C 72 -2.41 46.91 -7.92
CA ALA C 72 -2.97 46.03 -8.95
C ALA C 72 -4.47 45.88 -8.72
N ALA C 73 -5.23 45.73 -9.80
CA ALA C 73 -6.68 45.54 -9.74
C ALA C 73 -7.06 44.10 -9.42
N PHE C 74 -8.15 43.98 -8.66
CA PHE C 74 -8.82 42.70 -8.39
C PHE C 74 -10.18 42.73 -9.00
N THR C 75 -10.51 41.68 -9.73
CA THR C 75 -11.86 41.54 -10.23
C THR C 75 -12.21 40.05 -10.28
N ILE C 76 -13.40 39.71 -9.85
CA ILE C 76 -13.86 38.31 -9.83
C ILE C 76 -15.34 38.28 -10.17
N ARG C 77 -15.75 37.17 -10.81
CA ARG C 77 -17.17 36.87 -11.05
C ARG C 77 -17.42 35.46 -10.57
N TYR C 78 -18.46 35.31 -9.79
CA TYR C 78 -18.82 34.00 -9.23
C TYR C 78 -19.87 33.32 -10.11
N GLY C 79 -20.00 32.01 -9.93
CA GLY C 79 -20.93 31.22 -10.79
C GLY C 79 -22.37 31.69 -10.76
N ASP C 80 -22.81 32.37 -9.71
CA ASP C 80 -24.18 32.88 -9.60
C ASP C 80 -24.38 34.28 -10.24
N GLY C 81 -23.29 34.80 -10.82
CA GLY C 81 -23.33 36.10 -11.53
C GLY C 81 -22.97 37.28 -10.66
N SER C 82 -22.83 37.11 -9.35
CA SER C 82 -22.34 38.21 -8.52
C SER C 82 -20.84 38.44 -8.78
N THR C 83 -20.42 39.68 -8.49
CA THR C 83 -19.06 40.13 -8.81
C THR C 83 -18.55 41.03 -7.68
N SER C 84 -17.22 41.15 -7.66
CA SER C 84 -16.50 42.07 -6.79
C SER C 84 -15.32 42.64 -7.52
N GLN C 85 -15.02 43.92 -7.27
CA GLN C 85 -13.84 44.58 -7.81
C GLN C 85 -13.21 45.43 -6.73
N GLY C 86 -11.89 45.52 -6.82
CA GLY C 86 -11.14 46.37 -5.93
C GLY C 86 -9.67 46.35 -6.24
N THR C 87 -8.84 46.33 -5.20
CA THR C 87 -7.40 46.36 -5.41
C THR C 87 -6.73 45.35 -4.53
N TRP C 88 -5.54 44.93 -4.92
CA TRP C 88 -4.78 43.96 -4.17
C TRP C 88 -3.93 44.66 -3.10
N GLY C 89 -3.82 44.03 -1.93
CA GLY C 89 -2.97 44.48 -0.84
C GLY C 89 -2.49 43.32 -0.03
N LYS C 90 -1.73 43.65 1.01
CA LYS C 90 -1.21 42.66 1.97
C LYS C 90 -1.44 43.20 3.35
N ASP C 91 -1.87 42.31 4.25
CA ASP C 91 -2.01 42.69 5.67
C ASP C 91 -1.99 41.44 6.53
N THR C 92 -1.97 41.68 7.83
CA THR C 92 -2.06 40.61 8.82
C THR C 92 -3.48 40.08 8.85
N VAL C 93 -3.58 38.75 8.83
CA VAL C 93 -4.85 38.03 8.92
C VAL C 93 -4.81 37.14 10.17
N THR C 94 -5.87 37.23 10.97
CA THR C 94 -5.95 36.51 12.23
C THR C 94 -7.18 35.60 12.22
N ILE C 95 -6.94 34.33 12.47
CA ILE C 95 -7.96 33.27 12.44
C ILE C 95 -7.90 32.59 13.79
N ASN C 96 -9.00 32.70 14.53
CA ASN C 96 -9.11 32.18 15.92
C ASN C 96 -7.82 32.45 16.73
N GLY C 97 -7.43 33.72 16.72
CA GLY C 97 -6.29 34.18 17.45
C GLY C 97 -4.91 33.96 16.87
N VAL C 98 -4.81 33.23 15.75
CA VAL C 98 -3.54 32.87 15.12
C VAL C 98 -3.34 33.84 13.94
N SER C 99 -2.25 34.59 13.99
CA SER C 99 -1.97 35.60 12.98
C SER C 99 -0.91 35.19 11.97
N ILE C 100 -1.18 35.49 10.70
CA ILE C 100 -0.18 35.42 9.64
C ILE C 100 0.07 36.81 9.09
N THR C 101 1.35 37.13 8.86
CA THR C 101 1.73 38.45 8.36
C THR C 101 1.82 38.51 6.84
N GLY C 102 1.62 39.69 6.28
CA GLY C 102 1.88 39.92 4.86
C GLY C 102 1.02 39.06 3.94
N GLN C 103 -0.22 38.76 4.35
CA GLN C 103 -1.08 37.94 3.53
C GLN C 103 -1.73 38.82 2.44
N GLN C 104 -1.60 38.35 1.21
CA GLN C 104 -2.24 39.05 0.10
C GLN C 104 -3.75 38.81 0.10
N ILE C 105 -4.49 39.91 0.02
CA ILE C 105 -5.94 39.95 0.06
C ILE C 105 -6.40 41.00 -0.95
N ALA C 106 -7.69 41.06 -1.23
CA ALA C 106 -8.24 42.16 -2.04
C ALA C 106 -9.13 43.04 -1.18
N ASP C 107 -8.93 44.34 -1.32
CA ASP C 107 -9.71 45.40 -0.73
C ASP C 107 -10.78 45.74 -1.75
N VAL C 108 -12.01 45.29 -1.51
CA VAL C 108 -13.10 45.44 -2.47
C VAL C 108 -13.93 46.67 -2.23
N THR C 109 -14.01 47.49 -3.28
CA THR C 109 -14.76 48.77 -3.23
C THR C 109 -16.07 48.78 -4.01
N GLN C 110 -16.35 47.71 -4.73
CA GLN C 110 -17.63 47.54 -5.38
C GLN C 110 -17.96 46.07 -5.38
N THR C 111 -19.18 45.71 -4.94
CA THR C 111 -19.54 44.31 -4.90
C THR C 111 -21.03 44.13 -4.89
N SER C 112 -21.48 43.09 -5.55
CA SER C 112 -22.87 42.67 -5.45
C SER C 112 -23.04 41.46 -4.55
N VAL C 113 -21.99 41.07 -3.84
CA VAL C 113 -22.04 39.98 -2.85
C VAL C 113 -22.31 40.63 -1.49
N ASP C 114 -23.01 39.92 -0.61
CA ASP C 114 -23.40 40.46 0.69
C ASP C 114 -22.28 40.57 1.70
N GLN C 115 -21.18 39.85 1.50
CA GLN C 115 -20.11 39.80 2.46
C GLN C 115 -18.85 39.33 1.77
N GLY C 116 -17.73 39.51 2.44
CA GLY C 116 -16.46 39.07 1.89
C GLY C 116 -16.39 37.54 1.80
N ILE C 117 -15.39 37.05 1.07
CA ILE C 117 -15.22 35.62 0.79
C ILE C 117 -13.79 35.24 1.06
N LEU C 118 -13.59 34.21 1.88
CA LEU C 118 -12.28 33.64 2.12
C LEU C 118 -12.12 32.37 1.26
N GLY C 119 -11.58 32.57 0.07
CA GLY C 119 -11.30 31.45 -0.84
C GLY C 119 -10.06 30.70 -0.37
N ILE C 120 -10.18 29.38 -0.23
CA ILE C 120 -9.12 28.53 0.33
C ILE C 120 -8.75 27.38 -0.59
N GLY C 121 -9.10 27.52 -1.87
CA GLY C 121 -8.70 26.54 -2.88
C GLY C 121 -7.26 26.67 -3.33
N TYR C 122 -6.97 25.99 -4.42
CA TYR C 122 -5.62 25.95 -4.97
C TYR C 122 -5.17 27.35 -5.44
N THR C 123 -3.91 27.68 -5.22
CA THR C 123 -3.39 28.96 -5.73
C THR C 123 -3.51 29.08 -7.25
N SER C 124 -3.45 27.97 -7.97
CA SER C 124 -3.53 28.02 -9.42
C SER C 124 -4.89 28.47 -9.91
N ASN C 125 -5.90 28.49 -9.06
CA ASN C 125 -7.24 28.93 -9.43
C ASN C 125 -7.55 30.37 -9.03
N GLU C 126 -6.57 31.13 -8.56
CA GLU C 126 -6.76 32.53 -8.20
C GLU C 126 -7.29 33.35 -9.37
N ALA C 127 -8.09 34.34 -9.01
CA ALA C 127 -8.68 35.26 -10.01
C ALA C 127 -7.71 36.39 -10.31
N VAL C 128 -6.73 36.10 -11.16
CA VAL C 128 -5.60 36.97 -11.47
C VAL C 128 -5.77 37.68 -12.82
N TYR C 129 -6.97 37.68 -13.39
CA TYR C 129 -7.23 38.25 -14.72
C TYR C 129 -8.34 39.23 -14.62
N ASP C 130 -8.43 40.06 -15.65
CA ASP C 130 -9.59 40.92 -15.86
C ASP C 130 -10.44 40.34 -16.98
N THR C 131 -11.51 41.05 -17.37
CA THR C 131 -12.46 40.53 -18.34
C THR C 131 -11.91 40.41 -19.78
N SER C 132 -10.78 41.03 -20.04
CA SER C 132 -10.13 40.84 -21.34
C SER C 132 -9.19 39.64 -21.35
N GLY C 133 -8.98 39.04 -20.18
CA GLY C 133 -8.00 37.94 -20.04
C GLY C 133 -6.61 38.38 -19.69
N ARG C 134 -6.36 39.69 -19.70
CA ARG C 134 -5.11 40.24 -19.26
C ARG C 134 -4.90 39.99 -17.75
N GLN C 135 -3.67 39.76 -17.38
CA GLN C 135 -3.27 39.50 -15.99
C GLN C 135 -3.26 40.77 -15.18
N THR C 136 -3.84 40.73 -13.99
CA THR C 136 -3.84 41.87 -13.06
C THR C 136 -2.70 41.77 -12.08
N THR C 137 -2.35 40.53 -11.67
CA THR C 137 -1.24 40.30 -10.75
C THR C 137 -0.79 38.83 -10.88
N PRO C 138 0.43 38.49 -10.44
CA PRO C 138 0.81 37.09 -10.52
C PRO C 138 0.07 36.17 -9.54
N ASN C 139 0.09 34.88 -9.79
CA ASN C 139 -0.31 33.93 -8.76
C ASN C 139 0.53 34.11 -7.53
N TYR C 140 -0.07 33.83 -6.38
CA TYR C 140 0.50 34.22 -5.08
C TYR C 140 0.10 33.22 -3.98
N ASP C 141 0.70 33.35 -2.81
CA ASP C 141 0.38 32.46 -1.70
C ASP C 141 -0.92 32.91 -1.05
N ASN C 142 -1.97 32.10 -1.16
CA ASN C 142 -3.25 32.38 -0.52
C ASN C 142 -3.21 31.86 0.92
N VAL C 143 -4.34 32.01 1.64
CA VAL C 143 -4.30 31.82 3.10
C VAL C 143 -3.76 30.46 3.53
N PRO C 144 -4.23 29.35 2.96
CA PRO C 144 -3.71 28.05 3.42
C PRO C 144 -2.21 27.87 3.21
N VAL C 145 -1.70 28.38 2.10
CA VAL C 145 -0.27 28.31 1.82
C VAL C 145 0.50 29.11 2.86
N THR C 146 0.03 30.28 3.19
CA THR C 146 0.72 31.10 4.18
C THR C 146 0.66 30.51 5.58
N LEU C 147 -0.48 29.95 5.96
CA LEU C 147 -0.53 29.26 7.25
C LEU C 147 0.56 28.21 7.37
N LYS C 148 0.76 27.44 6.31
CA LYS C 148 1.83 26.46 6.27
C LYS C 148 3.22 27.09 6.30
N LYS C 149 3.46 28.08 5.47
CA LYS C 149 4.81 28.66 5.34
CA LYS C 149 4.80 28.66 5.31
C LYS C 149 5.25 29.35 6.61
N GLN C 150 4.32 29.92 7.35
CA GLN C 150 4.63 30.60 8.60
C GLN C 150 4.55 29.64 9.80
N GLY C 151 4.38 28.34 9.55
CA GLY C 151 4.53 27.34 10.62
C GLY C 151 3.31 27.15 11.48
N LYS C 152 2.16 27.64 11.03
CA LYS C 152 0.94 27.54 11.84
C LYS C 152 0.24 26.19 11.66
N ILE C 153 0.42 25.56 10.51
CA ILE C 153 -0.05 24.22 10.22
C ILE C 153 1.08 23.49 9.51
N ARG C 154 1.08 22.17 9.59
CA ARG C 154 2.15 21.34 9.03
C ARG C 154 1.96 21.13 7.51
N THR C 155 0.70 20.99 7.13
CA THR C 155 0.30 20.56 5.80
C THR C 155 -0.80 21.53 5.34
N ASN C 156 -0.79 21.88 4.03
CA ASN C 156 -1.91 22.63 3.45
C ASN C 156 -3.10 21.69 3.29
N ALA C 157 -3.89 21.64 4.33
CA ALA C 157 -5.02 20.71 4.46
C ALA C 157 -6.02 21.30 5.41
N TYR C 158 -7.28 20.92 5.25
CA TYR C 158 -8.32 21.33 6.17
C TYR C 158 -9.48 20.39 6.11
N SER C 159 -10.12 20.19 7.27
CA SER C 159 -11.28 19.33 7.39
C SER C 159 -12.55 20.17 7.46
N LEU C 160 -13.60 19.76 6.77
CA LEU C 160 -14.85 20.48 6.67
C LEU C 160 -15.97 19.66 7.31
N TYR C 161 -16.60 20.25 8.32
CA TYR C 161 -17.77 19.72 9.00
C TYR C 161 -18.86 20.78 9.00
N LEU C 162 -19.72 20.77 7.99
CA LEU C 162 -20.79 21.72 7.93
C LEU C 162 -21.82 21.45 9.01
N ASN C 163 -21.90 20.20 9.48
CA ASN C 163 -22.90 19.81 10.47
C ASN C 163 -24.30 19.66 9.84
N SER C 164 -25.27 19.30 10.68
CA SER C 164 -26.58 18.91 10.19
C SER C 164 -27.40 20.09 9.64
N PRO C 165 -28.44 19.78 8.88
CA PRO C 165 -29.23 20.86 8.31
C PRO C 165 -29.80 21.85 9.33
N SER C 166 -30.13 21.37 10.52
CA SER C 166 -30.66 22.19 11.62
C SER C 166 -29.61 22.83 12.53
N ALA C 167 -28.34 22.47 12.33
CA ALA C 167 -27.28 23.00 13.18
C ALA C 167 -27.04 24.49 12.97
N GLU C 168 -26.81 25.18 14.08
CA GLU C 168 -26.45 26.60 14.01
C GLU C 168 -25.02 26.82 13.57
N THR C 169 -24.12 25.87 13.92
CA THR C 169 -22.71 26.00 13.58
C THR C 169 -22.08 24.67 13.20
N GLY C 170 -21.07 24.76 12.33
CA GLY C 170 -20.15 23.67 12.05
C GLY C 170 -18.74 24.12 12.32
N THR C 171 -17.78 23.41 11.78
CA THR C 171 -16.40 23.69 12.04
C THR C 171 -15.57 23.41 10.83
N ILE C 172 -14.60 24.28 10.53
CA ILE C 172 -13.48 23.94 9.65
C ILE C 172 -12.21 23.84 10.48
N ILE C 173 -11.36 22.86 10.21
CA ILE C 173 -10.09 22.74 10.94
C ILE C 173 -8.97 22.80 9.92
N PHE C 174 -8.19 23.88 9.98
CA PHE C 174 -6.99 23.99 9.20
C PHE C 174 -5.90 23.14 9.84
N GLY C 175 -5.30 22.28 9.06
CA GLY C 175 -4.20 21.47 9.53
C GLY C 175 -4.59 20.41 10.54
N GLY C 176 -5.85 19.97 10.56
CA GLY C 176 -6.27 18.92 11.49
C GLY C 176 -7.50 18.21 11.00
N VAL C 177 -7.91 17.23 11.79
CA VAL C 177 -9.03 16.35 11.50
C VAL C 177 -9.72 15.95 12.81
N ASP C 178 -11.04 15.85 12.81
CA ASP C 178 -11.82 15.38 13.97
C ASP C 178 -12.33 14.00 13.63
N ASN C 179 -11.64 12.99 14.12
CA ASN C 179 -11.95 11.60 13.85
C ASN C 179 -13.19 11.07 14.55
N ALA C 180 -13.84 11.87 15.40
CA ALA C 180 -15.12 11.47 16.01
C ALA C 180 -16.32 11.69 15.09
N LYS C 181 -16.16 12.49 14.02
CA LYS C 181 -17.32 13.03 13.29
C LYS C 181 -17.58 12.33 11.95
N TYR C 182 -17.23 11.08 11.84
CA TYR C 182 -17.61 10.29 10.67
C TYR C 182 -17.66 8.82 11.07
N SER C 183 -18.36 8.04 10.27
CA SER C 183 -18.35 6.59 10.45
CA SER C 183 -18.37 6.57 10.42
C SER C 183 -17.52 5.95 9.35
N GLY C 184 -17.09 4.71 9.56
CA GLY C 184 -16.20 4.07 8.60
C GLY C 184 -14.84 4.74 8.56
N LYS C 185 -14.15 4.59 7.43
CA LYS C 185 -12.81 5.18 7.28
C LYS C 185 -12.87 6.31 6.28
N LEU C 186 -12.06 7.33 6.52
CA LEU C 186 -11.80 8.33 5.49
C LEU C 186 -11.13 7.70 4.30
N VAL C 187 -11.75 7.82 3.13
CA VAL C 187 -11.21 7.25 1.90
C VAL C 187 -10.62 8.38 1.06
N ALA C 188 -9.31 8.32 0.82
CA ALA C 188 -8.62 9.31 0.02
C ALA C 188 -9.04 9.15 -1.42
N GLU C 189 -9.45 10.26 -2.04
CA GLU C 189 -9.78 10.31 -3.46
C GLU C 189 -8.84 11.27 -4.15
N GLN C 190 -8.31 10.89 -5.30
CA GLN C 190 -7.43 11.78 -6.04
C GLN C 190 -8.23 13.00 -6.56
N VAL C 191 -7.66 14.19 -6.43
CA VAL C 191 -8.25 15.40 -7.03
C VAL C 191 -8.01 15.34 -8.52
N THR C 192 -9.05 15.59 -9.32
CA THR C 192 -8.98 15.32 -10.76
C THR C 192 -8.68 16.54 -11.63
N SER C 193 -8.46 17.68 -10.98
CA SER C 193 -8.09 18.94 -11.63
C SER C 193 -6.89 19.50 -10.90
N SER C 194 -6.03 20.25 -11.59
CA SER C 194 -4.97 20.97 -10.89
C SER C 194 -5.37 22.37 -10.44
N GLN C 195 -6.57 22.79 -10.77
CA GLN C 195 -7.08 24.08 -10.35
C GLN C 195 -8.31 24.02 -9.45
N ALA C 196 -9.18 23.03 -9.62
CA ALA C 196 -10.44 22.93 -8.86
C ALA C 196 -10.39 21.74 -7.94
N LEU C 197 -11.08 21.84 -6.80
CA LEU C 197 -11.13 20.72 -5.83
C LEU C 197 -12.26 19.77 -6.22
N THR C 198 -11.99 19.02 -7.29
CA THR C 198 -12.95 18.04 -7.85
CA THR C 198 -12.92 18.08 -7.86
C THR C 198 -12.45 16.63 -7.59
N ILE C 199 -13.38 15.70 -7.39
CA ILE C 199 -13.10 14.25 -7.34
C ILE C 199 -14.05 13.55 -8.31
N SER C 200 -13.66 12.38 -8.78
CA SER C 200 -14.47 11.66 -9.74
CA SER C 200 -14.47 11.61 -9.74
C SER C 200 -15.75 11.08 -9.11
N LEU C 201 -16.87 11.43 -9.70
CA LEU C 201 -18.20 10.95 -9.26
C LEU C 201 -18.63 9.87 -10.27
N ALA C 202 -18.64 8.62 -9.84
CA ALA C 202 -18.92 7.51 -10.75
C ALA C 202 -20.40 7.41 -11.13
N SER C 203 -21.27 7.58 -10.14
CA SER C 203 -22.71 7.35 -10.34
C SER C 203 -23.49 7.96 -9.23
N VAL C 204 -24.76 8.22 -9.51
CA VAL C 204 -25.73 8.72 -8.56
C VAL C 204 -26.89 7.73 -8.54
N ASN C 205 -27.29 7.29 -7.36
CA ASN C 205 -28.48 6.41 -7.23
C ASN C 205 -29.60 7.28 -6.67
N LEU C 206 -30.63 7.51 -7.48
CA LEU C 206 -31.78 8.32 -7.14
C LEU C 206 -33.05 7.49 -7.32
N LYS C 207 -33.89 7.50 -6.31
CA LYS C 207 -35.13 6.73 -6.27
C LYS C 207 -34.84 5.26 -6.58
N GLY C 208 -33.72 4.77 -6.08
CA GLY C 208 -33.33 3.38 -6.23
C GLY C 208 -32.59 2.97 -7.48
N SER C 209 -32.48 3.87 -8.46
CA SER C 209 -31.86 3.56 -9.76
C SER C 209 -30.55 4.26 -9.89
N SER C 210 -29.56 3.55 -10.36
CA SER C 210 -28.27 4.15 -10.69
C SER C 210 -28.26 4.89 -12.01
N PHE C 211 -27.64 6.06 -12.01
CA PHE C 211 -27.41 6.90 -13.18
C PHE C 211 -25.88 7.06 -13.29
N SER C 212 -25.29 6.54 -14.36
CA SER C 212 -23.86 6.60 -14.60
C SER C 212 -23.43 8.01 -14.89
N PHE C 213 -22.31 8.42 -14.27
CA PHE C 213 -21.80 9.77 -14.42
C PHE C 213 -20.37 9.68 -14.95
N GLY C 214 -19.38 9.65 -14.05
N GLY C 214 -19.36 9.65 -14.08
CA GLY C 214 -17.98 9.39 -14.43
CA GLY C 214 -17.97 9.46 -14.51
C GLY C 214 -17.07 10.60 -14.50
C GLY C 214 -17.25 10.73 -14.94
N ASP C 215 -17.62 11.78 -14.26
N ASP C 215 -17.48 11.80 -14.20
CA ASP C 215 -16.84 13.01 -14.37
CA ASP C 215 -16.72 13.02 -14.40
C ASP C 215 -16.64 13.70 -13.01
C ASP C 215 -16.51 13.61 -13.03
N GLY C 216 -15.74 14.68 -13.00
CA GLY C 216 -15.38 15.36 -11.79
C GLY C 216 -16.49 16.19 -11.21
N ALA C 217 -16.57 16.24 -9.88
CA ALA C 217 -17.56 17.03 -9.17
C ALA C 217 -16.83 17.91 -8.17
N LEU C 218 -17.08 19.20 -8.23
CA LEU C 218 -16.45 20.17 -7.34
C LEU C 218 -17.11 20.08 -5.97
N LEU C 219 -16.29 19.95 -4.92
CA LEU C 219 -16.79 19.85 -3.55
C LEU C 219 -16.70 21.23 -2.94
N ASP C 220 -17.76 22.00 -3.15
CA ASP C 220 -17.72 23.46 -2.92
C ASP C 220 -18.54 23.88 -1.73
N SER C 221 -17.88 24.25 -0.64
CA SER C 221 -18.56 24.80 0.53
C SER C 221 -19.37 26.07 0.26
N GLY C 222 -18.94 26.83 -0.74
CA GLY C 222 -19.60 28.08 -1.07
C GLY C 222 -20.70 28.00 -2.10
N THR C 223 -21.22 26.82 -2.40
CA THR C 223 -22.41 26.68 -3.20
C THR C 223 -23.52 26.09 -2.34
N THR C 224 -24.75 26.60 -2.48
CA THR C 224 -25.86 26.19 -1.63
C THR C 224 -26.41 24.82 -2.06
N LEU C 225 -26.62 24.64 -3.35
CA LEU C 225 -27.29 23.46 -3.87
C LEU C 225 -26.33 22.57 -4.62
N THR C 226 -26.86 21.66 -5.41
CA THR C 226 -26.09 20.75 -6.26
C THR C 226 -26.39 21.02 -7.72
N TYR C 227 -25.36 21.02 -8.55
CA TYR C 227 -25.45 21.38 -9.97
C TYR C 227 -24.90 20.26 -10.81
N PHE C 228 -25.63 19.88 -11.86
CA PHE C 228 -25.16 18.89 -12.84
C PHE C 228 -25.33 19.41 -14.29
N PRO C 229 -24.59 18.81 -15.23
CA PRO C 229 -24.82 19.10 -16.66
C PRO C 229 -26.28 18.95 -17.01
N SER C 230 -26.76 19.80 -17.91
CA SER C 230 -28.20 19.90 -18.18
C SER C 230 -28.87 18.58 -18.53
N ASP C 231 -28.23 17.79 -19.39
CA ASP C 231 -28.85 16.51 -19.78
C ASP C 231 -28.94 15.53 -18.63
N PHE C 232 -27.90 15.46 -17.82
CA PHE C 232 -27.90 14.57 -16.66
C PHE C 232 -28.92 15.07 -15.63
N ALA C 233 -28.92 16.36 -15.36
CA ALA C 233 -29.91 16.93 -14.45
C ALA C 233 -31.34 16.64 -14.89
N ALA C 234 -31.59 16.68 -16.19
CA ALA C 234 -32.93 16.41 -16.71
C ALA C 234 -33.34 14.98 -16.52
N GLN C 235 -32.39 14.05 -16.67
CA GLN C 235 -32.68 12.66 -16.43
C GLN C 235 -33.05 12.43 -14.97
N LEU C 236 -32.28 13.02 -14.06
CA LEU C 236 -32.60 12.94 -12.63
C LEU C 236 -33.93 13.60 -12.30
N ALA C 237 -34.22 14.73 -12.90
CA ALA C 237 -35.44 15.48 -12.62
C ALA C 237 -36.66 14.69 -13.04
N ASP C 238 -36.59 13.99 -14.16
CA ASP C 238 -37.68 13.11 -14.59
C ASP C 238 -37.96 12.02 -13.57
N LYS C 239 -36.90 11.40 -13.06
CA LYS C 239 -37.06 10.40 -12.01
C LYS C 239 -37.60 11.00 -10.70
N ALA C 240 -37.15 12.20 -10.34
CA ALA C 240 -37.50 12.84 -9.07
C ALA C 240 -38.88 13.48 -9.04
N GLY C 241 -39.41 13.80 -10.22
CA GLY C 241 -40.66 14.52 -10.34
C GLY C 241 -40.48 16.02 -10.32
N ALA C 242 -39.27 16.51 -10.62
CA ALA C 242 -38.99 17.95 -10.65
C ALA C 242 -39.38 18.54 -12.01
N ARG C 243 -39.65 19.83 -12.01
CA ARG C 243 -40.17 20.54 -13.19
C ARG C 243 -39.25 21.69 -13.51
N LEU C 244 -38.83 21.74 -14.76
CA LEU C 244 -37.98 22.83 -15.19
C LEU C 244 -38.83 24.08 -15.51
N VAL C 245 -38.49 25.20 -14.90
CA VAL C 245 -39.29 26.45 -14.96
C VAL C 245 -38.38 27.57 -15.43
N GLN C 246 -38.82 28.32 -16.44
CA GLN C 246 -38.10 29.52 -16.87
C GLN C 246 -38.47 30.65 -15.90
N VAL C 247 -37.49 31.11 -15.12
CA VAL C 247 -37.74 32.10 -14.02
C VAL C 247 -37.47 33.56 -14.42
N ALA C 248 -36.59 33.76 -15.39
CA ALA C 248 -36.45 35.04 -16.10
C ALA C 248 -35.93 34.74 -17.50
N ARG C 249 -35.84 35.78 -18.34
CA ARG C 249 -35.39 35.61 -19.72
C ARG C 249 -34.01 34.95 -19.74
N ASP C 250 -33.96 33.72 -20.26
CA ASP C 250 -32.74 32.91 -20.37
CA ASP C 250 -32.74 32.90 -20.37
C ASP C 250 -32.19 32.42 -19.02
N GLN C 251 -33.06 32.27 -18.02
CA GLN C 251 -32.69 31.75 -16.68
C GLN C 251 -33.68 30.64 -16.23
N TYR C 252 -33.18 29.42 -15.96
CA TYR C 252 -34.04 28.23 -15.69
C TYR C 252 -33.74 27.52 -14.37
N LEU C 253 -34.79 27.13 -13.64
CA LEU C 253 -34.63 26.41 -12.36
C LEU C 253 -35.60 25.27 -12.24
N TYR C 254 -35.17 24.17 -11.59
CA TYR C 254 -36.04 23.07 -11.25
C TYR C 254 -36.77 23.40 -9.98
N PHE C 255 -38.08 23.29 -10.05
CA PHE C 255 -38.97 23.31 -8.91
C PHE C 255 -39.44 21.91 -8.63
N ILE C 256 -39.99 21.71 -7.43
CA ILE C 256 -40.53 20.44 -7.05
C ILE C 256 -41.64 20.67 -6.06
N ASP C 257 -42.61 19.77 -6.07
CA ASP C 257 -43.77 19.94 -5.17
CA ASP C 257 -43.78 19.91 -5.17
C ASP C 257 -43.26 19.99 -3.72
N CYS C 258 -43.73 20.98 -2.96
CA CYS C 258 -43.29 21.06 -1.53
C CYS C 258 -43.71 19.85 -0.68
N ASN C 259 -44.77 19.15 -1.09
CA ASN C 259 -45.22 17.96 -0.40
CA ASN C 259 -45.21 17.95 -0.38
C ASN C 259 -44.62 16.65 -0.94
N THR C 260 -43.56 16.75 -1.77
CA THR C 260 -42.92 15.56 -2.35
CA THR C 260 -42.91 15.57 -2.33
C THR C 260 -42.42 14.62 -1.25
N ASP C 261 -42.51 13.32 -1.53
CA ASP C 261 -41.98 12.29 -0.64
C ASP C 261 -40.46 12.45 -0.57
N THR C 262 -39.94 12.77 0.61
CA THR C 262 -38.50 12.90 0.87
C THR C 262 -38.00 11.84 1.80
N SER C 263 -38.69 10.70 1.94
CA SER C 263 -38.26 9.64 2.83
C SER C 263 -37.03 8.87 2.36
N GLY C 264 -36.79 8.89 1.04
CA GLY C 264 -35.67 8.18 0.44
C GLY C 264 -34.36 8.91 0.60
N THR C 265 -33.34 8.35 -0.04
CA THR C 265 -31.99 8.91 -0.01
C THR C 265 -31.42 8.92 -1.42
N THR C 266 -30.48 9.83 -1.63
CA THR C 266 -29.75 9.96 -2.89
C THR C 266 -28.31 9.62 -2.61
N VAL C 267 -27.77 8.68 -3.36
CA VAL C 267 -26.47 8.10 -3.06
C VAL C 267 -25.45 8.47 -4.09
N PHE C 268 -24.26 8.91 -3.65
CA PHE C 268 -23.17 9.38 -4.52
C PHE C 268 -22.01 8.44 -4.40
N ASN C 269 -21.66 7.77 -5.50
CA ASN C 269 -20.58 6.77 -5.52
C ASN C 269 -19.33 7.39 -6.11
N PHE C 270 -18.25 7.31 -5.34
CA PHE C 270 -16.95 7.90 -5.66
C PHE C 270 -15.94 6.76 -5.82
N GLY C 271 -14.67 7.11 -5.98
CA GLY C 271 -13.62 6.07 -6.17
C GLY C 271 -13.34 5.22 -4.95
N ASN C 272 -12.72 4.06 -5.20
CA ASN C 272 -12.16 3.23 -4.12
C ASN C 272 -13.26 2.78 -3.13
N GLY C 273 -14.44 2.53 -3.68
CA GLY C 273 -15.60 2.04 -2.94
C GLY C 273 -16.30 3.04 -2.01
N ALA C 274 -15.93 4.31 -2.05
CA ALA C 274 -16.53 5.29 -1.13
C ALA C 274 -17.89 5.74 -1.63
N LYS C 275 -18.75 6.04 -0.67
CA LYS C 275 -20.14 6.36 -0.92
C LYS C 275 -20.55 7.42 0.08
N ILE C 276 -21.32 8.42 -0.37
CA ILE C 276 -21.99 9.37 0.53
C ILE C 276 -23.47 9.36 0.27
N THR C 277 -24.26 9.22 1.33
CA THR C 277 -25.72 9.18 1.24
C THR C 277 -26.31 10.46 1.76
N VAL C 278 -27.24 11.04 1.00
CA VAL C 278 -27.89 12.31 1.37
C VAL C 278 -29.39 12.08 1.57
N PRO C 279 -29.94 12.52 2.71
CA PRO C 279 -31.41 12.41 2.89
C PRO C 279 -32.17 13.28 1.94
N ASN C 280 -33.30 12.81 1.46
CA ASN C 280 -33.96 13.51 0.35
C ASN C 280 -34.59 14.83 0.72
N THR C 281 -34.71 15.13 2.03
CA THR C 281 -35.16 16.48 2.40
CA THR C 281 -35.07 16.50 2.49
C THR C 281 -34.19 17.58 1.89
N GLU C 282 -32.93 17.21 1.63
CA GLU C 282 -31.96 18.12 1.08
C GLU C 282 -32.29 18.58 -0.32
N TYR C 283 -33.28 17.94 -0.98
CA TYR C 283 -33.63 18.31 -2.36
C TYR C 283 -34.95 19.08 -2.45
N VAL C 284 -35.53 19.44 -1.31
CA VAL C 284 -36.72 20.31 -1.28
C VAL C 284 -36.34 21.58 -0.51
N TYR C 285 -36.20 22.68 -1.24
CA TYR C 285 -35.74 23.96 -0.70
C TYR C 285 -36.95 24.85 -0.65
N GLN C 286 -37.41 25.18 0.56
CA GLN C 286 -38.61 25.99 0.73
C GLN C 286 -38.33 27.42 0.33
N ASN C 287 -39.18 27.97 -0.54
CA ASN C 287 -39.09 29.39 -0.89
C ASN C 287 -39.91 30.24 0.06
N GLY C 288 -40.78 29.61 0.85
CA GLY C 288 -41.59 30.30 1.86
C GLY C 288 -42.96 30.75 1.40
N ASP C 289 -43.27 30.52 0.13
CA ASP C 289 -44.52 30.99 -0.52
C ASP C 289 -45.39 29.80 -1.00
N GLY C 290 -45.10 28.62 -0.48
CA GLY C 290 -45.72 27.39 -0.94
C GLY C 290 -45.10 26.76 -2.17
N THR C 291 -44.05 27.39 -2.72
CA THR C 291 -43.23 26.80 -3.78
C THR C 291 -41.87 26.40 -3.22
N CYS C 292 -41.26 25.42 -3.88
CA CYS C 292 -39.99 24.84 -3.47
C CYS C 292 -39.09 24.65 -4.66
N LEU C 293 -37.83 25.03 -4.54
CA LEU C 293 -36.80 24.65 -5.53
C LEU C 293 -36.41 23.20 -5.29
N TRP C 294 -36.10 22.50 -6.37
CA TRP C 294 -35.36 21.25 -6.25
C TRP C 294 -33.91 21.54 -5.84
N GLY C 295 -33.32 20.62 -5.11
CA GLY C 295 -31.96 20.78 -4.64
C GLY C 295 -30.91 20.45 -5.68
N ILE C 296 -31.32 20.00 -6.87
CA ILE C 296 -30.45 19.85 -8.01
C ILE C 296 -30.86 20.87 -9.08
N GLN C 297 -29.85 21.44 -9.73
CA GLN C 297 -30.07 22.47 -10.74
C GLN C 297 -29.12 22.25 -11.92
N PRO C 298 -29.49 22.73 -13.12
CA PRO C 298 -28.66 22.56 -14.29
C PRO C 298 -27.53 23.55 -14.35
N SER C 299 -26.42 23.12 -14.93
CA SER C 299 -25.27 23.98 -15.11
C SER C 299 -24.43 23.41 -16.25
N ASP C 300 -23.41 24.16 -16.65
CA ASP C 300 -22.35 23.58 -17.47
C ASP C 300 -21.36 22.85 -16.62
N ASP C 301 -21.33 23.18 -15.31
CA ASP C 301 -20.39 22.65 -14.34
C ASP C 301 -21.09 21.60 -13.45
N THR C 302 -20.29 20.78 -12.76
CA THR C 302 -20.79 19.83 -11.78
C THR C 302 -20.29 20.30 -10.41
N ILE C 303 -21.24 20.57 -9.52
CA ILE C 303 -20.91 21.11 -8.19
C ILE C 303 -21.75 20.39 -7.16
N LEU C 304 -21.06 19.76 -6.20
CA LEU C 304 -21.70 19.26 -4.98
C LEU C 304 -21.51 20.32 -3.89
N GLY C 305 -22.58 21.04 -3.62
CA GLY C 305 -22.57 22.10 -2.64
C GLY C 305 -23.06 21.68 -1.28
N ASP C 306 -23.53 22.64 -0.49
CA ASP C 306 -23.78 22.38 0.92
C ASP C 306 -24.81 21.30 1.19
N ASN C 307 -25.81 21.15 0.31
CA ASN C 307 -26.85 20.14 0.53
C ASN C 307 -26.33 18.74 0.38
N PHE C 308 -25.20 18.61 -0.31
CA PHE C 308 -24.42 17.37 -0.30
C PHE C 308 -23.42 17.34 0.87
N LEU C 309 -22.62 18.41 1.01
CA LEU C 309 -21.48 18.42 1.89
C LEU C 309 -21.85 18.28 3.35
N ARG C 310 -23.05 18.72 3.74
CA ARG C 310 -23.52 18.48 5.11
C ARG C 310 -23.49 17.02 5.52
N HIS C 311 -23.49 16.11 4.55
CA HIS C 311 -23.59 14.66 4.84
C HIS C 311 -22.29 13.91 4.75
N ALA C 312 -21.21 14.65 4.51
CA ALA C 312 -19.85 14.11 4.47
C ALA C 312 -18.94 14.81 5.46
N TYR C 313 -17.96 14.06 5.97
CA TYR C 313 -16.80 14.64 6.59
C TYR C 313 -15.71 14.60 5.54
N LEU C 314 -15.05 15.76 5.31
CA LEU C 314 -14.06 15.88 4.24
C LEU C 314 -12.75 16.39 4.77
N LEU C 315 -11.67 15.73 4.44
CA LEU C 315 -10.32 16.22 4.69
C LEU C 315 -9.69 16.56 3.34
N TYR C 316 -9.63 17.86 3.06
CA TYR C 316 -9.02 18.35 1.82
C TYR C 316 -7.53 18.46 2.05
N ASN C 317 -6.73 17.84 1.19
CA ASN C 317 -5.28 17.90 1.33
C ASN C 317 -4.69 18.44 0.03
N LEU C 318 -4.36 19.74 0.05
CA LEU C 318 -3.92 20.42 -1.16
C LEU C 318 -2.46 20.11 -1.49
N ASP C 319 -1.70 19.64 -0.50
CA ASP C 319 -0.33 19.21 -0.74
C ASP C 319 -0.30 17.83 -1.38
N ALA C 320 -1.15 16.92 -0.90
CA ALA C 320 -1.23 15.55 -1.43
C ALA C 320 -2.12 15.44 -2.66
N ASN C 321 -2.87 16.47 -2.95
CA ASN C 321 -3.89 16.47 -4.03
C ASN C 321 -4.91 15.36 -3.83
N THR C 322 -5.39 15.20 -2.60
CA THR C 322 -6.44 14.23 -2.27
C THR C 322 -7.51 14.95 -1.48
N ILE C 323 -8.75 14.45 -1.58
CA ILE C 323 -9.82 14.82 -0.67
C ILE C 323 -10.34 13.50 -0.07
N SER C 324 -10.26 13.37 1.23
CA SER C 324 -10.65 12.13 1.88
C SER C 324 -12.05 12.32 2.41
N ILE C 325 -12.89 11.35 2.18
CA ILE C 325 -14.30 11.46 2.50
C ILE C 325 -14.84 10.29 3.30
N ALA C 326 -15.85 10.57 4.11
CA ALA C 326 -16.56 9.55 4.88
C ALA C 326 -17.95 10.06 5.21
N GLN C 327 -18.88 9.14 5.43
CA GLN C 327 -20.20 9.47 5.83
C GLN C 327 -20.18 10.20 7.18
N VAL C 328 -20.84 11.34 7.28
CA VAL C 328 -20.73 12.18 8.48
C VAL C 328 -21.40 11.49 9.67
N LYS C 329 -20.88 11.76 10.86
CA LYS C 329 -21.52 11.39 12.12
C LYS C 329 -21.68 12.66 12.91
N TYR C 330 -22.90 13.10 13.12
CA TYR C 330 -23.19 14.33 13.85
C TYR C 330 -23.05 14.09 15.32
N THR C 331 -22.05 14.74 15.94
CA THR C 331 -21.78 14.54 17.36
C THR C 331 -20.96 15.70 17.86
N THR C 332 -21.18 16.07 19.13
CA THR C 332 -20.30 17.03 19.77
C THR C 332 -19.04 16.36 20.33
N ASP C 333 -18.99 15.03 20.34
CA ASP C 333 -17.75 14.34 20.71
C ASP C 333 -16.65 14.80 19.73
N SER C 334 -15.43 14.90 20.22
CA SER C 334 -14.33 15.42 19.39
CA SER C 334 -14.34 15.43 19.40
C SER C 334 -13.04 14.71 19.69
N SER C 335 -12.35 14.32 18.64
CA SER C 335 -11.06 13.62 18.70
CA SER C 335 -11.05 13.65 18.74
C SER C 335 -10.18 14.22 17.62
N ILE C 336 -9.51 15.31 17.97
CA ILE C 336 -8.82 16.11 16.99
C ILE C 336 -7.35 15.70 16.95
N SER C 337 -6.84 15.58 15.73
CA SER C 337 -5.43 15.24 15.47
C SER C 337 -4.90 16.18 14.40
N ALA C 338 -3.65 16.59 14.51
CA ALA C 338 -3.04 17.38 13.46
C ALA C 338 -2.79 16.53 12.22
N VAL C 339 -2.81 17.22 11.08
CA VAL C 339 -2.54 16.71 9.75
C VAL C 339 -1.45 17.59 9.19
N VAL D 2 -23.57 30.52 -5.59
CA VAL D 2 -22.57 29.69 -6.22
C VAL D 2 -21.25 30.50 -6.18
N ALA D 4 -15.91 29.97 -8.04
CA ALA D 4 -15.29 30.69 -9.17
C ALA D 4 -14.30 29.85 -9.92
N ASP E 1 58.65 -0.91 24.48
CA ASP E 1 57.58 -0.38 25.39
C ASP E 1 56.27 -0.28 24.62
N SER E 2 55.17 -0.19 25.35
CA SER E 2 53.87 0.00 24.69
C SER E 2 53.12 1.17 25.28
N ILE E 3 52.16 1.69 24.51
CA ILE E 3 51.39 2.85 24.93
C ILE E 3 49.92 2.51 24.74
N SER E 4 49.18 2.38 25.82
CA SER E 4 47.73 2.18 25.77
C SER E 4 47.02 3.53 25.73
N LEU E 5 46.04 3.68 24.85
CA LEU E 5 45.32 4.91 24.67
C LEU E 5 43.82 4.55 24.63
N SER E 6 43.04 5.17 25.50
CA SER E 6 41.62 4.94 25.58
C SER E 6 40.92 5.43 24.30
N LEU E 7 40.01 4.60 23.76
CA LEU E 7 39.15 4.97 22.66
C LEU E 7 37.77 5.28 23.17
N ILE E 8 37.31 6.48 22.93
CA ILE E 8 35.97 6.92 23.34
C ILE E 8 35.00 6.50 22.24
N ASN E 9 34.01 5.67 22.61
CA ASN E 9 32.97 5.27 21.67
C ASN E 9 32.01 6.45 21.52
N GLU E 10 32.16 7.22 20.43
CA GLU E 10 31.33 8.41 20.18
C GLU E 10 30.01 8.06 19.45
N GLY E 11 29.87 6.83 19.00
CA GLY E 11 28.73 6.41 18.19
C GLY E 11 29.31 6.06 16.83
N PRO E 12 29.38 7.03 15.92
CA PRO E 12 29.85 6.69 14.57
C PRO E 12 31.37 6.54 14.46
N SER E 13 32.13 7.00 15.49
CA SER E 13 33.57 7.06 15.48
C SER E 13 34.13 6.75 16.87
N TYR E 14 35.42 6.46 16.87
CA TYR E 14 36.21 6.23 18.07
C TYR E 14 37.31 7.29 18.11
N ALA E 15 37.40 7.98 19.23
CA ALA E 15 38.30 9.10 19.38
C ALA E 15 39.14 8.96 20.63
N SER E 16 40.23 9.71 20.66
CA SER E 16 41.10 9.72 21.83
C SER E 16 41.54 11.13 22.13
N LYS E 17 41.91 11.34 23.39
CA LYS E 17 42.54 12.59 23.81
C LYS E 17 44.03 12.58 23.45
N VAL E 18 44.48 13.60 22.75
CA VAL E 18 45.89 13.77 22.39
CA VAL E 18 45.87 13.79 22.28
C VAL E 18 46.23 15.25 22.54
N SER E 19 47.34 15.51 23.23
CA SER E 19 47.72 16.87 23.49
C SER E 19 48.75 17.32 22.48
N VAL E 20 48.69 18.58 22.10
CA VAL E 20 49.58 19.10 21.09
C VAL E 20 50.17 20.42 21.58
N GLY E 21 51.47 20.59 21.36
CA GLY E 21 52.12 21.87 21.63
C GLY E 21 52.83 21.88 22.97
N SER E 22 53.64 22.94 23.15
CA SER E 22 54.38 23.14 24.40
C SER E 22 53.45 23.29 25.60
N ASN E 23 52.26 23.84 25.36
CA ASN E 23 51.25 24.03 26.42
C ASN E 23 50.19 22.93 26.47
N LYS E 24 50.45 21.80 25.82
CA LYS E 24 49.65 20.58 25.94
C LYS E 24 48.15 20.81 25.74
N GLN E 25 47.85 21.34 24.59
CA GLN E 25 46.49 21.69 24.21
C GLN E 25 45.75 20.40 23.87
N GLN E 26 44.74 20.03 24.65
CA GLN E 26 44.02 18.79 24.48
C GLN E 26 43.06 18.82 23.30
N GLN E 27 43.26 17.86 22.39
CA GLN E 27 42.38 17.63 21.26
C GLN E 27 41.70 16.28 21.44
N THR E 28 40.43 16.18 21.08
CA THR E 28 39.75 14.89 20.99
C THR E 28 39.59 14.59 19.50
N VAL E 29 40.29 13.53 19.08
CA VAL E 29 40.49 13.26 17.65
C VAL E 29 40.21 11.81 17.33
N ILE E 30 39.74 11.58 16.12
CA ILE E 30 39.41 10.26 15.67
C ILE E 30 40.66 9.42 15.40
N ILE E 31 40.69 8.18 15.89
CA ILE E 31 41.81 7.29 15.64
C ILE E 31 41.47 6.53 14.38
N ASP E 32 42.29 6.76 13.34
CA ASP E 32 41.93 6.39 11.98
C ASP E 32 43.02 5.53 11.32
N THR E 33 42.77 4.21 11.24
CA THR E 33 43.72 3.36 10.48
C THR E 33 43.53 3.52 8.96
N GLY E 34 42.49 4.24 8.52
CA GLY E 34 42.20 4.51 7.12
C GLY E 34 42.78 5.76 6.52
N SER E 35 43.56 6.53 7.28
CA SER E 35 44.29 7.67 6.75
C SER E 35 45.61 7.78 7.53
N SER E 36 46.51 8.66 7.09
CA SER E 36 47.88 8.65 7.57
C SER E 36 48.36 10.00 8.07
N ASP E 37 47.51 11.03 8.02
CA ASP E 37 47.88 12.36 8.51
C ASP E 37 47.13 12.71 9.78
N PHE E 38 47.84 13.38 10.70
CA PHE E 38 47.24 13.94 11.90
C PHE E 38 46.99 15.41 11.71
N TRP E 39 45.73 15.80 11.76
CA TRP E 39 45.35 17.20 11.70
C TRP E 39 44.49 17.56 12.88
N VAL E 40 44.59 18.85 13.24
CA VAL E 40 43.85 19.45 14.36
C VAL E 40 43.07 20.66 13.89
N VAL E 41 41.98 20.92 14.60
CA VAL E 41 41.11 22.06 14.25
C VAL E 41 41.73 23.35 14.82
N ASP E 42 42.11 24.27 13.97
CA ASP E 42 42.63 25.58 14.42
C ASP E 42 41.52 26.29 15.19
N SER E 43 41.93 26.97 16.27
CA SER E 43 40.97 27.71 17.09
CA SER E 43 40.98 27.71 17.10
C SER E 43 40.22 28.78 16.32
N ASN E 44 40.81 29.30 15.25
CA ASN E 44 40.13 30.24 14.35
C ASN E 44 39.62 29.64 13.04
N ALA E 45 39.45 28.31 12.99
CA ALA E 45 38.94 27.68 11.78
C ALA E 45 37.51 28.15 11.45
N GLN E 46 37.20 28.15 10.15
CA GLN E 46 35.82 28.29 9.67
C GLN E 46 35.31 26.90 9.37
N CYS E 47 34.34 26.44 10.15
CA CYS E 47 33.65 25.20 9.86
C CYS E 47 32.81 25.32 8.58
N GLY E 48 32.61 24.20 7.89
CA GLY E 48 31.68 24.15 6.74
C GLY E 48 30.27 24.43 7.23
N LYS E 49 29.38 24.76 6.29
CA LYS E 49 28.00 25.13 6.62
C LYS E 49 27.33 24.01 7.41
N GLY E 50 26.75 24.39 8.55
CA GLY E 50 26.07 23.48 9.42
C GLY E 50 26.94 22.48 10.17
N VAL E 51 28.24 22.71 10.28
CA VAL E 51 29.15 21.78 10.95
C VAL E 51 29.66 22.39 12.26
N ASP E 52 29.52 21.64 13.33
CA ASP E 52 30.05 21.98 14.66
C ASP E 52 31.47 21.40 14.77
N CYS E 53 32.46 22.08 14.22
CA CYS E 53 33.84 21.55 14.19
C CYS E 53 34.71 22.01 15.37
N LYS E 54 34.20 22.82 16.27
CA LYS E 54 35.06 23.34 17.37
C LYS E 54 34.66 22.90 18.76
N SER E 55 33.91 21.81 18.86
CA SER E 55 33.43 21.36 20.18
CA SER E 55 33.39 21.30 20.15
C SER E 55 34.19 20.14 20.71
N SER E 56 35.23 19.70 19.98
CA SER E 56 36.08 18.56 20.38
C SER E 56 37.55 18.95 20.56
N GLY E 57 37.77 20.18 21.00
CA GLY E 57 39.13 20.69 21.19
C GLY E 57 39.56 21.47 19.98
N THR E 58 40.33 22.52 20.21
CA THR E 58 41.00 23.25 19.15
C THR E 58 42.45 23.56 19.52
N PHE E 59 43.20 23.93 18.50
CA PHE E 59 44.63 24.17 18.59
C PHE E 59 44.92 25.60 18.17
N THR E 60 45.68 26.30 19.01
CA THR E 60 46.17 27.62 18.74
C THR E 60 47.71 27.55 18.55
N PRO E 61 48.17 27.53 17.30
CA PRO E 61 49.62 27.41 17.07
C PRO E 61 50.45 28.48 17.77
N SER E 62 49.92 29.71 17.85
CA SER E 62 50.65 30.83 18.47
C SER E 62 50.97 30.68 19.96
N SER E 63 50.17 29.91 20.70
CA SER E 63 50.42 29.73 22.12
C SER E 63 51.36 28.55 22.42
N SER E 64 51.78 27.81 21.37
CA SER E 64 52.79 26.78 21.53
C SER E 64 54.16 27.30 21.09
N SER E 65 55.10 27.33 22.03
CA SER E 65 56.45 27.81 21.73
C SER E 65 57.19 26.94 20.72
N SER E 66 56.78 25.67 20.62
CA SER E 66 57.45 24.66 19.78
C SER E 66 56.89 24.49 18.37
N TYR E 67 55.80 25.17 18.05
CA TYR E 67 55.18 25.02 16.74
C TYR E 67 56.05 25.60 15.65
N LYS E 68 56.24 24.85 14.56
CA LYS E 68 56.94 25.32 13.38
C LYS E 68 56.03 25.22 12.19
N ASN E 69 55.85 26.33 11.48
CA ASN E 69 55.04 26.38 10.26
C ASN E 69 55.93 25.90 9.11
N LEU E 70 55.47 24.92 8.35
CA LEU E 70 56.20 24.44 7.20
C LEU E 70 55.88 25.19 5.90
N GLY E 71 54.90 26.08 5.90
CA GLY E 71 54.68 27.00 4.77
C GLY E 71 54.08 26.32 3.55
N ALA E 72 53.39 25.20 3.76
CA ALA E 72 52.84 24.41 2.67
C ALA E 72 51.39 24.05 2.96
N ALA E 73 50.59 23.91 1.92
CA ALA E 73 49.18 23.62 2.06
C ALA E 73 48.88 22.15 2.36
N PHE E 74 47.90 21.94 3.21
CA PHE E 74 47.34 20.60 3.49
C PHE E 74 45.92 20.59 2.95
N THR E 75 45.58 19.56 2.19
CA THR E 75 44.21 19.41 1.69
CA THR E 75 44.23 19.42 1.66
C THR E 75 43.93 17.91 1.61
N ILE E 76 42.78 17.51 2.16
CA ILE E 76 42.38 16.09 2.15
C ILE E 76 40.87 16.00 1.94
N ARG E 77 40.46 14.91 1.31
CA ARG E 77 39.06 14.56 1.13
C ARG E 77 38.90 13.12 1.60
N TYR E 78 37.87 12.90 2.40
CA TYR E 78 37.59 11.59 2.97
C TYR E 78 36.53 10.89 2.15
N GLY E 79 36.34 9.60 2.44
CA GLY E 79 35.42 8.76 1.66
C GLY E 79 33.99 9.19 1.74
N ASP E 80 33.60 9.85 2.84
CA ASP E 80 32.23 10.32 2.99
C ASP E 80 31.98 11.68 2.33
N GLY E 81 32.99 12.25 1.68
CA GLY E 81 32.84 13.56 1.00
C GLY E 81 33.27 14.73 1.86
N SER E 82 33.53 14.51 3.13
CA SER E 82 33.99 15.61 3.98
C SER E 82 35.46 15.93 3.67
N THR E 83 35.85 17.15 3.95
CA THR E 83 37.18 17.63 3.60
C THR E 83 37.74 18.51 4.70
N SER E 84 39.06 18.67 4.63
CA SER E 84 39.78 19.61 5.48
C SER E 84 40.89 20.27 4.69
N GLN E 85 41.10 21.58 4.93
CA GLN E 85 42.23 22.31 4.38
C GLN E 85 42.92 23.16 5.44
N GLY E 86 44.23 23.23 5.32
CA GLY E 86 45.00 24.06 6.21
C GLY E 86 46.41 24.15 5.76
N THR E 87 47.31 24.13 6.75
CA THR E 87 48.73 24.19 6.43
C THR E 87 49.50 23.14 7.23
N TRP E 88 50.66 22.75 6.72
CA TRP E 88 51.51 21.79 7.40
C TRP E 88 52.35 22.50 8.47
N GLY E 89 52.58 21.82 9.59
CA GLY E 89 53.47 22.30 10.63
C GLY E 89 54.07 21.14 11.42
N LYS E 90 54.84 21.47 12.44
CA LYS E 90 55.44 20.47 13.35
C LYS E 90 55.28 20.93 14.77
N ASP E 91 54.97 20.00 15.65
CA ASP E 91 54.90 20.30 17.07
C ASP E 91 55.01 19.02 17.87
N THR E 92 55.11 19.18 19.18
CA THR E 92 55.08 18.09 20.11
C THR E 92 53.69 17.49 20.21
N VAL E 93 53.62 16.17 20.18
CA VAL E 93 52.38 15.44 20.33
C VAL E 93 52.55 14.50 21.52
N THR E 94 51.57 14.54 22.42
CA THR E 94 51.60 13.76 23.64
C THR E 94 50.38 12.84 23.70
N ILE E 95 50.67 11.57 23.91
CA ILE E 95 49.70 10.48 23.86
C ILE E 95 49.85 9.73 25.18
N ASN E 96 48.81 9.82 26.04
CA ASN E 96 48.83 9.21 27.38
C ASN E 96 50.19 9.39 28.09
N GLY E 97 50.64 10.65 28.12
CA GLY E 97 51.89 11.06 28.79
C GLY E 97 53.20 10.84 28.06
N VAL E 98 53.17 10.26 26.87
CA VAL E 98 54.39 9.99 26.13
C VAL E 98 54.46 11.05 25.03
N SER E 99 55.54 11.82 24.99
CA SER E 99 55.70 12.92 24.05
C SER E 99 56.66 12.56 22.94
N ILE E 100 56.27 12.92 21.72
CA ILE E 100 57.15 12.92 20.53
C ILE E 100 57.30 14.36 20.08
N THR E 101 58.53 14.72 19.74
CA THR E 101 58.87 16.06 19.32
C THR E 101 58.99 16.16 17.80
N GLY E 102 58.73 17.36 17.29
CA GLY E 102 58.88 17.65 15.89
C GLY E 102 57.99 16.82 14.97
N GLN E 103 56.80 16.49 15.43
CA GLN E 103 55.92 15.64 14.64
C GLN E 103 55.19 16.53 13.66
N GLN E 104 55.27 16.17 12.37
CA GLN E 104 54.50 16.85 11.34
C GLN E 104 53.01 16.53 11.45
N ILE E 105 52.25 17.61 11.46
CA ILE E 105 50.80 17.64 11.60
C ILE E 105 50.27 18.69 10.63
N ALA E 106 48.96 18.73 10.47
CA ALA E 106 48.31 19.87 9.78
C ALA E 106 47.45 20.66 10.72
N ASP E 107 47.59 21.98 10.62
CA ASP E 107 46.71 22.92 11.27
C ASP E 107 45.61 23.32 10.30
N VAL E 108 44.40 22.90 10.61
CA VAL E 108 43.27 23.01 9.69
C VAL E 108 42.39 24.22 10.02
N THR E 109 42.20 25.07 9.02
CA THR E 109 41.44 26.31 9.15
C THR E 109 40.12 26.29 8.42
N GLN E 110 39.84 25.22 7.68
CA GLN E 110 38.54 25.03 7.06
C GLN E 110 38.27 23.54 7.06
N THR E 111 37.09 23.14 7.53
CA THR E 111 36.75 21.71 7.60
C THR E 111 35.28 21.49 7.68
N SER E 112 34.84 20.43 7.03
CA SER E 112 33.49 19.91 7.21
C SER E 112 33.42 18.66 8.06
N VAL E 113 34.54 18.31 8.71
CA VAL E 113 34.62 17.21 9.66
C VAL E 113 34.38 17.78 11.05
N ASP E 114 33.78 17.01 11.96
CA ASP E 114 33.39 17.47 13.32
CA ASP E 114 33.45 17.66 13.24
C ASP E 114 34.55 17.64 14.31
N GLN E 115 35.69 17.03 14.01
CA GLN E 115 36.83 17.02 14.93
C GLN E 115 38.07 16.61 14.15
N GLY E 116 39.23 16.85 14.75
CA GLY E 116 40.49 16.40 14.16
C GLY E 116 40.57 14.89 13.98
N ILE E 117 41.53 14.48 13.14
CA ILE E 117 41.75 13.08 12.82
C ILE E 117 43.21 12.73 12.98
N LEU E 118 43.48 11.70 13.77
CA LEU E 118 44.81 11.13 13.91
C LEU E 118 44.91 9.89 13.01
N GLY E 119 45.41 10.13 11.80
CA GLY E 119 45.66 9.05 10.82
C GLY E 119 46.91 8.32 11.21
N ILE E 120 46.80 7.00 11.32
CA ILE E 120 47.92 6.17 11.75
C ILE E 120 48.29 5.05 10.76
N GLY E 121 47.86 5.22 9.51
CA GLY E 121 48.20 4.26 8.45
C GLY E 121 49.60 4.42 7.91
N TYR E 122 49.84 3.84 6.75
CA TYR E 122 51.15 3.89 6.11
C TYR E 122 51.57 5.27 5.68
N THR E 123 52.84 5.61 5.83
CA THR E 123 53.28 6.93 5.36
C THR E 123 53.07 7.12 3.86
N SER E 124 53.12 6.01 3.10
CA SER E 124 52.89 6.08 1.65
C SER E 124 51.51 6.55 1.27
N ASN E 125 50.55 6.52 2.19
CA ASN E 125 49.20 6.99 1.94
C ASN E 125 48.89 8.37 2.44
N GLU E 126 49.90 9.13 2.84
CA GLU E 126 49.69 10.51 3.25
C GLU E 126 49.14 11.37 2.12
N ALA E 127 48.33 12.35 2.51
CA ALA E 127 47.68 13.30 1.57
C ALA E 127 48.68 14.40 1.22
N VAL E 128 49.60 14.05 0.33
CA VAL E 128 50.72 14.91 -0.05
C VAL E 128 50.46 15.71 -1.33
N TYR E 129 49.26 15.65 -1.86
CA TYR E 129 48.90 16.34 -3.11
C TYR E 129 47.82 17.34 -2.91
N ASP E 130 47.73 18.28 -3.86
CA ASP E 130 46.51 19.03 -4.07
C ASP E 130 45.71 18.42 -5.19
N THR E 131 44.58 19.05 -5.51
CA THR E 131 43.66 18.50 -6.45
C THR E 131 44.17 18.47 -7.89
N SER E 132 45.27 19.16 -8.19
CA SER E 132 45.89 19.03 -9.50
C SER E 132 46.88 17.88 -9.57
N GLY E 133 47.11 17.21 -8.44
CA GLY E 133 48.17 16.19 -8.39
C GLY E 133 49.55 16.72 -8.09
N ARG E 134 49.72 18.03 -8.00
CA ARG E 134 50.99 18.61 -7.59
C ARG E 134 51.24 18.33 -6.10
N GLN E 135 52.50 18.29 -5.70
CA GLN E 135 52.89 17.91 -4.36
C GLN E 135 52.87 19.11 -3.43
N THR E 136 52.31 18.91 -2.24
CA THR E 136 52.30 19.94 -1.19
C THR E 136 53.38 19.71 -0.14
N THR E 137 53.84 18.48 0.05
CA THR E 137 54.86 18.13 1.08
C THR E 137 55.51 16.84 0.59
N PRO E 138 56.78 16.60 0.90
CA PRO E 138 57.30 15.24 0.74
C PRO E 138 56.59 14.27 1.71
N ASN E 139 56.52 13.01 1.36
CA ASN E 139 56.14 12.00 2.35
C ASN E 139 57.04 12.14 3.54
N TYR E 140 56.51 11.83 4.73
CA TYR E 140 57.12 12.24 5.97
C TYR E 140 56.81 11.21 7.05
N ASP E 141 57.51 11.29 8.17
CA ASP E 141 57.26 10.36 9.28
C ASP E 141 55.98 10.73 10.01
N ASN E 142 54.95 9.89 9.91
CA ASN E 142 53.70 10.17 10.63
C ASN E 142 53.79 9.61 12.07
N VAL E 143 52.74 9.71 12.84
CA VAL E 143 52.85 9.44 14.28
C VAL E 143 53.44 8.07 14.64
N PRO E 144 52.96 6.98 14.05
CA PRO E 144 53.55 5.68 14.41
C PRO E 144 55.03 5.54 14.07
N VAL E 145 55.42 6.08 12.93
CA VAL E 145 56.86 6.08 12.57
C VAL E 145 57.70 6.87 13.57
N THR E 146 57.20 8.02 14.00
CA THR E 146 57.95 8.84 14.96
C THR E 146 58.00 8.20 16.32
N LEU E 147 56.91 7.56 16.78
CA LEU E 147 56.96 6.77 18.01
C LEU E 147 58.10 5.78 17.99
N LYS E 148 58.28 5.09 16.87
CA LYS E 148 59.35 4.14 16.76
C LYS E 148 60.72 4.81 16.71
N LYS E 149 60.84 5.83 15.88
CA LYS E 149 62.15 6.49 15.72
C LYS E 149 62.62 7.15 17.00
N GLN E 150 61.71 7.59 17.85
CA GLN E 150 62.08 8.22 19.11
C GLN E 150 62.11 7.24 20.29
N GLY E 151 62.05 5.94 19.98
CA GLY E 151 62.29 4.92 20.97
C GLY E 151 61.13 4.70 21.91
N LYS E 152 59.93 5.16 21.54
CA LYS E 152 58.74 5.00 22.40
C LYS E 152 58.08 3.63 22.24
N ILE E 153 58.25 3.00 21.08
CA ILE E 153 57.80 1.65 20.77
C ILE E 153 58.89 0.98 19.95
N ARG E 154 58.96 -0.33 19.98
CA ARG E 154 59.99 -1.06 19.24
C ARG E 154 59.69 -1.21 17.75
N THR E 155 58.43 -1.45 17.45
CA THR E 155 57.98 -1.80 16.11
C THR E 155 56.82 -0.88 15.76
N ASN E 156 56.68 -0.52 14.49
CA ASN E 156 55.53 0.23 14.05
C ASN E 156 54.36 -0.72 13.91
N ALA E 157 53.65 -0.86 15.04
CA ALA E 157 52.57 -1.82 15.18
C ALA E 157 51.62 -1.28 16.21
N TYR E 158 50.35 -1.65 16.10
CA TYR E 158 49.36 -1.28 17.10
C TYR E 158 48.22 -2.25 17.12
N SER E 159 47.65 -2.46 18.31
CA SER E 159 46.52 -3.36 18.46
C SER E 159 45.27 -2.56 18.69
N LEU E 160 44.19 -3.02 18.06
CA LEU E 160 42.90 -2.33 18.10
C LEU E 160 41.85 -3.20 18.78
N TYR E 161 41.28 -2.64 19.87
CA TYR E 161 40.15 -3.24 20.60
C TYR E 161 39.08 -2.19 20.71
N LEU E 162 38.17 -2.15 19.74
CA LEU E 162 37.04 -1.22 19.83
C LEU E 162 36.09 -1.55 20.98
N ASN E 163 36.08 -2.82 21.41
CA ASN E 163 35.18 -3.29 22.46
C ASN E 163 33.75 -3.47 21.93
N SER E 164 32.82 -3.82 22.81
CA SER E 164 31.50 -4.27 22.39
C SER E 164 30.62 -3.09 21.94
N PRO E 165 29.51 -3.38 21.25
CA PRO E 165 28.64 -2.30 20.78
C PRO E 165 28.15 -1.34 21.88
N SER E 166 27.98 -1.88 23.08
CA SER E 166 27.48 -1.12 24.24
C SER E 166 28.57 -0.46 25.10
N ALA E 167 29.83 -0.76 24.80
CA ALA E 167 30.94 -0.25 25.61
C ALA E 167 31.14 1.24 25.45
N GLU E 168 31.49 1.89 26.54
CA GLU E 168 31.77 3.32 26.44
CA GLU E 168 31.81 3.31 26.55
C GLU E 168 33.19 3.58 25.92
N THR E 169 34.10 2.65 26.17
CA THR E 169 35.50 2.81 25.77
C THR E 169 36.11 1.51 25.30
N GLY E 170 37.05 1.65 24.37
CA GLY E 170 37.96 0.60 23.97
C GLY E 170 39.39 1.06 24.18
N THR E 171 40.30 0.37 23.52
CA THR E 171 41.75 0.64 23.68
C THR E 171 42.48 0.41 22.39
N ILE E 172 43.36 1.34 22.05
CA ILE E 172 44.41 1.08 21.05
C ILE E 172 45.73 1.02 21.79
N ILE E 173 46.54 0.04 21.44
CA ILE E 173 47.88 -0.10 22.04
C ILE E 173 48.94 0.07 20.96
N PHE E 174 49.70 1.15 21.06
CA PHE E 174 50.86 1.33 20.16
C PHE E 174 51.99 0.48 20.67
N GLY E 175 52.58 -0.34 19.82
CA GLY E 175 53.74 -1.14 20.22
C GLY E 175 53.44 -2.29 21.15
N GLY E 176 52.21 -2.77 21.23
CA GLY E 176 51.91 -3.88 22.10
C GLY E 176 50.64 -4.58 21.67
N VAL E 177 50.34 -5.66 22.39
CA VAL E 177 49.22 -6.57 22.09
C VAL E 177 48.65 -7.08 23.40
N ASP E 178 47.34 -7.04 23.56
CA ASP E 178 46.71 -7.59 24.76
C ASP E 178 46.23 -9.00 24.50
N ASN E 179 46.98 -9.98 24.98
CA ASN E 179 46.67 -11.35 24.69
C ASN E 179 45.48 -11.94 25.46
N ALA E 180 44.88 -11.14 26.33
CA ALA E 180 43.68 -11.55 27.05
C ALA E 180 42.37 -11.33 26.28
N LYS E 181 42.42 -10.58 25.19
CA LYS E 181 41.20 -10.03 24.58
C LYS E 181 40.79 -10.71 23.25
N TYR E 182 41.15 -11.96 23.07
CA TYR E 182 40.67 -12.75 21.95
C TYR E 182 40.69 -14.21 22.32
N SER E 183 39.94 -14.97 21.55
CA SER E 183 39.91 -16.42 21.67
C SER E 183 40.73 -17.02 20.56
N GLY E 184 41.27 -18.20 20.81
CA GLY E 184 42.13 -18.87 19.83
C GLY E 184 43.43 -18.15 19.65
N LYS E 185 44.07 -18.39 18.51
CA LYS E 185 45.36 -17.75 18.19
C LYS E 185 45.12 -16.59 17.22
N LEU E 186 45.87 -15.51 17.38
CA LEU E 186 45.91 -14.47 16.34
C LEU E 186 46.49 -15.06 15.08
N VAL E 187 45.79 -14.86 13.95
CA VAL E 187 46.22 -15.36 12.64
C VAL E 187 46.77 -14.17 11.86
N ALA E 188 48.05 -14.21 11.52
CA ALA E 188 48.73 -13.16 10.78
C ALA E 188 48.29 -13.28 9.30
N GLU E 189 47.82 -12.16 8.75
CA GLU E 189 47.39 -12.07 7.36
C GLU E 189 48.28 -11.05 6.62
N GLN E 190 48.72 -11.40 5.42
CA GLN E 190 49.53 -10.48 4.63
C GLN E 190 48.69 -9.26 4.25
N VAL E 191 49.31 -8.08 4.32
CA VAL E 191 48.68 -6.87 3.81
C VAL E 191 48.81 -6.86 2.28
N THR E 192 47.73 -6.52 1.59
CA THR E 192 47.67 -6.68 0.11
C THR E 192 47.98 -5.43 -0.69
N SER E 193 48.29 -4.34 0.01
CA SER E 193 48.57 -3.05 -0.57
C SER E 193 49.76 -2.50 0.15
N SER E 194 50.54 -1.65 -0.52
CA SER E 194 51.63 -0.95 0.17
C SER E 194 51.19 0.42 0.69
N GLN E 195 49.97 0.82 0.37
CA GLN E 195 49.42 2.11 0.82
C GLN E 195 48.26 1.96 1.80
N ALA E 196 47.48 0.90 1.69
CA ALA E 196 46.27 0.72 2.52
C ALA E 196 46.39 -0.52 3.38
N LEU E 197 45.78 -0.50 4.56
CA LEU E 197 45.78 -1.64 5.48
C LEU E 197 44.65 -2.61 5.17
N THR E 198 44.86 -3.31 4.05
CA THR E 198 43.90 -4.25 3.46
C THR E 198 44.44 -5.66 3.58
N ILE E 199 43.56 -6.60 3.89
CA ILE E 199 43.87 -8.05 3.82
C ILE E 199 42.87 -8.73 2.91
N SER E 200 43.24 -9.88 2.35
CA SER E 200 42.35 -10.58 1.45
CA SER E 200 42.35 -10.62 1.44
C SER E 200 41.15 -11.17 2.20
N LEU E 201 39.97 -10.88 1.71
CA LEU E 201 38.70 -11.40 2.25
C LEU E 201 38.22 -12.47 1.26
N ALA E 202 38.20 -13.71 1.71
CA ALA E 202 37.83 -14.84 0.82
C ALA E 202 36.37 -14.93 0.50
N SER E 203 35.54 -14.79 1.55
CA SER E 203 34.10 -14.90 1.34
C SER E 203 33.33 -14.25 2.49
N VAL E 204 32.07 -13.93 2.19
CA VAL E 204 31.14 -13.42 3.17
C VAL E 204 30.01 -14.41 3.22
N ASN E 205 29.61 -14.76 4.44
CA ASN E 205 28.67 -15.85 4.66
C ASN E 205 27.50 -15.33 5.48
N LEU E 206 26.32 -15.36 4.87
CA LEU E 206 25.14 -14.68 5.39
C LEU E 206 23.88 -15.44 5.02
N LYS E 207 23.00 -15.64 6.01
CA LYS E 207 21.69 -16.26 5.82
C LYS E 207 21.74 -17.58 5.05
N GLY E 208 22.73 -18.42 5.38
CA GLY E 208 22.81 -19.74 4.73
C GLY E 208 23.56 -19.81 3.42
N SER E 209 24.03 -18.67 2.92
CA SER E 209 24.69 -18.61 1.63
C SER E 209 26.11 -18.06 1.77
N SER E 210 26.94 -18.34 0.80
CA SER E 210 28.30 -17.82 0.74
C SER E 210 28.51 -17.05 -0.54
N PHE E 211 29.27 -15.95 -0.44
CA PHE E 211 29.52 -15.02 -1.54
C PHE E 211 31.03 -14.89 -1.64
N SER E 212 31.60 -15.48 -2.66
CA SER E 212 33.01 -15.46 -2.90
CA SER E 212 33.03 -15.45 -2.90
C SER E 212 33.50 -14.06 -3.26
N PHE E 213 34.62 -13.64 -2.68
CA PHE E 213 35.12 -12.28 -2.90
C PHE E 213 36.55 -12.35 -3.40
N GLY E 214 37.53 -12.48 -2.53
CA GLY E 214 38.92 -12.71 -2.90
C GLY E 214 39.81 -11.49 -3.01
N ASP E 215 39.23 -10.30 -2.90
CA ASP E 215 39.96 -9.05 -3.01
CA ASP E 215 40.01 -9.07 -3.01
C ASP E 215 40.26 -8.50 -1.62
N GLY E 216 41.07 -7.45 -1.57
CA GLY E 216 41.42 -6.82 -0.32
C GLY E 216 40.29 -6.06 0.32
N ALA E 217 40.28 -6.06 1.65
CA ALA E 217 39.32 -5.29 2.43
C ALA E 217 40.09 -4.42 3.42
N LEU E 218 39.79 -3.14 3.42
CA LEU E 218 40.44 -2.19 4.32
C LEU E 218 39.90 -2.32 5.72
N LEU E 219 40.77 -2.50 6.71
CA LEU E 219 40.35 -2.68 8.10
C LEU E 219 40.42 -1.32 8.77
N ASP E 220 39.33 -0.56 8.62
CA ASP E 220 39.36 0.87 8.90
C ASP E 220 38.60 1.25 10.19
N SER E 221 39.35 1.61 11.22
CA SER E 221 38.75 2.10 12.46
C SER E 221 37.90 3.35 12.26
N GLY E 222 38.24 4.15 11.25
CA GLY E 222 37.57 5.42 10.98
C GLY E 222 36.42 5.37 10.05
N THR E 223 35.87 4.17 9.77
CA THR E 223 34.60 4.07 9.05
C THR E 223 33.57 3.41 9.93
N THR E 224 32.34 3.94 9.91
CA THR E 224 31.26 3.44 10.79
C THR E 224 30.72 2.09 10.35
N LEU E 225 30.43 1.97 9.05
CA LEU E 225 29.77 0.82 8.48
C LEU E 225 30.73 -0.02 7.65
N THR E 226 30.20 -0.88 6.79
CA THR E 226 30.96 -1.73 5.89
C THR E 226 30.59 -1.37 4.45
N TYR E 227 31.59 -1.36 3.58
CA TYR E 227 31.42 -0.92 2.17
C TYR E 227 31.96 -1.99 1.24
N PHE E 228 31.20 -2.30 0.18
CA PHE E 228 31.62 -3.27 -0.84
C PHE E 228 31.39 -2.68 -2.22
N PRO E 229 32.16 -3.21 -3.21
CA PRO E 229 31.90 -2.80 -4.61
C PRO E 229 30.45 -3.06 -4.98
N SER E 230 29.91 -2.18 -5.86
CA SER E 230 28.49 -2.15 -6.13
C SER E 230 27.82 -3.49 -6.42
N ASP E 231 28.38 -4.28 -7.33
CA ASP E 231 27.72 -5.53 -7.72
C ASP E 231 27.72 -6.55 -6.59
N PHE E 232 28.81 -6.62 -5.86
CA PHE E 232 28.91 -7.57 -4.74
C PHE E 232 27.98 -7.13 -3.62
N ALA E 233 27.97 -5.85 -3.34
CA ALA E 233 27.03 -5.28 -2.35
C ALA E 233 25.59 -5.59 -2.74
N ALA E 234 25.25 -5.52 -4.04
CA ALA E 234 23.89 -5.80 -4.46
C ALA E 234 23.53 -7.25 -4.26
N GLN E 235 24.47 -8.16 -4.49
CA GLN E 235 24.19 -9.58 -4.23
C GLN E 235 23.89 -9.84 -2.74
N LEU E 236 24.70 -9.26 -1.85
CA LEU E 236 24.47 -9.36 -0.43
C LEU E 236 23.15 -8.70 -0.03
N ALA E 237 22.82 -7.56 -0.66
CA ALA E 237 21.60 -6.83 -0.32
C ALA E 237 20.37 -7.62 -0.69
N ASP E 238 20.42 -8.30 -1.82
CA ASP E 238 19.29 -9.16 -2.23
C ASP E 238 19.06 -10.21 -1.16
N LYS E 239 20.15 -10.83 -0.70
CA LYS E 239 20.06 -11.86 0.33
C LYS E 239 19.54 -11.31 1.67
N ALA E 240 20.01 -10.13 2.04
CA ALA E 240 19.66 -9.52 3.32
C ALA E 240 18.28 -8.85 3.39
N GLY E 241 17.74 -8.48 2.24
CA GLY E 241 16.50 -7.70 2.16
C GLY E 241 16.71 -6.20 2.23
N ALA E 242 17.91 -5.71 1.92
CA ALA E 242 18.17 -4.28 1.89
C ALA E 242 17.73 -3.67 0.56
N ARG E 243 17.51 -2.38 0.55
CA ARG E 243 16.95 -1.68 -0.62
C ARG E 243 17.78 -0.46 -0.89
N LEU E 244 18.23 -0.27 -2.14
CA LEU E 244 19.00 0.88 -2.51
C LEU E 244 18.08 2.06 -2.72
N VAL E 245 18.39 3.17 -2.06
CA VAL E 245 17.65 4.40 -2.16
C VAL E 245 18.57 5.52 -2.63
N GLN E 246 18.11 6.28 -3.64
CA GLN E 246 18.82 7.43 -4.15
C GLN E 246 18.48 8.62 -3.26
N VAL E 247 19.37 8.93 -2.32
CA VAL E 247 19.10 9.93 -1.26
C VAL E 247 19.25 11.33 -1.78
N ALA E 248 20.11 11.50 -2.77
CA ALA E 248 20.23 12.73 -3.54
C ALA E 248 20.75 12.38 -4.93
N ARG E 249 20.79 13.35 -5.84
CA ARG E 249 21.16 13.03 -7.20
C ARG E 249 22.54 12.40 -7.19
N ASP E 250 22.65 11.23 -7.78
CA ASP E 250 23.87 10.42 -7.83
C ASP E 250 24.48 9.98 -6.47
N GLN E 251 23.65 9.89 -5.44
CA GLN E 251 24.11 9.49 -4.10
C GLN E 251 23.14 8.41 -3.63
N TYR E 252 23.68 7.26 -3.24
CA TYR E 252 22.88 6.07 -2.96
C TYR E 252 23.22 5.46 -1.62
N LEU E 253 22.20 4.99 -0.90
CA LEU E 253 22.43 4.23 0.35
C LEU E 253 21.49 3.08 0.43
N TYR E 254 21.93 1.98 1.04
CA TYR E 254 21.07 0.88 1.37
C TYR E 254 20.32 1.14 2.67
N PHE E 255 18.98 1.01 2.58
CA PHE E 255 18.12 0.99 3.76
C PHE E 255 17.64 -0.41 4.00
N ILE E 256 17.19 -0.67 5.22
CA ILE E 256 16.61 -1.95 5.55
C ILE E 256 15.52 -1.76 6.59
N ASP E 257 14.52 -2.63 6.56
CA ASP E 257 13.44 -2.52 7.53
CA ASP E 257 13.43 -2.58 7.53
C ASP E 257 14.04 -2.64 8.92
N CYS E 258 13.68 -1.69 9.79
CA CYS E 258 14.20 -1.70 11.17
C CYS E 258 13.79 -2.96 11.93
N ASN E 259 12.71 -3.63 11.51
CA ASN E 259 12.30 -4.86 12.22
CA ASN E 259 12.21 -4.87 12.13
C ASN E 259 12.81 -6.16 11.56
N THR E 260 13.81 -6.03 10.69
CA THR E 260 14.46 -7.20 10.07
CA THR E 260 14.41 -7.22 10.07
C THR E 260 14.98 -8.18 11.11
N ASP E 261 14.86 -9.46 10.84
CA ASP E 261 15.42 -10.51 11.69
C ASP E 261 16.94 -10.41 11.72
N THR E 262 17.48 -10.12 12.91
CA THR E 262 18.92 -9.98 13.12
C THR E 262 19.44 -11.05 14.04
N SER E 263 18.71 -12.17 14.19
CA SER E 263 19.09 -13.23 15.09
C SER E 263 20.35 -14.02 14.66
N GLY E 264 20.67 -13.98 13.36
CA GLY E 264 21.82 -14.71 12.84
C GLY E 264 23.11 -13.93 12.91
N THR E 265 24.09 -14.47 12.22
CA THR E 265 25.41 -13.87 12.12
C THR E 265 25.87 -13.73 10.68
N THR E 266 26.85 -12.87 10.47
CA THR E 266 27.55 -12.74 9.21
C THR E 266 28.98 -13.16 9.48
N VAL E 267 29.51 -14.12 8.71
CA VAL E 267 30.85 -14.65 8.93
C VAL E 267 31.76 -14.30 7.76
N PHE E 268 32.91 -13.74 8.11
CA PHE E 268 33.91 -13.26 7.17
C PHE E 268 35.09 -14.22 7.22
N ASN E 269 35.41 -14.84 6.07
CA ASN E 269 36.49 -15.82 6.00
C ASN E 269 37.70 -15.16 5.39
N PHE E 270 38.83 -15.25 6.08
CA PHE E 270 40.11 -14.66 5.68
C PHE E 270 41.10 -15.80 5.46
N GLY E 271 42.37 -15.44 5.29
CA GLY E 271 43.38 -16.45 5.01
C GLY E 271 43.72 -17.33 6.19
N ASN E 272 44.31 -18.49 5.89
CA ASN E 272 44.88 -19.35 6.91
C ASN E 272 43.84 -19.76 7.99
N GLY E 273 42.60 -19.94 7.56
CA GLY E 273 41.53 -20.42 8.43
C GLY E 273 40.86 -19.41 9.33
N ALA E 274 41.32 -18.19 9.32
CA ALA E 274 40.73 -17.18 10.21
C ALA E 274 39.32 -16.82 9.76
N LYS E 275 38.44 -16.68 10.75
CA LYS E 275 37.03 -16.34 10.53
C LYS E 275 36.61 -15.37 11.61
N ILE E 276 35.91 -14.29 11.24
CA ILE E 276 35.33 -13.36 12.21
C ILE E 276 33.82 -13.40 12.05
N THR E 277 33.15 -13.59 13.17
CA THR E 277 31.69 -13.75 13.23
CA THR E 277 31.69 -13.73 13.21
C THR E 277 31.11 -12.47 13.79
N VAL E 278 30.17 -11.86 13.07
CA VAL E 278 29.58 -10.57 13.47
C VAL E 278 28.08 -10.79 13.71
N PRO E 279 27.53 -10.39 14.86
CA PRO E 279 26.09 -10.52 15.07
C PRO E 279 25.33 -9.63 14.11
N ASN E 280 24.18 -10.10 13.61
CA ASN E 280 23.46 -9.35 12.58
C ASN E 280 22.85 -8.04 13.01
N THR E 281 22.77 -7.77 14.32
CA THR E 281 22.37 -6.45 14.82
CA THR E 281 22.32 -6.45 14.75
C THR E 281 23.27 -5.33 14.27
N GLU E 282 24.53 -5.69 13.99
CA GLU E 282 25.47 -4.73 13.43
C GLU E 282 25.12 -4.25 12.02
N TYR E 283 24.16 -4.91 11.38
CA TYR E 283 23.72 -4.51 10.04
C TYR E 283 22.37 -3.80 9.96
N VAL E 284 21.81 -3.43 11.12
CA VAL E 284 20.60 -2.61 11.14
C VAL E 284 20.96 -1.39 11.96
N TYR E 285 21.18 -0.26 11.28
CA TYR E 285 21.66 0.98 11.90
C TYR E 285 20.50 1.94 12.04
N GLN E 286 20.15 2.30 13.27
CA GLN E 286 19.05 3.23 13.51
C GLN E 286 19.42 4.63 13.13
N ASN E 287 18.65 5.26 12.24
CA ASN E 287 18.86 6.67 11.92
C ASN E 287 18.28 7.61 12.97
N GLY E 288 17.38 7.12 13.82
CA GLY E 288 16.76 7.97 14.83
C GLY E 288 15.42 8.55 14.40
N ASP E 289 14.97 8.25 13.20
CA ASP E 289 13.74 8.83 12.64
C ASP E 289 12.73 7.78 12.22
N GLY E 290 12.92 6.54 12.66
CA GLY E 290 12.08 5.45 12.28
C GLY E 290 12.54 4.67 11.07
N THR E 291 13.66 5.11 10.46
CA THR E 291 14.28 4.38 9.38
C THR E 291 15.65 3.89 9.81
N CYS E 292 16.10 2.87 9.09
CA CYS E 292 17.40 2.22 9.32
C CYS E 292 18.21 2.08 8.05
N LEU E 293 19.50 2.36 8.17
CA LEU E 293 20.44 1.99 7.14
C LEU E 293 20.79 0.53 7.32
N TRP E 294 21.04 -0.14 6.21
CA TRP E 294 21.75 -1.40 6.27
C TRP E 294 23.20 -1.13 6.67
N GLY E 295 23.82 -2.11 7.33
CA GLY E 295 25.24 -1.95 7.74
C GLY E 295 26.26 -2.19 6.66
N ILE E 296 25.81 -2.54 5.44
CA ILE E 296 26.63 -2.63 4.25
C ILE E 296 26.13 -1.59 3.25
N GLN E 297 27.09 -0.97 2.59
CA GLN E 297 26.82 0.14 1.69
C GLN E 297 27.66 -0.02 0.43
N PRO E 298 27.19 0.57 -0.70
CA PRO E 298 27.95 0.41 -1.95
C PRO E 298 29.06 1.42 -2.06
N SER E 299 30.13 1.03 -2.74
CA SER E 299 31.27 1.90 -2.91
C SER E 299 32.02 1.36 -4.10
N ASP E 300 33.05 2.06 -4.52
CA ASP E 300 34.04 1.49 -5.42
CA ASP E 300 34.02 1.44 -5.42
C ASP E 300 35.08 0.71 -4.64
N ASP E 301 35.19 1.03 -3.35
CA ASP E 301 36.17 0.48 -2.44
C ASP E 301 35.57 -0.61 -1.54
N THR E 302 36.45 -1.32 -0.83
CA THR E 302 36.03 -2.34 0.12
C THR E 302 36.56 -1.94 1.48
N ILE E 303 35.64 -1.76 2.43
CA ILE E 303 36.01 -1.26 3.77
C ILE E 303 35.24 -2.07 4.82
N LEU E 304 35.94 -2.71 5.75
CA LEU E 304 35.37 -3.31 6.94
C LEU E 304 35.58 -2.30 8.05
N GLY E 305 34.52 -1.58 8.40
CA GLY E 305 34.59 -0.55 9.41
C GLY E 305 34.20 -1.07 10.78
N ASP E 306 33.76 -0.14 11.64
CA ASP E 306 33.56 -0.43 13.04
C ASP E 306 32.56 -1.53 13.35
N ASN E 307 31.50 -1.62 12.54
CA ASN E 307 30.50 -2.67 12.73
C ASN E 307 31.04 -4.09 12.55
N PHE E 308 32.15 -4.22 11.82
CA PHE E 308 32.94 -5.45 11.76
C PHE E 308 33.99 -5.48 12.86
N LEU E 309 34.79 -4.41 12.96
CA LEU E 309 35.99 -4.41 13.79
C LEU E 309 35.70 -4.55 15.28
N ARG E 310 34.51 -4.18 15.74
CA ARG E 310 34.15 -4.44 17.14
C ARG E 310 34.21 -5.92 17.48
N HIS E 311 34.15 -6.80 16.50
CA HIS E 311 34.07 -8.25 16.75
C HIS E 311 35.39 -8.98 16.53
N ALA E 312 36.43 -8.22 16.23
CA ALA E 312 37.79 -8.76 16.10
C ALA E 312 38.75 -8.08 17.06
N TYR E 313 39.79 -8.81 17.42
CA TYR E 313 41.01 -8.21 17.98
C TYR E 313 42.00 -8.17 16.83
N LEU E 314 42.67 -7.03 16.65
CA LEU E 314 43.59 -6.85 15.52
C LEU E 314 44.92 -6.31 15.96
N LEU E 315 46.00 -6.94 15.47
CA LEU E 315 47.34 -6.40 15.63
C LEU E 315 47.86 -6.02 14.25
N TYR E 316 47.91 -4.71 14.00
CA TYR E 316 48.42 -4.15 12.77
C TYR E 316 49.95 -4.04 12.91
N ASN E 317 50.68 -4.60 11.96
CA ASN E 317 52.13 -4.45 11.98
C ASN E 317 52.58 -3.85 10.67
N LEU E 318 52.92 -2.56 10.71
CA LEU E 318 53.24 -1.81 9.49
C LEU E 318 54.69 -2.03 9.09
N ASP E 319 55.49 -2.62 9.96
CA ASP E 319 56.86 -3.01 9.58
C ASP E 319 56.87 -4.36 8.87
N ALA E 320 56.11 -5.34 9.38
CA ALA E 320 56.02 -6.66 8.76
C ALA E 320 55.02 -6.71 7.65
N ASN E 321 54.17 -5.68 7.53
CA ASN E 321 53.07 -5.67 6.53
C ASN E 321 52.15 -6.86 6.72
N THR E 322 51.72 -6.99 7.97
CA THR E 322 50.74 -8.01 8.34
C THR E 322 49.72 -7.42 9.25
N ILE E 323 48.51 -7.99 9.22
CA ILE E 323 47.49 -7.68 10.24
C ILE E 323 47.06 -9.01 10.81
N SER E 324 47.20 -9.17 12.12
CA SER E 324 46.85 -10.42 12.78
C SER E 324 45.49 -10.30 13.44
N ILE E 325 44.59 -11.28 13.21
CA ILE E 325 43.20 -11.18 13.64
C ILE E 325 42.76 -12.40 14.42
N ALA E 326 41.81 -12.16 15.32
CA ALA E 326 41.15 -13.27 16.02
C ALA E 326 39.78 -12.77 16.45
N GLN E 327 38.87 -13.71 16.69
CA GLN E 327 37.58 -13.38 17.29
C GLN E 327 37.76 -12.70 18.65
N VAL E 328 37.16 -11.54 18.84
CA VAL E 328 37.36 -10.79 20.07
C VAL E 328 36.79 -11.54 21.28
N LYS E 329 37.42 -11.29 22.42
CA LYS E 329 36.89 -11.72 23.72
C LYS E 329 36.74 -10.45 24.54
N TYR E 330 35.53 -10.06 24.91
CA TYR E 330 35.31 -8.85 25.67
C TYR E 330 35.65 -9.11 27.15
N THR E 331 36.67 -8.45 27.64
CA THR E 331 37.11 -8.61 29.04
C THR E 331 37.96 -7.44 29.45
N THR E 332 37.83 -7.03 30.71
CA THR E 332 38.72 -6.02 31.29
C THR E 332 40.05 -6.64 31.72
N ASP E 333 40.13 -7.97 31.75
CA ASP E 333 41.44 -8.61 32.02
C ASP E 333 42.41 -8.20 30.91
N SER E 334 43.67 -8.19 31.26
N SER E 334 43.67 -8.01 31.28
CA SER E 334 44.67 -7.72 30.33
CA SER E 334 44.69 -7.63 30.31
C SER E 334 45.95 -8.50 30.53
C SER E 334 45.95 -8.46 30.52
N SER E 335 46.63 -8.76 29.41
CA SER E 335 47.94 -9.37 29.43
C SER E 335 48.73 -8.76 28.28
N ILE E 336 49.24 -7.55 28.49
CA ILE E 336 49.80 -6.77 27.40
C ILE E 336 51.28 -7.08 27.33
N SER E 337 51.74 -7.46 26.14
CA SER E 337 53.16 -7.62 25.84
CA SER E 337 53.17 -7.61 25.84
C SER E 337 53.57 -6.66 24.74
N ALA E 338 54.81 -6.21 24.80
CA ALA E 338 55.37 -5.37 23.75
C ALA E 338 55.54 -6.15 22.45
N VAL E 339 55.41 -5.44 21.34
CA VAL E 339 55.62 -5.91 19.98
C VAL E 339 56.66 -4.95 19.38
N VAL F 2 -0.28 -22.24 -12.00
CA VAL F 2 -0.36 -22.09 -13.45
C VAL F 2 -0.79 -20.66 -13.74
N ALA F 4 -1.90 -17.23 -18.14
CA ALA F 4 -3.23 -16.69 -18.54
C ALA F 4 -3.43 -16.78 -20.02
N VAL G 2 -19.04 -13.16 5.01
CA VAL G 2 -19.69 -11.84 5.09
C VAL G 2 -20.22 -11.52 3.70
N ALA G 4 -23.14 -7.55 0.89
CA ALA G 4 -22.60 -6.69 -0.22
C ALA G 4 -23.14 -5.31 -0.17
N VAL H 2 33.26 7.97 6.89
CA VAL H 2 34.23 7.15 6.14
C VAL H 2 35.53 7.98 6.07
N ALA H 4 40.73 7.64 3.85
CA ALA H 4 41.28 8.48 2.75
C ALA H 4 42.21 7.69 1.84
#